data_8T99
# 
_entry.id   8T99 
# 
_audit_conform.dict_name       mmcif_pdbx.dic 
_audit_conform.dict_version    5.386 
_audit_conform.dict_location   http://mmcif.pdb.org/dictionaries/ascii/mmcif_pdbx.dic 
# 
loop_
_database_2.database_id 
_database_2.database_code 
_database_2.pdbx_database_accession 
_database_2.pdbx_DOI 
PDB   8T99         pdb_00008t99 10.2210/pdb8t99/pdb 
WWPDB D_1000275310 ?            ?                   
# 
loop_
_pdbx_audit_revision_history.ordinal 
_pdbx_audit_revision_history.data_content_type 
_pdbx_audit_revision_history.major_revision 
_pdbx_audit_revision_history.minor_revision 
_pdbx_audit_revision_history.revision_date 
1 'Structure model' 1 0 2023-11-15 
2 'Structure model' 1 1 2024-01-24 
3 'Structure model' 1 2 2024-02-14 
# 
_pdbx_audit_revision_details.ordinal             1 
_pdbx_audit_revision_details.revision_ordinal    1 
_pdbx_audit_revision_details.data_content_type   'Structure model' 
_pdbx_audit_revision_details.provider            repository 
_pdbx_audit_revision_details.type                'Initial release' 
_pdbx_audit_revision_details.description         ? 
_pdbx_audit_revision_details.details             ? 
# 
loop_
_pdbx_audit_revision_group.ordinal 
_pdbx_audit_revision_group.revision_ordinal 
_pdbx_audit_revision_group.data_content_type 
_pdbx_audit_revision_group.group 
1 2 'Structure model' 'Database references' 
2 3 'Structure model' 'Database references' 
# 
loop_
_pdbx_audit_revision_category.ordinal 
_pdbx_audit_revision_category.revision_ordinal 
_pdbx_audit_revision_category.data_content_type 
_pdbx_audit_revision_category.category 
1 2 'Structure model' citation        
2 2 'Structure model' citation_author 
3 3 'Structure model' citation        
4 3 'Structure model' citation_author 
# 
loop_
_pdbx_audit_revision_item.ordinal 
_pdbx_audit_revision_item.revision_ordinal 
_pdbx_audit_revision_item.data_content_type 
_pdbx_audit_revision_item.item 
1 2 'Structure model' '_citation.pdbx_database_id_DOI'    
2 2 'Structure model' '_citation.pdbx_database_id_PubMed' 
3 2 'Structure model' '_citation.title'                   
4 2 'Structure model' '_citation.year'                    
5 3 'Structure model' '_citation.journal_volume'          
6 3 'Structure model' '_citation.page_first'              
7 3 'Structure model' '_citation.page_last'               
8 3 'Structure model' '_citation_author.identifier_ORCID' 
# 
_pdbx_database_status.status_code                     REL 
_pdbx_database_status.status_code_sf                  REL 
_pdbx_database_status.status_code_mr                  ? 
_pdbx_database_status.entry_id                        8T99 
_pdbx_database_status.recvd_initial_deposition_date   2023-06-23 
_pdbx_database_status.SG_entry                        N 
_pdbx_database_status.deposit_site                    RCSB 
_pdbx_database_status.process_site                    RCSB 
_pdbx_database_status.status_code_cs                  ? 
_pdbx_database_status.status_code_nmr_data            ? 
_pdbx_database_status.methods_development_category    ? 
_pdbx_database_status.pdb_format_compatible           Y 
# 
loop_
_pdbx_contact_author.id 
_pdbx_contact_author.email 
_pdbx_contact_author.name_first 
_pdbx_contact_author.name_last 
_pdbx_contact_author.name_mi 
_pdbx_contact_author.role 
_pdbx_contact_author.identifier_ORCID 
2 huanchen.wang@nih.gov Huanchen Wang   ? 'principal investigator/group leader' 0000-0003-2701-7155 
3 shears@niehs.nih.gov  Stephen  Shears B 'principal investigator/group leader' 0000-0001-7309-8916 
# 
loop_
_audit_author.name 
_audit_author.pdbx_ordinal 
_audit_author.identifier_ORCID 
'Zong, G.'     1 0000-0001-6019-5741 
'Wang, H.'     2 0000-0003-2701-7155 
'Shears, S.B.' 3 0000-0001-7309-8916 
# 
_citation.abstract                  ? 
_citation.abstract_id_CAS           ? 
_citation.book_id_ISBN              ? 
_citation.book_publisher            ? 
_citation.book_publisher_city       ? 
_citation.book_title                ? 
_citation.coordinate_linkage        ? 
_citation.country                   UK 
_citation.database_id_Medline       ? 
_citation.details                   ? 
_citation.id                        primary 
_citation.journal_abbrev            'Embo J.' 
_citation.journal_id_ASTM           EMJODG 
_citation.journal_id_CSD            0897 
_citation.journal_id_ISSN           1460-2075 
_citation.journal_full              ? 
_citation.journal_issue             ? 
_citation.journal_volume            43 
_citation.language                  ? 
_citation.page_first                462 
_citation.page_last                 480 
_citation.title                     
'Biochemical and structural characterization of an inositol pyrophosphate kinase from a giant virus.' 
_citation.year                      2024 
_citation.database_id_CSD           ? 
_citation.pdbx_database_id_DOI      10.1038/s44318-023-00005-0 
_citation.pdbx_database_id_PubMed   38216735 
_citation.pdbx_database_id_patent   ? 
_citation.unpublished_flag          ? 
# 
loop_
_citation_author.citation_id 
_citation_author.name 
_citation_author.ordinal 
_citation_author.identifier_ORCID 
primary 'Zong, G.'           1 ? 
primary 'Desfougeres, Y.'    2 ? 
primary 'Portela-Torres, P.' 3 ? 
primary 'Kwon, Y.U.'         4 ? 
primary 'Saiardi, A.'        5 ? 
primary 'Shears, S.B.'       6 ? 
primary 'Wang, H.'           7 ? 
# 
loop_
_entity.id 
_entity.type 
_entity.src_method 
_entity.pdbx_description 
_entity.formula_weight 
_entity.pdbx_number_of_molecules 
_entity.pdbx_ec 
_entity.pdbx_mutation 
_entity.pdbx_fragment 
_entity.details 
1 polymer     man 'Diphosphoinositol polyphosphate phosphohydrolase 1'                                                         
17115.367 1   3.6.1.52,3.6.1.- ? ? ? 
2 non-polymer syn '(1R,2S,3S,4R,5S,6S)-2,3-dihydroxy-5,6-bis(phosphonooxy)cyclohexane-1,4-diyl bis[trihydrogen (diphosphate)]' 
660.035   1   ?                ? ? ? 
3 non-polymer syn 'MAGNESIUM ION'                                                                                              
24.305    3   ?                ? ? ? 
4 non-polymer syn 'CHLORIDE ION'                                                                                               
35.453    2   ?                ? ? ? 
5 non-polymer syn 'FLUORIDE ION'                                                                                               
18.998    1   ?                ? ? ? 
6 water       nat water                                                                                                        
18.015    207 ?                ? ? ? 
# 
_entity_name_com.entity_id   1 
_entity_name_com.name        
;DIPP-1,Diadenosine 5',5'''-P1,P6-hexaphosphate hydrolase 1,Nucleoside diphosphate-linked moiety X motif 3,Nudix motif 3
;
# 
_entity_poly.entity_id                      1 
_entity_poly.type                           'polypeptide(L)' 
_entity_poly.nstd_linkage                   no 
_entity_poly.nstd_monomer                   no 
_entity_poly.pdbx_seq_one_letter_code       
;MMKLKSNQTRTYDGDGYKKRAACLCFRSESEEEVLLVSSSRHPDRWIVPGGGMEPEEEPSVAAVREVCEEAGVKGTLGRL
VGIFENQERKHRTYVYVLIVTEVLEDWEDSVNIGRKREWFKIEDAIKVLQYHKPVQASYFETLRQGYS
;
_entity_poly.pdbx_seq_one_letter_code_can   
;MMKLKSNQTRTYDGDGYKKRAACLCFRSESEEEVLLVSSSRHPDRWIVPGGGMEPEEEPSVAAVREVCEEAGVKGTLGRL
VGIFENQERKHRTYVYVLIVTEVLEDWEDSVNIGRKREWFKIEDAIKVLQYHKPVQASYFETLRQGYS
;
_entity_poly.pdbx_strand_id                 A 
_entity_poly.pdbx_target_identifier         ? 
# 
loop_
_pdbx_entity_nonpoly.entity_id 
_pdbx_entity_nonpoly.name 
_pdbx_entity_nonpoly.comp_id 
2 '(1R,2S,3S,4R,5S,6S)-2,3-dihydroxy-5,6-bis(phosphonooxy)cyclohexane-1,4-diyl bis[trihydrogen (diphosphate)]' ZOW 
3 'MAGNESIUM ION'                                                                                              MG  
4 'CHLORIDE ION'                                                                                               CL  
5 'FLUORIDE ION'                                                                                               F   
6 water                                                                                                        HOH 
# 
loop_
_entity_poly_seq.entity_id 
_entity_poly_seq.num 
_entity_poly_seq.mon_id 
_entity_poly_seq.hetero 
1 1   MET n 
1 2   MET n 
1 3   LYS n 
1 4   LEU n 
1 5   LYS n 
1 6   SER n 
1 7   ASN n 
1 8   GLN n 
1 9   THR n 
1 10  ARG n 
1 11  THR n 
1 12  TYR n 
1 13  ASP n 
1 14  GLY n 
1 15  ASP n 
1 16  GLY n 
1 17  TYR n 
1 18  LYS n 
1 19  LYS n 
1 20  ARG n 
1 21  ALA n 
1 22  ALA n 
1 23  CYS n 
1 24  LEU n 
1 25  CYS n 
1 26  PHE n 
1 27  ARG n 
1 28  SER n 
1 29  GLU n 
1 30  SER n 
1 31  GLU n 
1 32  GLU n 
1 33  GLU n 
1 34  VAL n 
1 35  LEU n 
1 36  LEU n 
1 37  VAL n 
1 38  SER n 
1 39  SER n 
1 40  SER n 
1 41  ARG n 
1 42  HIS n 
1 43  PRO n 
1 44  ASP n 
1 45  ARG n 
1 46  TRP n 
1 47  ILE n 
1 48  VAL n 
1 49  PRO n 
1 50  GLY n 
1 51  GLY n 
1 52  GLY n 
1 53  MET n 
1 54  GLU n 
1 55  PRO n 
1 56  GLU n 
1 57  GLU n 
1 58  GLU n 
1 59  PRO n 
1 60  SER n 
1 61  VAL n 
1 62  ALA n 
1 63  ALA n 
1 64  VAL n 
1 65  ARG n 
1 66  GLU n 
1 67  VAL n 
1 68  CYS n 
1 69  GLU n 
1 70  GLU n 
1 71  ALA n 
1 72  GLY n 
1 73  VAL n 
1 74  LYS n 
1 75  GLY n 
1 76  THR n 
1 77  LEU n 
1 78  GLY n 
1 79  ARG n 
1 80  LEU n 
1 81  VAL n 
1 82  GLY n 
1 83  ILE n 
1 84  PHE n 
1 85  GLU n 
1 86  ASN n 
1 87  GLN n 
1 88  GLU n 
1 89  ARG n 
1 90  LYS n 
1 91  HIS n 
1 92  ARG n 
1 93  THR n 
1 94  TYR n 
1 95  VAL n 
1 96  TYR n 
1 97  VAL n 
1 98  LEU n 
1 99  ILE n 
1 100 VAL n 
1 101 THR n 
1 102 GLU n 
1 103 VAL n 
1 104 LEU n 
1 105 GLU n 
1 106 ASP n 
1 107 TRP n 
1 108 GLU n 
1 109 ASP n 
1 110 SER n 
1 111 VAL n 
1 112 ASN n 
1 113 ILE n 
1 114 GLY n 
1 115 ARG n 
1 116 LYS n 
1 117 ARG n 
1 118 GLU n 
1 119 TRP n 
1 120 PHE n 
1 121 LYS n 
1 122 ILE n 
1 123 GLU n 
1 124 ASP n 
1 125 ALA n 
1 126 ILE n 
1 127 LYS n 
1 128 VAL n 
1 129 LEU n 
1 130 GLN n 
1 131 TYR n 
1 132 HIS n 
1 133 LYS n 
1 134 PRO n 
1 135 VAL n 
1 136 GLN n 
1 137 ALA n 
1 138 SER n 
1 139 TYR n 
1 140 PHE n 
1 141 GLU n 
1 142 THR n 
1 143 LEU n 
1 144 ARG n 
1 145 GLN n 
1 146 GLY n 
1 147 TYR n 
1 148 SER n 
# 
_entity_src_gen.entity_id                          1 
_entity_src_gen.pdbx_src_id                        1 
_entity_src_gen.pdbx_alt_source_flag               sample 
_entity_src_gen.pdbx_seq_type                      'Biological sequence' 
_entity_src_gen.pdbx_beg_seq_num                   1 
_entity_src_gen.pdbx_end_seq_num                   148 
_entity_src_gen.gene_src_common_name               human 
_entity_src_gen.gene_src_genus                     ? 
_entity_src_gen.pdbx_gene_src_gene                 'NUDT3, DIPP, DIPP1' 
_entity_src_gen.gene_src_species                   ? 
_entity_src_gen.gene_src_strain                    ? 
_entity_src_gen.gene_src_tissue                    ? 
_entity_src_gen.gene_src_tissue_fraction           ? 
_entity_src_gen.gene_src_details                   ? 
_entity_src_gen.pdbx_gene_src_fragment             ? 
_entity_src_gen.pdbx_gene_src_scientific_name      'Homo sapiens' 
_entity_src_gen.pdbx_gene_src_ncbi_taxonomy_id     9606 
_entity_src_gen.pdbx_gene_src_variant              ? 
_entity_src_gen.pdbx_gene_src_cell_line            ? 
_entity_src_gen.pdbx_gene_src_atcc                 ? 
_entity_src_gen.pdbx_gene_src_organ                ? 
_entity_src_gen.pdbx_gene_src_organelle            ? 
_entity_src_gen.pdbx_gene_src_cell                 ? 
_entity_src_gen.pdbx_gene_src_cellular_location    ? 
_entity_src_gen.host_org_common_name               ? 
_entity_src_gen.pdbx_host_org_scientific_name      'Escherichia coli' 
_entity_src_gen.pdbx_host_org_ncbi_taxonomy_id     562 
_entity_src_gen.host_org_genus                     ? 
_entity_src_gen.pdbx_host_org_gene                 ? 
_entity_src_gen.pdbx_host_org_organ                ? 
_entity_src_gen.host_org_species                   ? 
_entity_src_gen.pdbx_host_org_tissue               ? 
_entity_src_gen.pdbx_host_org_tissue_fraction      ? 
_entity_src_gen.pdbx_host_org_strain               ? 
_entity_src_gen.pdbx_host_org_variant              ? 
_entity_src_gen.pdbx_host_org_cell_line            ? 
_entity_src_gen.pdbx_host_org_atcc                 ? 
_entity_src_gen.pdbx_host_org_culture_collection   ? 
_entity_src_gen.pdbx_host_org_cell                 ? 
_entity_src_gen.pdbx_host_org_organelle            ? 
_entity_src_gen.pdbx_host_org_cellular_location    ? 
_entity_src_gen.pdbx_host_org_vector_type          ? 
_entity_src_gen.pdbx_host_org_vector               ? 
_entity_src_gen.host_org_details                   ? 
_entity_src_gen.expression_system_id               ? 
_entity_src_gen.plasmid_name                       ? 
_entity_src_gen.plasmid_details                    ? 
_entity_src_gen.pdbx_description                   ? 
# 
loop_
_chem_comp.id 
_chem_comp.type 
_chem_comp.mon_nstd_flag 
_chem_comp.name 
_chem_comp.pdbx_synonyms 
_chem_comp.formula 
_chem_comp.formula_weight 
ALA 'L-peptide linking' y ALANINE ? 'C3 H7 N O2'     89.093  
ARG 'L-peptide linking' y ARGININE ? 'C6 H15 N4 O2 1' 175.209 
ASN 'L-peptide linking' y ASPARAGINE ? 'C4 H8 N2 O3'    132.118 
ASP 'L-peptide linking' y 'ASPARTIC ACID' ? 'C4 H7 N O4'     133.103 
CL  non-polymer         . 'CHLORIDE ION' ? 'Cl -1'          35.453  
CYS 'L-peptide linking' y CYSTEINE ? 'C3 H7 N O2 S'   121.158 
F   non-polymer         . 'FLUORIDE ION' ? 'F -1'           18.998  
GLN 'L-peptide linking' y GLUTAMINE ? 'C5 H10 N2 O3'   146.144 
GLU 'L-peptide linking' y 'GLUTAMIC ACID' ? 'C5 H9 N O4'     147.129 
GLY 'peptide linking'   y GLYCINE ? 'C2 H5 N O2'     75.067  
HIS 'L-peptide linking' y HISTIDINE ? 'C6 H10 N3 O2 1' 156.162 
HOH non-polymer         . WATER ? 'H2 O'           18.015  
ILE 'L-peptide linking' y ISOLEUCINE ? 'C6 H13 N O2'    131.173 
LEU 'L-peptide linking' y LEUCINE ? 'C6 H13 N O2'    131.173 
LYS 'L-peptide linking' y LYSINE ? 'C6 H15 N2 O2 1' 147.195 
MET 'L-peptide linking' y METHIONINE ? 'C5 H11 N O2 S'  149.211 
MG  non-polymer         . 'MAGNESIUM ION' ? 'Mg 2'           24.305  
PHE 'L-peptide linking' y PHENYLALANINE ? 'C9 H11 N O2'    165.189 
PRO 'L-peptide linking' y PROLINE ? 'C5 H9 N O2'     115.130 
SER 'L-peptide linking' y SERINE ? 'C3 H7 N O3'     105.093 
THR 'L-peptide linking' y THREONINE ? 'C4 H9 N O3'     119.119 
TRP 'L-peptide linking' y TRYPTOPHAN ? 'C11 H12 N2 O2'  204.225 
TYR 'L-peptide linking' y TYROSINE ? 'C9 H11 N O3'    181.189 
VAL 'L-peptide linking' y VALINE ? 'C5 H11 N O2'    117.146 
ZOW non-polymer         . 
'(1R,2S,3S,4R,5S,6S)-2,3-dihydroxy-5,6-bis(phosphonooxy)cyclohexane-1,4-diyl bis[trihydrogen (diphosphate)]' ? 'C6 H18 O24 P6'  
660.035 
# 
loop_
_pdbx_poly_seq_scheme.asym_id 
_pdbx_poly_seq_scheme.entity_id 
_pdbx_poly_seq_scheme.seq_id 
_pdbx_poly_seq_scheme.mon_id 
_pdbx_poly_seq_scheme.ndb_seq_num 
_pdbx_poly_seq_scheme.pdb_seq_num 
_pdbx_poly_seq_scheme.auth_seq_num 
_pdbx_poly_seq_scheme.pdb_mon_id 
_pdbx_poly_seq_scheme.auth_mon_id 
_pdbx_poly_seq_scheme.pdb_strand_id 
_pdbx_poly_seq_scheme.pdb_ins_code 
_pdbx_poly_seq_scheme.hetero 
A 1 1   MET 1   1   ?   ?   ?   A . n 
A 1 2   MET 2   2   ?   ?   ?   A . n 
A 1 3   LYS 3   3   ?   ?   ?   A . n 
A 1 4   LEU 4   4   ?   ?   ?   A . n 
A 1 5   LYS 5   5   ?   ?   ?   A . n 
A 1 6   SER 6   6   ?   ?   ?   A . n 
A 1 7   ASN 7   7   ?   ?   ?   A . n 
A 1 8   GLN 8   8   8   GLN GLN A . n 
A 1 9   THR 9   9   9   THR THR A . n 
A 1 10  ARG 10  10  10  ARG ARG A . n 
A 1 11  THR 11  11  11  THR THR A . n 
A 1 12  TYR 12  12  12  TYR TYR A . n 
A 1 13  ASP 13  13  13  ASP ASP A . n 
A 1 14  GLY 14  14  14  GLY GLY A . n 
A 1 15  ASP 15  15  15  ASP ASP A . n 
A 1 16  GLY 16  16  16  GLY GLY A . n 
A 1 17  TYR 17  17  17  TYR TYR A . n 
A 1 18  LYS 18  18  18  LYS LYS A . n 
A 1 19  LYS 19  19  19  LYS LYS A . n 
A 1 20  ARG 20  20  20  ARG ARG A . n 
A 1 21  ALA 21  21  21  ALA ALA A . n 
A 1 22  ALA 22  22  22  ALA ALA A . n 
A 1 23  CYS 23  23  23  CYS CYS A . n 
A 1 24  LEU 24  24  24  LEU LEU A . n 
A 1 25  CYS 25  25  25  CYS CYS A . n 
A 1 26  PHE 26  26  26  PHE PHE A . n 
A 1 27  ARG 27  27  27  ARG ARG A . n 
A 1 28  SER 28  28  28  SER SER A . n 
A 1 29  GLU 29  29  29  GLU GLU A . n 
A 1 30  SER 30  30  30  SER SER A . n 
A 1 31  GLU 31  31  31  GLU GLU A . n 
A 1 32  GLU 32  32  32  GLU GLU A . n 
A 1 33  GLU 33  33  33  GLU GLU A . n 
A 1 34  VAL 34  34  34  VAL VAL A . n 
A 1 35  LEU 35  35  35  LEU LEU A . n 
A 1 36  LEU 36  36  36  LEU LEU A . n 
A 1 37  VAL 37  37  37  VAL VAL A . n 
A 1 38  SER 38  38  38  SER SER A . n 
A 1 39  SER 39  39  39  SER SER A . n 
A 1 40  SER 40  40  40  SER SER A . n 
A 1 41  ARG 41  41  41  ARG ARG A . n 
A 1 42  HIS 42  42  42  HIS HIS A . n 
A 1 43  PRO 43  43  43  PRO PRO A . n 
A 1 44  ASP 44  44  44  ASP ASP A . n 
A 1 45  ARG 45  45  45  ARG ARG A . n 
A 1 46  TRP 46  46  46  TRP TRP A . n 
A 1 47  ILE 47  47  47  ILE ILE A . n 
A 1 48  VAL 48  48  48  VAL VAL A . n 
A 1 49  PRO 49  49  49  PRO PRO A . n 
A 1 50  GLY 50  50  50  GLY GLY A . n 
A 1 51  GLY 51  51  51  GLY GLY A . n 
A 1 52  GLY 52  52  52  GLY GLY A . n 
A 1 53  MET 53  53  53  MET MET A . n 
A 1 54  GLU 54  54  54  GLU GLU A . n 
A 1 55  PRO 55  55  55  PRO PRO A . n 
A 1 56  GLU 56  56  56  GLU GLU A . n 
A 1 57  GLU 57  57  57  GLU GLU A . n 
A 1 58  GLU 58  58  58  GLU GLU A . n 
A 1 59  PRO 59  59  59  PRO PRO A . n 
A 1 60  SER 60  60  60  SER SER A . n 
A 1 61  VAL 61  61  61  VAL VAL A . n 
A 1 62  ALA 62  62  62  ALA ALA A . n 
A 1 63  ALA 63  63  63  ALA ALA A . n 
A 1 64  VAL 64  64  64  VAL VAL A . n 
A 1 65  ARG 65  65  65  ARG ARG A . n 
A 1 66  GLU 66  66  66  GLU GLU A . n 
A 1 67  VAL 67  67  67  VAL VAL A . n 
A 1 68  CYS 68  68  68  CYS CYS A . n 
A 1 69  GLU 69  69  69  GLU GLU A . n 
A 1 70  GLU 70  70  70  GLU GLU A . n 
A 1 71  ALA 71  71  71  ALA ALA A . n 
A 1 72  GLY 72  72  72  GLY GLY A . n 
A 1 73  VAL 73  73  73  VAL VAL A . n 
A 1 74  LYS 74  74  74  LYS LYS A . n 
A 1 75  GLY 75  75  75  GLY GLY A . n 
A 1 76  THR 76  76  76  THR THR A . n 
A 1 77  LEU 77  77  77  LEU LEU A . n 
A 1 78  GLY 78  78  78  GLY GLY A . n 
A 1 79  ARG 79  79  79  ARG ARG A . n 
A 1 80  LEU 80  80  80  LEU LEU A . n 
A 1 81  VAL 81  81  81  VAL VAL A . n 
A 1 82  GLY 82  82  82  GLY GLY A . n 
A 1 83  ILE 83  83  83  ILE ILE A . n 
A 1 84  PHE 84  84  84  PHE PHE A . n 
A 1 85  GLU 85  85  85  GLU GLU A . n 
A 1 86  ASN 86  86  86  ASN ASN A . n 
A 1 87  GLN 87  87  87  GLN GLN A . n 
A 1 88  GLU 88  88  88  GLU GLU A . n 
A 1 89  ARG 89  89  89  ARG ARG A . n 
A 1 90  LYS 90  90  90  LYS LYS A . n 
A 1 91  HIS 91  91  91  HIS HIS A . n 
A 1 92  ARG 92  92  92  ARG ARG A . n 
A 1 93  THR 93  93  93  THR THR A . n 
A 1 94  TYR 94  94  94  TYR TYR A . n 
A 1 95  VAL 95  95  95  VAL VAL A . n 
A 1 96  TYR 96  96  96  TYR TYR A . n 
A 1 97  VAL 97  97  97  VAL VAL A . n 
A 1 98  LEU 98  98  98  LEU LEU A . n 
A 1 99  ILE 99  99  99  ILE ILE A . n 
A 1 100 VAL 100 100 100 VAL VAL A . n 
A 1 101 THR 101 101 101 THR THR A . n 
A 1 102 GLU 102 102 102 GLU GLU A . n 
A 1 103 VAL 103 103 103 VAL VAL A . n 
A 1 104 LEU 104 104 104 LEU LEU A . n 
A 1 105 GLU 105 105 105 GLU GLU A . n 
A 1 106 ASP 106 106 106 ASP ASP A . n 
A 1 107 TRP 107 107 107 TRP TRP A . n 
A 1 108 GLU 108 108 108 GLU GLU A . n 
A 1 109 ASP 109 109 109 ASP ASP A . n 
A 1 110 SER 110 110 110 SER SER A . n 
A 1 111 VAL 111 111 111 VAL VAL A . n 
A 1 112 ASN 112 112 112 ASN ASN A . n 
A 1 113 ILE 113 113 113 ILE ILE A . n 
A 1 114 GLY 114 114 114 GLY GLY A . n 
A 1 115 ARG 115 115 115 ARG ARG A . n 
A 1 116 LYS 116 116 116 LYS LYS A . n 
A 1 117 ARG 117 117 117 ARG ARG A . n 
A 1 118 GLU 118 118 118 GLU GLU A . n 
A 1 119 TRP 119 119 119 TRP TRP A . n 
A 1 120 PHE 120 120 120 PHE PHE A . n 
A 1 121 LYS 121 121 121 LYS LYS A . n 
A 1 122 ILE 122 122 122 ILE ILE A . n 
A 1 123 GLU 123 123 123 GLU GLU A . n 
A 1 124 ASP 124 124 124 ASP ASP A . n 
A 1 125 ALA 125 125 125 ALA ALA A . n 
A 1 126 ILE 126 126 126 ILE ILE A . n 
A 1 127 LYS 127 127 127 LYS LYS A . n 
A 1 128 VAL 128 128 128 VAL VAL A . n 
A 1 129 LEU 129 129 129 LEU LEU A . n 
A 1 130 GLN 130 130 130 GLN GLN A . n 
A 1 131 TYR 131 131 131 TYR TYR A . n 
A 1 132 HIS 132 132 132 HIS HIS A . n 
A 1 133 LYS 133 133 133 LYS LYS A . n 
A 1 134 PRO 134 134 134 PRO PRO A . n 
A 1 135 VAL 135 135 135 VAL VAL A . n 
A 1 136 GLN 136 136 136 GLN GLN A . n 
A 1 137 ALA 137 137 137 ALA ALA A . n 
A 1 138 SER 138 138 138 SER SER A . n 
A 1 139 TYR 139 139 139 TYR TYR A . n 
A 1 140 PHE 140 140 140 PHE PHE A . n 
A 1 141 GLU 141 141 141 GLU GLU A . n 
A 1 142 THR 142 142 142 THR THR A . n 
A 1 143 LEU 143 143 ?   ?   ?   A . n 
A 1 144 ARG 144 144 ?   ?   ?   A . n 
A 1 145 GLN 145 145 ?   ?   ?   A . n 
A 1 146 GLY 146 146 ?   ?   ?   A . n 
A 1 147 TYR 147 147 ?   ?   ?   A . n 
A 1 148 SER 148 148 ?   ?   ?   A . n 
# 
loop_
_pdbx_nonpoly_scheme.asym_id 
_pdbx_nonpoly_scheme.entity_id 
_pdbx_nonpoly_scheme.mon_id 
_pdbx_nonpoly_scheme.ndb_seq_num 
_pdbx_nonpoly_scheme.pdb_seq_num 
_pdbx_nonpoly_scheme.auth_seq_num 
_pdbx_nonpoly_scheme.pdb_mon_id 
_pdbx_nonpoly_scheme.auth_mon_id 
_pdbx_nonpoly_scheme.pdb_strand_id 
_pdbx_nonpoly_scheme.pdb_ins_code 
B 2 ZOW 1   401 401 ZOW SP2 A . 
C 3 MG  1   402 501 MG  MG  A . 
D 3 MG  1   403 502 MG  MG  A . 
E 3 MG  1   404 503 MG  MG  A . 
F 4 CL  1   405 601 CL  CL  A . 
G 4 CL  1   406 602 CL  CL  A . 
H 5 F   1   407 801 F   F   A . 
I 6 HOH 1   501 81  HOH HOH A . 
I 6 HOH 2   502 111 HOH HOH A . 
I 6 HOH 3   503 93  HOH HOH A . 
I 6 HOH 4   504 53  HOH HOH A . 
I 6 HOH 5   505 157 HOH HOH A . 
I 6 HOH 6   506 169 HOH HOH A . 
I 6 HOH 7   507 181 HOH HOH A . 
I 6 HOH 8   508 187 HOH HOH A . 
I 6 HOH 9   509 158 HOH HOH A . 
I 6 HOH 10  510 194 HOH HOH A . 
I 6 HOH 11  511 54  HOH HOH A . 
I 6 HOH 12  512 165 HOH HOH A . 
I 6 HOH 13  513 170 HOH HOH A . 
I 6 HOH 14  514 73  HOH HOH A . 
I 6 HOH 15  515 161 HOH HOH A . 
I 6 HOH 16  516 66  HOH HOH A . 
I 6 HOH 17  517 164 HOH HOH A . 
I 6 HOH 18  518 133 HOH HOH A . 
I 6 HOH 19  519 64  HOH HOH A . 
I 6 HOH 20  520 130 HOH HOH A . 
I 6 HOH 21  521 167 HOH HOH A . 
I 6 HOH 22  522 46  HOH HOH A . 
I 6 HOH 23  523 189 HOH HOH A . 
I 6 HOH 24  524 34  HOH HOH A . 
I 6 HOH 25  525 168 HOH HOH A . 
I 6 HOH 26  526 180 HOH HOH A . 
I 6 HOH 27  527 24  HOH HOH A . 
I 6 HOH 28  528 173 HOH HOH A . 
I 6 HOH 29  529 102 HOH HOH A . 
I 6 HOH 30  530 71  HOH HOH A . 
I 6 HOH 31  531 8   HOH HOH A . 
I 6 HOH 32  532 76  HOH HOH A . 
I 6 HOH 33  533 139 HOH HOH A . 
I 6 HOH 34  534 186 HOH HOH A . 
I 6 HOH 35  535 96  HOH HOH A . 
I 6 HOH 36  536 78  HOH HOH A . 
I 6 HOH 37  537 207 HOH HOH A . 
I 6 HOH 38  538 141 HOH HOH A . 
I 6 HOH 39  539 5   HOH HOH A . 
I 6 HOH 40  540 31  HOH HOH A . 
I 6 HOH 41  541 155 HOH HOH A . 
I 6 HOH 42  542 52  HOH HOH A . 
I 6 HOH 43  543 22  HOH HOH A . 
I 6 HOH 44  544 94  HOH HOH A . 
I 6 HOH 45  545 136 HOH HOH A . 
I 6 HOH 46  546 162 HOH HOH A . 
I 6 HOH 47  547 92  HOH HOH A . 
I 6 HOH 48  548 101 HOH HOH A . 
I 6 HOH 49  549 198 HOH HOH A . 
I 6 HOH 50  550 23  HOH HOH A . 
I 6 HOH 51  551 11  HOH HOH A . 
I 6 HOH 52  552 106 HOH HOH A . 
I 6 HOH 53  553 150 HOH HOH A . 
I 6 HOH 54  554 179 HOH HOH A . 
I 6 HOH 55  555 113 HOH HOH A . 
I 6 HOH 56  556 159 HOH HOH A . 
I 6 HOH 57  557 79  HOH HOH A . 
I 6 HOH 58  558 1   HOH HOH A . 
I 6 HOH 59  559 172 HOH HOH A . 
I 6 HOH 60  560 178 HOH HOH A . 
I 6 HOH 61  561 108 HOH HOH A . 
I 6 HOH 62  562 49  HOH HOH A . 
I 6 HOH 63  563 3   HOH HOH A . 
I 6 HOH 64  564 109 HOH HOH A . 
I 6 HOH 65  565 142 HOH HOH A . 
I 6 HOH 66  566 38  HOH HOH A . 
I 6 HOH 67  567 128 HOH HOH A . 
I 6 HOH 68  568 89  HOH HOH A . 
I 6 HOH 69  569 14  HOH HOH A . 
I 6 HOH 70  570 56  HOH HOH A . 
I 6 HOH 71  571 118 HOH HOH A . 
I 6 HOH 72  572 99  HOH HOH A . 
I 6 HOH 73  573 57  HOH HOH A . 
I 6 HOH 74  574 26  HOH HOH A . 
I 6 HOH 75  575 29  HOH HOH A . 
I 6 HOH 76  576 107 HOH HOH A . 
I 6 HOH 77  577 45  HOH HOH A . 
I 6 HOH 78  578 16  HOH HOH A . 
I 6 HOH 79  579 9   HOH HOH A . 
I 6 HOH 80  580 2   HOH HOH A . 
I 6 HOH 81  581 6   HOH HOH A . 
I 6 HOH 82  582 19  HOH HOH A . 
I 6 HOH 83  583 154 HOH HOH A . 
I 6 HOH 84  584 110 HOH HOH A . 
I 6 HOH 85  585 77  HOH HOH A . 
I 6 HOH 86  586 20  HOH HOH A . 
I 6 HOH 87  587 131 HOH HOH A . 
I 6 HOH 88  588 50  HOH HOH A . 
I 6 HOH 89  589 83  HOH HOH A . 
I 6 HOH 90  590 60  HOH HOH A . 
I 6 HOH 91  591 151 HOH HOH A . 
I 6 HOH 92  592 143 HOH HOH A . 
I 6 HOH 93  593 17  HOH HOH A . 
I 6 HOH 94  594 69  HOH HOH A . 
I 6 HOH 95  595 12  HOH HOH A . 
I 6 HOH 96  596 4   HOH HOH A . 
I 6 HOH 97  597 156 HOH HOH A . 
I 6 HOH 98  598 10  HOH HOH A . 
I 6 HOH 99  599 15  HOH HOH A . 
I 6 HOH 100 600 117 HOH HOH A . 
I 6 HOH 101 601 137 HOH HOH A . 
I 6 HOH 102 602 72  HOH HOH A . 
I 6 HOH 103 603 67  HOH HOH A . 
I 6 HOH 104 604 39  HOH HOH A . 
I 6 HOH 105 605 153 HOH HOH A . 
I 6 HOH 106 606 68  HOH HOH A . 
I 6 HOH 107 607 70  HOH HOH A . 
I 6 HOH 108 608 65  HOH HOH A . 
I 6 HOH 109 609 30  HOH HOH A . 
I 6 HOH 110 610 47  HOH HOH A . 
I 6 HOH 111 611 59  HOH HOH A . 
I 6 HOH 112 612 135 HOH HOH A . 
I 6 HOH 113 613 51  HOH HOH A . 
I 6 HOH 114 614 146 HOH HOH A . 
I 6 HOH 115 615 199 HOH HOH A . 
I 6 HOH 116 616 160 HOH HOH A . 
I 6 HOH 117 617 97  HOH HOH A . 
I 6 HOH 118 618 28  HOH HOH A . 
I 6 HOH 119 619 145 HOH HOH A . 
I 6 HOH 120 620 48  HOH HOH A . 
I 6 HOH 121 621 75  HOH HOH A . 
I 6 HOH 122 622 7   HOH HOH A . 
I 6 HOH 123 623 105 HOH HOH A . 
I 6 HOH 124 624 112 HOH HOH A . 
I 6 HOH 125 625 37  HOH HOH A . 
I 6 HOH 126 626 98  HOH HOH A . 
I 6 HOH 127 627 144 HOH HOH A . 
I 6 HOH 128 628 115 HOH HOH A . 
I 6 HOH 129 629 87  HOH HOH A . 
I 6 HOH 130 630 197 HOH HOH A . 
I 6 HOH 131 631 18  HOH HOH A . 
I 6 HOH 132 632 103 HOH HOH A . 
I 6 HOH 133 633 25  HOH HOH A . 
I 6 HOH 134 634 125 HOH HOH A . 
I 6 HOH 135 635 44  HOH HOH A . 
I 6 HOH 136 636 206 HOH HOH A . 
I 6 HOH 137 637 40  HOH HOH A . 
I 6 HOH 138 638 13  HOH HOH A . 
I 6 HOH 139 639 21  HOH HOH A . 
I 6 HOH 140 640 27  HOH HOH A . 
I 6 HOH 141 641 129 HOH HOH A . 
I 6 HOH 142 642 32  HOH HOH A . 
I 6 HOH 143 643 140 HOH HOH A . 
I 6 HOH 144 644 148 HOH HOH A . 
I 6 HOH 145 645 80  HOH HOH A . 
I 6 HOH 146 646 85  HOH HOH A . 
I 6 HOH 147 647 95  HOH HOH A . 
I 6 HOH 148 648 82  HOH HOH A . 
I 6 HOH 149 649 195 HOH HOH A . 
I 6 HOH 150 650 175 HOH HOH A . 
I 6 HOH 151 651 188 HOH HOH A . 
I 6 HOH 152 652 43  HOH HOH A . 
I 6 HOH 153 653 100 HOH HOH A . 
I 6 HOH 154 654 74  HOH HOH A . 
I 6 HOH 155 655 192 HOH HOH A . 
I 6 HOH 156 656 183 HOH HOH A . 
I 6 HOH 157 657 124 HOH HOH A . 
I 6 HOH 158 658 132 HOH HOH A . 
I 6 HOH 159 659 190 HOH HOH A . 
I 6 HOH 160 660 147 HOH HOH A . 
I 6 HOH 161 661 193 HOH HOH A . 
I 6 HOH 162 662 121 HOH HOH A . 
I 6 HOH 163 663 177 HOH HOH A . 
I 6 HOH 164 664 184 HOH HOH A . 
I 6 HOH 165 665 41  HOH HOH A . 
I 6 HOH 166 666 185 HOH HOH A . 
I 6 HOH 167 667 42  HOH HOH A . 
I 6 HOH 168 668 174 HOH HOH A . 
I 6 HOH 169 669 149 HOH HOH A . 
I 6 HOH 170 670 88  HOH HOH A . 
I 6 HOH 171 671 163 HOH HOH A . 
I 6 HOH 172 672 205 HOH HOH A . 
I 6 HOH 173 673 182 HOH HOH A . 
I 6 HOH 174 674 114 HOH HOH A . 
I 6 HOH 175 675 104 HOH HOH A . 
I 6 HOH 176 676 196 HOH HOH A . 
I 6 HOH 177 677 63  HOH HOH A . 
I 6 HOH 178 678 120 HOH HOH A . 
I 6 HOH 179 679 138 HOH HOH A . 
I 6 HOH 180 680 134 HOH HOH A . 
I 6 HOH 181 681 127 HOH HOH A . 
I 6 HOH 182 682 90  HOH HOH A . 
I 6 HOH 183 683 123 HOH HOH A . 
I 6 HOH 184 684 86  HOH HOH A . 
I 6 HOH 185 685 33  HOH HOH A . 
I 6 HOH 186 686 91  HOH HOH A . 
I 6 HOH 187 687 122 HOH HOH A . 
I 6 HOH 188 688 35  HOH HOH A . 
I 6 HOH 189 689 58  HOH HOH A . 
I 6 HOH 190 690 61  HOH HOH A . 
I 6 HOH 191 691 36  HOH HOH A . 
I 6 HOH 192 692 119 HOH HOH A . 
I 6 HOH 193 693 152 HOH HOH A . 
I 6 HOH 194 694 171 HOH HOH A . 
I 6 HOH 195 695 116 HOH HOH A . 
I 6 HOH 196 696 126 HOH HOH A . 
I 6 HOH 197 697 84  HOH HOH A . 
I 6 HOH 198 698 191 HOH HOH A . 
I 6 HOH 199 699 176 HOH HOH A . 
I 6 HOH 200 700 166 HOH HOH A . 
I 6 HOH 201 701 55  HOH HOH A . 
I 6 HOH 202 702 204 HOH HOH A . 
I 6 HOH 203 703 200 HOH HOH A . 
I 6 HOH 204 704 62  HOH HOH A . 
I 6 HOH 205 705 203 HOH HOH A . 
I 6 HOH 206 706 202 HOH HOH A . 
I 6 HOH 207 707 201 HOH HOH A . 
# 
loop_
_software.citation_id 
_software.classification 
_software.compiler_name 
_software.compiler_version 
_software.contact_author 
_software.contact_author_email 
_software.date 
_software.description 
_software.dependencies 
_software.hardware 
_software.language 
_software.location 
_software.mods 
_software.name 
_software.os 
_software.os_version 
_software.type 
_software.version 
_software.pdbx_ordinal 
? refinement       ? ? ? ? ? ? ? ? ? ? ? REFMAC    ? ? ? 5.8.0238 1 
? 'data scaling'   ? ? ? ? ? ? ? ? ? ? ? SCALEPACK ? ? ? .        2 
? 'data reduction' ? ? ? ? ? ? ? ? ? ? ? DENZO     ? ? ? .        3 
? phasing          ? ? ? ? ? ? ? ? ? ? ? PHASER    ? ? ? .        4 
# 
_cell.angle_alpha                  90.00 
_cell.angle_alpha_esd              ? 
_cell.angle_beta                   90.00 
_cell.angle_beta_esd               ? 
_cell.angle_gamma                  90.00 
_cell.angle_gamma_esd              ? 
_cell.entry_id                     8T99 
_cell.details                      ? 
_cell.formula_units_Z              ? 
_cell.length_a                     45.824 
_cell.length_a_esd                 ? 
_cell.length_b                     59.634 
_cell.length_b_esd                 ? 
_cell.length_c                     62.653 
_cell.length_c_esd                 ? 
_cell.volume                       ? 
_cell.volume_esd                   ? 
_cell.Z_PDB                        4 
_cell.reciprocal_angle_alpha       ? 
_cell.reciprocal_angle_beta        ? 
_cell.reciprocal_angle_gamma       ? 
_cell.reciprocal_angle_alpha_esd   ? 
_cell.reciprocal_angle_beta_esd    ? 
_cell.reciprocal_angle_gamma_esd   ? 
_cell.reciprocal_length_a          ? 
_cell.reciprocal_length_b          ? 
_cell.reciprocal_length_c          ? 
_cell.reciprocal_length_a_esd      ? 
_cell.reciprocal_length_b_esd      ? 
_cell.reciprocal_length_c_esd      ? 
_cell.pdbx_unique_axis             ? 
_cell.pdbx_esd_method              ? 
# 
_symmetry.entry_id                         8T99 
_symmetry.cell_setting                     ? 
_symmetry.Int_Tables_number                19 
_symmetry.space_group_name_Hall            ? 
_symmetry.space_group_name_H-M             'P 21 21 21' 
_symmetry.pdbx_full_space_group_name_H-M   ? 
# 
_exptl.absorpt_coefficient_mu     ? 
_exptl.absorpt_correction_T_max   ? 
_exptl.absorpt_correction_T_min   ? 
_exptl.absorpt_correction_type    ? 
_exptl.absorpt_process_details    ? 
_exptl.entry_id                   8T99 
_exptl.crystals_number            1 
_exptl.details                    ? 
_exptl.method                     'X-RAY DIFFRACTION' 
_exptl.method_details             ? 
# 
_exptl_crystal.colour                       ? 
_exptl_crystal.density_diffrn               ? 
_exptl_crystal.density_Matthews             2.50 
_exptl_crystal.density_method               ? 
_exptl_crystal.density_percent_sol          50.82 
_exptl_crystal.description                  ? 
_exptl_crystal.F_000                        ? 
_exptl_crystal.id                           1 
_exptl_crystal.preparation                  ? 
_exptl_crystal.size_max                     ? 
_exptl_crystal.size_mid                     ? 
_exptl_crystal.size_min                     ? 
_exptl_crystal.size_rad                     ? 
_exptl_crystal.colour_lustre                ? 
_exptl_crystal.colour_modifier              ? 
_exptl_crystal.colour_primary               ? 
_exptl_crystal.density_meas                 ? 
_exptl_crystal.density_meas_esd             ? 
_exptl_crystal.density_meas_gt              ? 
_exptl_crystal.density_meas_lt              ? 
_exptl_crystal.density_meas_temp            ? 
_exptl_crystal.density_meas_temp_esd        ? 
_exptl_crystal.density_meas_temp_gt         ? 
_exptl_crystal.density_meas_temp_lt         ? 
_exptl_crystal.pdbx_crystal_image_url       ? 
_exptl_crystal.pdbx_crystal_image_format    ? 
_exptl_crystal.pdbx_mosaicity               ? 
_exptl_crystal.pdbx_mosaicity_esd           ? 
_exptl_crystal.pdbx_mosaic_method           ? 
_exptl_crystal.pdbx_mosaic_block_size       ? 
_exptl_crystal.pdbx_mosaic_block_size_esd   ? 
# 
_exptl_crystal_grow.apparatus       ? 
_exptl_crystal_grow.atmosphere      ? 
_exptl_crystal_grow.crystal_id      1 
_exptl_crystal_grow.details         ? 
_exptl_crystal_grow.method          'VAPOR DIFFUSION, HANGING DROP' 
_exptl_crystal_grow.method_ref      ? 
_exptl_crystal_grow.pH              ? 
_exptl_crystal_grow.pressure        ? 
_exptl_crystal_grow.pressure_esd    ? 
_exptl_crystal_grow.seeding         ? 
_exptl_crystal_grow.seeding_ref     ? 
_exptl_crystal_grow.temp_details    ? 
_exptl_crystal_grow.temp_esd        ? 
_exptl_crystal_grow.time            ? 
_exptl_crystal_grow.pdbx_details    
;10% w/v PEG8000, 10% v/v isopropanol, 200 mM lithium sulfate, 100 mM sodium acetate, pH 5.0, 5 mM IP6, soaked in 200 mM lithium chloride, 20% w/v PEG8000, 20% v/v isopropanol, 100 mM sodium acetate, pH 5.0, 20 mM magnesium chloride, 100 mM sodium fluoride in presence of TvIPK reaction solution with L-scyllo-(1,2,3,4)IP4
;
_exptl_crystal_grow.pdbx_pH_range   ? 
_exptl_crystal_grow.temp            298 
# 
_diffrn.ambient_environment              ? 
_diffrn.ambient_temp                     100 
_diffrn.ambient_temp_details             ? 
_diffrn.ambient_temp_esd                 ? 
_diffrn.crystal_id                       1 
_diffrn.crystal_support                  ? 
_diffrn.crystal_treatment                ? 
_diffrn.details                          ? 
_diffrn.id                               1 
_diffrn.ambient_pressure                 ? 
_diffrn.ambient_pressure_esd             ? 
_diffrn.ambient_pressure_gt              ? 
_diffrn.ambient_pressure_lt              ? 
_diffrn.ambient_temp_gt                  ? 
_diffrn.ambient_temp_lt                  ? 
_diffrn.pdbx_serial_crystal_experiment   N 
# 
_diffrn_detector.details                      ? 
_diffrn_detector.detector                     PIXEL 
_diffrn_detector.diffrn_id                    1 
_diffrn_detector.type                         'DECTRIS EIGER X 16M' 
_diffrn_detector.area_resol_mean              ? 
_diffrn_detector.dtime                        ? 
_diffrn_detector.pdbx_frames_total            ? 
_diffrn_detector.pdbx_collection_time_total   ? 
_diffrn_detector.pdbx_collection_date         2021-10-08 
_diffrn_detector.pdbx_frequency               ? 
_diffrn_detector.id                           ? 
_diffrn_detector.number_of_axes               ? 
# 
_diffrn_radiation.collimation                      ? 
_diffrn_radiation.diffrn_id                        1 
_diffrn_radiation.filter_edge                      ? 
_diffrn_radiation.inhomogeneity                    ? 
_diffrn_radiation.monochromator                    ? 
_diffrn_radiation.polarisn_norm                    ? 
_diffrn_radiation.polarisn_ratio                   ? 
_diffrn_radiation.probe                            ? 
_diffrn_radiation.type                             ? 
_diffrn_radiation.xray_symbol                      ? 
_diffrn_radiation.wavelength_id                    1 
_diffrn_radiation.pdbx_monochromatic_or_laue_m_l   M 
_diffrn_radiation.pdbx_wavelength_list             ? 
_diffrn_radiation.pdbx_wavelength                  ? 
_diffrn_radiation.pdbx_diffrn_protocol             'SINGLE WAVELENGTH' 
_diffrn_radiation.pdbx_analyzer                    ? 
_diffrn_radiation.pdbx_scattering_type             x-ray 
# 
_diffrn_radiation_wavelength.id           1 
_diffrn_radiation_wavelength.wavelength   1.0 
_diffrn_radiation_wavelength.wt           1.0 
# 
_diffrn_source.current                     ? 
_diffrn_source.details                     ? 
_diffrn_source.diffrn_id                   1 
_diffrn_source.power                       ? 
_diffrn_source.size                        ? 
_diffrn_source.source                      SYNCHROTRON 
_diffrn_source.target                      ? 
_diffrn_source.type                        'APS BEAMLINE 22-ID' 
_diffrn_source.voltage                     ? 
_diffrn_source.take-off_angle              ? 
_diffrn_source.pdbx_wavelength_list        1.0 
_diffrn_source.pdbx_wavelength             ? 
_diffrn_source.pdbx_synchrotron_beamline   22-ID 
_diffrn_source.pdbx_synchrotron_site       APS 
# 
_reflns.B_iso_Wilson_estimate                          ? 
_reflns.entry_id                                       8T99 
_reflns.data_reduction_details                         ? 
_reflns.data_reduction_method                          ? 
_reflns.d_resolution_high                              1.50 
_reflns.d_resolution_low                               50.00 
_reflns.details                                        ? 
_reflns.limit_h_max                                    ? 
_reflns.limit_h_min                                    ? 
_reflns.limit_k_max                                    ? 
_reflns.limit_k_min                                    ? 
_reflns.limit_l_max                                    ? 
_reflns.limit_l_min                                    ? 
_reflns.number_all                                     ? 
_reflns.number_obs                                     26499 
_reflns.observed_criterion                             ? 
_reflns.observed_criterion_F_max                       ? 
_reflns.observed_criterion_F_min                       ? 
_reflns.observed_criterion_I_max                       ? 
_reflns.observed_criterion_I_min                       ? 
_reflns.observed_criterion_sigma_F                     ? 
_reflns.observed_criterion_sigma_I                     ? 
_reflns.percent_possible_obs                           94.2 
_reflns.R_free_details                                 ? 
_reflns.Rmerge_F_all                                   ? 
_reflns.Rmerge_F_obs                                   ? 
_reflns.Friedel_coverage                               ? 
_reflns.number_gt                                      ? 
_reflns.threshold_expression                           ? 
_reflns.pdbx_redundancy                                10.0 
_reflns.pdbx_netI_over_av_sigmaI                       ? 
_reflns.pdbx_netI_over_sigmaI                          6.2 
_reflns.pdbx_res_netI_over_av_sigmaI_2                 ? 
_reflns.pdbx_res_netI_over_sigmaI_2                    ? 
_reflns.pdbx_chi_squared                               ? 
_reflns.pdbx_scaling_rejects                           ? 
_reflns.pdbx_d_res_high_opt                            ? 
_reflns.pdbx_d_res_low_opt                             ? 
_reflns.pdbx_d_res_opt_method                          ? 
_reflns.phase_calculation_details                      ? 
_reflns.pdbx_Rrim_I_all                                ? 
_reflns.pdbx_Rpim_I_all                                ? 
_reflns.pdbx_d_opt                                     ? 
_reflns.pdbx_number_measured_all                       ? 
_reflns.pdbx_diffrn_id                                 1 
_reflns.pdbx_ordinal                                   1 
_reflns.pdbx_CC_half                                   ? 
_reflns.pdbx_CC_star                                   ? 
_reflns.pdbx_R_split                                   ? 
_reflns.pdbx_Rmerge_I_obs                              0.091 
_reflns.pdbx_Rmerge_I_all                              ? 
_reflns.pdbx_Rsym_value                                ? 
_reflns.pdbx_CC_split_method                           ? 
_reflns.pdbx_aniso_diffraction_limit_axis_1_ortho[1]   ? 
_reflns.pdbx_aniso_diffraction_limit_axis_1_ortho[2]   ? 
_reflns.pdbx_aniso_diffraction_limit_axis_1_ortho[3]   ? 
_reflns.pdbx_aniso_diffraction_limit_axis_2_ortho[1]   ? 
_reflns.pdbx_aniso_diffraction_limit_axis_2_ortho[2]   ? 
_reflns.pdbx_aniso_diffraction_limit_axis_2_ortho[3]   ? 
_reflns.pdbx_aniso_diffraction_limit_axis_3_ortho[1]   ? 
_reflns.pdbx_aniso_diffraction_limit_axis_3_ortho[2]   ? 
_reflns.pdbx_aniso_diffraction_limit_axis_3_ortho[3]   ? 
_reflns.pdbx_aniso_diffraction_limit_1                 ? 
_reflns.pdbx_aniso_diffraction_limit_2                 ? 
_reflns.pdbx_aniso_diffraction_limit_3                 ? 
_reflns.pdbx_aniso_B_tensor_eigenvector_1_ortho[1]     ? 
_reflns.pdbx_aniso_B_tensor_eigenvector_1_ortho[2]     ? 
_reflns.pdbx_aniso_B_tensor_eigenvector_1_ortho[3]     ? 
_reflns.pdbx_aniso_B_tensor_eigenvector_2_ortho[1]     ? 
_reflns.pdbx_aniso_B_tensor_eigenvector_2_ortho[2]     ? 
_reflns.pdbx_aniso_B_tensor_eigenvector_2_ortho[3]     ? 
_reflns.pdbx_aniso_B_tensor_eigenvector_3_ortho[1]     ? 
_reflns.pdbx_aniso_B_tensor_eigenvector_3_ortho[2]     ? 
_reflns.pdbx_aniso_B_tensor_eigenvector_3_ortho[3]     ? 
_reflns.pdbx_aniso_B_tensor_eigenvalue_1               ? 
_reflns.pdbx_aniso_B_tensor_eigenvalue_2               ? 
_reflns.pdbx_aniso_B_tensor_eigenvalue_3               ? 
_reflns.pdbx_orthogonalization_convention              ? 
_reflns.pdbx_percent_possible_ellipsoidal              ? 
_reflns.pdbx_percent_possible_spherical                ? 
_reflns.pdbx_percent_possible_ellipsoidal_anomalous    ? 
_reflns.pdbx_percent_possible_spherical_anomalous      ? 
_reflns.pdbx_redundancy_anomalous                      ? 
_reflns.pdbx_CC_half_anomalous                         ? 
_reflns.pdbx_absDiff_over_sigma_anomalous              ? 
_reflns.pdbx_percent_possible_anomalous                ? 
_reflns.pdbx_observed_signal_threshold                 ? 
_reflns.pdbx_signal_type                               ? 
_reflns.pdbx_signal_details                            ? 
_reflns.pdbx_signal_software_id                        ? 
# 
loop_
_reflns_shell.d_res_high 
_reflns_shell.d_res_low 
_reflns_shell.meanI_over_sigI_all 
_reflns_shell.meanI_over_sigI_obs 
_reflns_shell.number_measured_all 
_reflns_shell.number_measured_obs 
_reflns_shell.number_possible 
_reflns_shell.number_unique_all 
_reflns_shell.number_unique_obs 
_reflns_shell.percent_possible_obs 
_reflns_shell.Rmerge_F_all 
_reflns_shell.Rmerge_F_obs 
_reflns_shell.meanI_over_sigI_gt 
_reflns_shell.meanI_over_uI_all 
_reflns_shell.meanI_over_uI_gt 
_reflns_shell.number_measured_gt 
_reflns_shell.number_unique_gt 
_reflns_shell.percent_possible_gt 
_reflns_shell.Rmerge_F_gt 
_reflns_shell.Rmerge_I_gt 
_reflns_shell.pdbx_redundancy 
_reflns_shell.pdbx_chi_squared 
_reflns_shell.pdbx_netI_over_sigmaI_all 
_reflns_shell.pdbx_netI_over_sigmaI_obs 
_reflns_shell.pdbx_Rrim_I_all 
_reflns_shell.pdbx_Rpim_I_all 
_reflns_shell.pdbx_rejects 
_reflns_shell.pdbx_ordinal 
_reflns_shell.pdbx_diffrn_id 
_reflns_shell.pdbx_CC_half 
_reflns_shell.pdbx_CC_star 
_reflns_shell.pdbx_R_split 
_reflns_shell.percent_possible_all 
_reflns_shell.Rmerge_I_all 
_reflns_shell.Rmerge_I_obs 
_reflns_shell.pdbx_Rsym_value 
_reflns_shell.pdbx_percent_possible_ellipsoidal 
_reflns_shell.pdbx_percent_possible_spherical 
_reflns_shell.pdbx_percent_possible_ellipsoidal_anomalous 
_reflns_shell.pdbx_percent_possible_spherical_anomalous 
_reflns_shell.pdbx_redundancy_anomalous 
_reflns_shell.pdbx_CC_half_anomalous 
_reflns_shell.pdbx_absDiff_over_sigma_anomalous 
_reflns_shell.pdbx_percent_possible_anomalous 
1.50 1.53  ? ? ? ? ? ? 1066 ? ? ? ? ? ? ? ? ? ? ? 8.3  0.440 ? ? 0.518 0.168 ? 1  1 0.928 0.981 ? 77.2 ? 0.488 ? ? ? ? ? ? ? ? ? 
1.53 1.55  ? ? ? ? ? ? 1038 ? ? ? ? ? ? ? ? ? ? ? 8.1  0.464 ? ? 0.443 0.145 ? 2  1 0.933 0.983 ? 75.7 ? 0.417 ? ? ? ? ? ? ? ? ? 
1.55 1.58  ? ? ? ? ? ? 1218 ? ? ? ? ? ? ? ? ? ? ? 8.5  0.464 ? ? 0.442 0.142 ? 3  1 0.950 0.987 ? 87.8 ? 0.416 ? ? ? ? ? ? ? ? ? 
1.58 1.62  ? ? ? ? ? ? 1314 ? ? ? ? ? ? ? ? ? ? ? 9.5  0.468 ? ? 0.412 0.128 ? 4  1 0.959 0.990 ? 95.6 ? 0.390 ? ? ? ? ? ? ? ? ? 
1.62 1.65  ? ? ? ? ? ? 1330 ? ? ? ? ? ? ? ? ? ? ? 9.9  0.500 ? ? 0.378 0.116 ? 5  1 0.975 0.994 ? 96.7 ? 0.358 ? ? ? ? ? ? ? ? ? 
1.65 1.69  ? ? ? ? ? ? 1361 ? ? ? ? ? ? ? ? ? ? ? 10.3 0.505 ? ? 0.346 0.106 ? 6  1 0.976 0.994 ? 97.2 ? 0.329 ? ? ? ? ? ? ? ? ? 
1.69 1.73  ? ? ? ? ? ? 1351 ? ? ? ? ? ? ? ? ? ? ? 10.3 0.505 ? ? 0.324 0.100 ? 7  1 0.980 0.995 ? 97.5 ? 0.308 ? ? ? ? ? ? ? ? ? 
1.73 1.78  ? ? ? ? ? ? 1354 ? ? ? ? ? ? ? ? ? ? ? 10.4 0.549 ? ? 0.274 0.084 ? 8  1 0.987 0.997 ? 97.6 ? 0.260 ? ? ? ? ? ? ? ? ? 
1.78 1.83  ? ? ? ? ? ? 1350 ? ? ? ? ? ? ? ? ? ? ? 10.4 0.585 ? ? 0.239 0.074 ? 9  1 0.989 0.997 ? 97.6 ? 0.227 ? ? ? ? ? ? ? ? ? 
1.83 1.89  ? ? ? ? ? ? 1366 ? ? ? ? ? ? ? ? ? ? ? 10.2 0.606 ? ? 0.215 0.067 ? 10 1 0.988 0.997 ? 98.1 ? 0.204 ? ? ? ? ? ? ? ? ? 
1.89 1.96  ? ? ? ? ? ? 1371 ? ? ? ? ? ? ? ? ? ? ? 9.9  0.708 ? ? 0.174 0.055 ? 11 1 0.989 0.997 ? 98.3 ? 0.165 ? ? ? ? ? ? ? ? ? 
1.96 2.04  ? ? ? ? ? ? 1367 ? ? ? ? ? ? ? ? ? ? ? 9.5  0.769 ? ? 0.152 0.049 ? 12 1 0.991 0.998 ? 98.3 ? 0.144 ? ? ? ? ? ? ? ? ? 
2.04 2.13  ? ? ? ? ? ? 1243 ? ? ? ? ? ? ? ? ? ? ? 8.9  0.869 ? ? 0.130 0.042 ? 13 1 0.993 0.998 ? 88.2 ? 0.122 ? ? ? ? ? ? ? ? ? 
2.13 2.24  ? ? ? ? ? ? 1301 ? ? ? ? ? ? ? ? ? ? ? 10.4 0.938 ? ? 0.109 0.033 ? 14 1 0.995 0.999 ? 93.4 ? 0.104 ? ? ? ? ? ? ? ? ? 
2.24 2.38  ? ? ? ? ? ? 1397 ? ? ? ? ? ? ? ? ? ? ? 11.3 1.024 ? ? 0.096 0.028 ? 15 1 0.997 0.999 ? 98.9 ? 0.091 ? ? ? ? ? ? ? ? ? 
2.38 2.56  ? ? ? ? ? ? 1408 ? ? ? ? ? ? ? ? ? ? ? 11.2 1.064 ? ? 0.083 0.024 ? 16 1 0.997 0.999 ? 99.2 ? 0.079 ? ? ? ? ? ? ? ? ? 
2.56 2.82  ? ? ? ? ? ? 1402 ? ? ? ? ? ? ? ? ? ? ? 11.0 1.186 ? ? 0.076 0.023 ? 17 1 0.997 0.999 ? 99.2 ? 0.073 ? ? ? ? ? ? ? ? ? 
2.82 3.23  ? ? ? ? ? ? 1427 ? ? ? ? ? ? ? ? ? ? ? 10.5 1.481 ? ? 0.068 0.021 ? 18 1 0.998 0.999 ? 99.3 ? 0.065 ? ? ? ? ? ? ? ? ? 
3.23 4.07  ? ? ? ? ? ? 1326 ? ? ? ? ? ? ? ? ? ? ? 9.5  1.799 ? ? 0.058 0.018 ? 19 1 0.998 0.999 ? 90.7 ? 0.055 ? ? ? ? ? ? ? ? ? 
4.07 50.00 ? ? ? ? ? ? 1509 ? ? ? ? ? ? ? ? ? ? ? 10.5 1.505 ? ? 0.050 0.015 ? 20 1 0.999 1.000 ? 97.4 ? 0.048 ? ? ? ? ? ? ? ? ? 
# 
_refine.aniso_B[1][1]                            2.64 
_refine.aniso_B[1][2]                            0.00 
_refine.aniso_B[1][3]                            -0.00 
_refine.aniso_B[2][2]                            -1.53 
_refine.aniso_B[2][3]                            0.00 
_refine.aniso_B[3][3]                            -1.11 
_refine.B_iso_max                                ? 
_refine.B_iso_mean                               18.491 
_refine.B_iso_min                                ? 
_refine.correlation_coeff_Fo_to_Fc               0.971 
_refine.correlation_coeff_Fo_to_Fc_free          0.956 
_refine.details                                  'HYDROGENS HAVE BEEN ADDED IN THE RIDING POSITIONS' 
_refine.diff_density_max                         ? 
_refine.diff_density_max_esd                     ? 
_refine.diff_density_min                         ? 
_refine.diff_density_min_esd                     ? 
_refine.diff_density_rms                         ? 
_refine.diff_density_rms_esd                     ? 
_refine.entry_id                                 8T99 
_refine.pdbx_refine_id                           'X-RAY DIFFRACTION' 
_refine.ls_abs_structure_details                 ? 
_refine.ls_abs_structure_Flack                   ? 
_refine.ls_abs_structure_Flack_esd               ? 
_refine.ls_abs_structure_Rogers                  ? 
_refine.ls_abs_structure_Rogers_esd              ? 
_refine.ls_d_res_high                            1.50 
_refine.ls_d_res_low                             31.45 
_refine.ls_extinction_coef                       ? 
_refine.ls_extinction_coef_esd                   ? 
_refine.ls_extinction_expression                 ? 
_refine.ls_extinction_method                     ? 
_refine.ls_goodness_of_fit_all                   ? 
_refine.ls_goodness_of_fit_all_esd               ? 
_refine.ls_goodness_of_fit_obs                   ? 
_refine.ls_goodness_of_fit_obs_esd               ? 
_refine.ls_hydrogen_treatment                    ? 
_refine.ls_matrix_type                           ? 
_refine.ls_number_constraints                    ? 
_refine.ls_number_parameters                     ? 
_refine.ls_number_reflns_all                     ? 
_refine.ls_number_reflns_obs                     25145 
_refine.ls_number_reflns_R_free                  1318 
_refine.ls_number_reflns_R_work                  ? 
_refine.ls_number_restraints                     ? 
_refine.ls_percent_reflns_obs                    93.96 
_refine.ls_percent_reflns_R_free                 5.0 
_refine.ls_R_factor_all                          ? 
_refine.ls_R_factor_obs                          0.15732 
_refine.ls_R_factor_R_free                       0.18271 
_refine.ls_R_factor_R_free_error                 ? 
_refine.ls_R_factor_R_free_error_details         ? 
_refine.ls_R_factor_R_work                       0.15600 
_refine.ls_R_Fsqd_factor_obs                     ? 
_refine.ls_R_I_factor_obs                        ? 
_refine.ls_redundancy_reflns_all                 ? 
_refine.ls_redundancy_reflns_obs                 ? 
_refine.ls_restrained_S_all                      ? 
_refine.ls_restrained_S_obs                      ? 
_refine.ls_shift_over_esd_max                    ? 
_refine.ls_shift_over_esd_mean                   ? 
_refine.ls_structure_factor_coef                 ? 
_refine.ls_weighting_details                     ? 
_refine.ls_weighting_scheme                      ? 
_refine.ls_wR_factor_all                         ? 
_refine.ls_wR_factor_obs                         ? 
_refine.ls_wR_factor_R_free                      ? 
_refine.ls_wR_factor_R_work                      ? 
_refine.occupancy_max                            ? 
_refine.occupancy_min                            ? 
_refine.solvent_model_details                    MASK 
_refine.solvent_model_param_bsol                 ? 
_refine.solvent_model_param_ksol                 ? 
_refine.pdbx_R_complete                          ? 
_refine.ls_R_factor_gt                           ? 
_refine.ls_goodness_of_fit_gt                    ? 
_refine.ls_goodness_of_fit_ref                   ? 
_refine.ls_shift_over_su_max                     ? 
_refine.ls_shift_over_su_max_lt                  ? 
_refine.ls_shift_over_su_mean                    ? 
_refine.ls_shift_over_su_mean_lt                 ? 
_refine.pdbx_ls_sigma_I                          ? 
_refine.pdbx_ls_sigma_F                          ? 
_refine.pdbx_ls_sigma_Fsqd                       ? 
_refine.pdbx_data_cutoff_high_absF               ? 
_refine.pdbx_data_cutoff_high_rms_absF           ? 
_refine.pdbx_data_cutoff_low_absF                ? 
_refine.pdbx_isotropic_thermal_model             ? 
_refine.pdbx_ls_cross_valid_method               THROUGHOUT 
_refine.pdbx_method_to_determine_struct          'FOURIER SYNTHESIS' 
_refine.pdbx_starting_model                      ? 
_refine.pdbx_stereochemistry_target_values       'MAXIMUM LIKELIHOOD' 
_refine.pdbx_R_Free_selection_details            RANDOM 
_refine.pdbx_stereochem_target_val_spec_case     ? 
_refine.pdbx_overall_ESU_R                       0.066 
_refine.pdbx_overall_ESU_R_Free                  0.068 
_refine.pdbx_solvent_vdw_probe_radii             1.20 
_refine.pdbx_solvent_ion_probe_radii             0.80 
_refine.pdbx_solvent_shrinkage_radii             0.80 
_refine.pdbx_real_space_R                        ? 
_refine.pdbx_density_correlation                 ? 
_refine.pdbx_pd_number_of_powder_patterns        ? 
_refine.pdbx_pd_number_of_points                 ? 
_refine.pdbx_pd_meas_number_of_points            ? 
_refine.pdbx_pd_proc_ls_prof_R_factor            ? 
_refine.pdbx_pd_proc_ls_prof_wR_factor           ? 
_refine.pdbx_pd_Marquardt_correlation_coeff      ? 
_refine.pdbx_pd_Fsqrd_R_factor                   ? 
_refine.pdbx_pd_ls_matrix_band_width             ? 
_refine.pdbx_overall_phase_error                 ? 
_refine.pdbx_overall_SU_R_free_Cruickshank_DPI   ? 
_refine.pdbx_overall_SU_R_free_Blow_DPI          ? 
_refine.pdbx_overall_SU_R_Blow_DPI               ? 
_refine.pdbx_TLS_residual_ADP_flag               ? 
_refine.pdbx_diffrn_id                           1 
_refine.overall_SU_B                             1.362 
_refine.overall_SU_ML                            0.048 
_refine.overall_SU_R_Cruickshank_DPI             ? 
_refine.overall_SU_R_free                        ? 
_refine.overall_FOM_free_R_set                   ? 
_refine.overall_FOM_work_R_set                   ? 
_refine.pdbx_average_fsc_overall                 ? 
_refine.pdbx_average_fsc_work                    ? 
_refine.pdbx_average_fsc_free                    ? 
# 
_refine_hist.pdbx_refine_id                   'X-RAY DIFFRACTION' 
_refine_hist.cycle_id                         1 
_refine_hist.details                          ? 
_refine_hist.d_res_high                       1.50 
_refine_hist.d_res_low                        31.45 
_refine_hist.number_atoms_solvent             207 
_refine_hist.number_atoms_total               1344 
_refine_hist.number_reflns_all                ? 
_refine_hist.number_reflns_obs                ? 
_refine_hist.number_reflns_R_free             ? 
_refine_hist.number_reflns_R_work             ? 
_refine_hist.R_factor_all                     ? 
_refine_hist.R_factor_obs                     ? 
_refine_hist.R_factor_R_free                  ? 
_refine_hist.R_factor_R_work                  ? 
_refine_hist.pdbx_number_residues_total       ? 
_refine_hist.pdbx_B_iso_mean_ligand           ? 
_refine_hist.pdbx_B_iso_mean_solvent          ? 
_refine_hist.pdbx_number_atoms_protein        1095 
_refine_hist.pdbx_number_atoms_nucleic_acid   0 
_refine_hist.pdbx_number_atoms_ligand         42 
_refine_hist.pdbx_number_atoms_lipid          ? 
_refine_hist.pdbx_number_atoms_carb           ? 
_refine_hist.pdbx_pseudo_atom_details         ? 
# 
loop_
_refine_ls_restr.pdbx_refine_id 
_refine_ls_restr.criterion 
_refine_ls_restr.dev_ideal 
_refine_ls_restr.dev_ideal_target 
_refine_ls_restr.number 
_refine_ls_restr.rejects 
_refine_ls_restr.type 
_refine_ls_restr.weight 
_refine_ls_restr.pdbx_restraint_function 
'X-RAY DIFFRACTION' ? 0.014  0.013  1242 ? r_bond_refined_d             ? ? 
'X-RAY DIFFRACTION' ? 0.001  0.018  1115 ? r_bond_other_d               ? ? 
'X-RAY DIFFRACTION' ? 2.010  1.688  1706 ? r_angle_refined_deg          ? ? 
'X-RAY DIFFRACTION' ? 1.499  1.593  2599 ? r_angle_other_deg            ? ? 
'X-RAY DIFFRACTION' ? 7.041  5.000  155  ? r_dihedral_angle_1_deg       ? ? 
'X-RAY DIFFRACTION' ? 28.986 21.333 75   ? r_dihedral_angle_2_deg       ? ? 
'X-RAY DIFFRACTION' ? 11.430 15.000 218  ? r_dihedral_angle_3_deg       ? ? 
'X-RAY DIFFRACTION' ? 15.117 15.000 12   ? r_dihedral_angle_4_deg       ? ? 
'X-RAY DIFFRACTION' ? 0.204  0.200  160  ? r_chiral_restr               ? ? 
'X-RAY DIFFRACTION' ? 0.009  0.020  1397 ? r_gen_planes_refined         ? ? 
'X-RAY DIFFRACTION' ? 0.002  0.020  275  ? r_gen_planes_other           ? ? 
'X-RAY DIFFRACTION' ? ?      ?      ?    ? r_nbd_refined                ? ? 
'X-RAY DIFFRACTION' ? ?      ?      ?    ? r_nbd_other                  ? ? 
'X-RAY DIFFRACTION' ? ?      ?      ?    ? r_nbtor_refined              ? ? 
'X-RAY DIFFRACTION' ? ?      ?      ?    ? r_nbtor_other                ? ? 
'X-RAY DIFFRACTION' ? ?      ?      ?    ? r_xyhbond_nbd_refined        ? ? 
'X-RAY DIFFRACTION' ? ?      ?      ?    ? r_xyhbond_nbd_other          ? ? 
'X-RAY DIFFRACTION' ? ?      ?      ?    ? r_metal_ion_refined          ? ? 
'X-RAY DIFFRACTION' ? ?      ?      ?    ? r_metal_ion_other            ? ? 
'X-RAY DIFFRACTION' ? ?      ?      ?    ? r_symmetry_vdw_refined       ? ? 
'X-RAY DIFFRACTION' ? ?      ?      ?    ? r_symmetry_vdw_other         ? ? 
'X-RAY DIFFRACTION' ? ?      ?      ?    ? r_symmetry_hbond_refined     ? ? 
'X-RAY DIFFRACTION' ? ?      ?      ?    ? r_symmetry_hbond_other       ? ? 
'X-RAY DIFFRACTION' ? ?      ?      ?    ? r_symmetry_metal_ion_refined ? ? 
'X-RAY DIFFRACTION' ? ?      ?      ?    ? r_symmetry_metal_ion_other   ? ? 
'X-RAY DIFFRACTION' ? 1.572  1.586  579  ? r_mcbond_it                  ? ? 
'X-RAY DIFFRACTION' ? 1.573  1.580  578  ? r_mcbond_other               ? ? 
'X-RAY DIFFRACTION' ? 2.382  2.367  734  ? r_mcangle_it                 ? ? 
'X-RAY DIFFRACTION' ? 2.382  2.374  735  ? r_mcangle_other              ? ? 
'X-RAY DIFFRACTION' ? 3.083  2.028  663  ? r_scbond_it                  ? ? 
'X-RAY DIFFRACTION' ? 3.062  2.011  655  ? r_scbond_other               ? ? 
'X-RAY DIFFRACTION' ? ?      ?      ?    ? r_scangle_it                 ? ? 
'X-RAY DIFFRACTION' ? 4.780  2.873  955  ? r_scangle_other              ? ? 
'X-RAY DIFFRACTION' ? 7.183  21.624 1462 ? r_long_range_B_refined       ? ? 
'X-RAY DIFFRACTION' ? 7.007  20.402 1396 ? r_long_range_B_other         ? ? 
'X-RAY DIFFRACTION' ? ?      ?      ?    ? r_rigid_bond_restr           ? ? 
'X-RAY DIFFRACTION' ? ?      ?      ?    ? r_sphericity_free            ? ? 
'X-RAY DIFFRACTION' ? ?      ?      ?    ? r_sphericity_bonded          ? ? 
# 
_refine_ls_shell.pdbx_refine_id                   'X-RAY DIFFRACTION' 
_refine_ls_shell.d_res_high                       1.500 
_refine_ls_shell.d_res_low                        1.539 
_refine_ls_shell.number_reflns_all                ? 
_refine_ls_shell.number_reflns_obs                ? 
_refine_ls_shell.number_reflns_R_free             63 
_refine_ls_shell.number_reflns_R_work             1459 
_refine_ls_shell.percent_reflns_obs               74.57 
_refine_ls_shell.percent_reflns_R_free            ? 
_refine_ls_shell.R_factor_all                     ? 
_refine_ls_shell.R_factor_obs                     ? 
_refine_ls_shell.R_factor_R_free_error            ? 
_refine_ls_shell.R_factor_R_work                  0.231 
_refine_ls_shell.redundancy_reflns_all            ? 
_refine_ls_shell.redundancy_reflns_obs            ? 
_refine_ls_shell.wR_factor_all                    ? 
_refine_ls_shell.wR_factor_obs                    ? 
_refine_ls_shell.wR_factor_R_free                 ? 
_refine_ls_shell.wR_factor_R_work                 ? 
_refine_ls_shell.pdbx_R_complete                  ? 
_refine_ls_shell.pdbx_total_number_of_bins_used   20 
_refine_ls_shell.pdbx_phase_error                 ? 
_refine_ls_shell.pdbx_fsc_work                    ? 
_refine_ls_shell.pdbx_fsc_free                    ? 
_refine_ls_shell.R_factor_R_free                  0.246 
# 
_struct.entry_id                     8T99 
_struct.title                        
'Diphosphoinositol polyphosphate phosphohydrolase 1 (DIPP1/NUDT3) in complex with Scyllo-L-1,4-[PP]2-(2,3)IP2, Mg, and Fluoride ion' 
_struct.pdbx_model_details           ? 
_struct.pdbx_formula_weight          ? 
_struct.pdbx_formula_weight_method   ? 
_struct.pdbx_model_type_details      ? 
_struct.pdbx_CASP_flag               N 
# 
_struct_keywords.entry_id        8T99 
_struct_keywords.text            'inositol phosphate, inositol, phosphatase, NUT3, HYDROLASE' 
_struct_keywords.pdbx_keywords   HYDROLASE 
# 
loop_
_struct_asym.id 
_struct_asym.pdbx_blank_PDB_chainid_flag 
_struct_asym.pdbx_modified 
_struct_asym.entity_id 
_struct_asym.details 
A N N 1 ? 
B N N 2 ? 
C N N 3 ? 
D N N 3 ? 
E N N 3 ? 
F N N 4 ? 
G N N 4 ? 
H N N 5 ? 
I N N 6 ? 
# 
_struct_ref.id                         1 
_struct_ref.db_name                    UNP 
_struct_ref.db_code                    NUDT3_HUMAN 
_struct_ref.pdbx_db_accession          O95989 
_struct_ref.pdbx_db_isoform            ? 
_struct_ref.entity_id                  1 
_struct_ref.pdbx_seq_one_letter_code   
;MMKLKSNQTRTYDGDGYKKRAACLCFRSESEEEVLLVSSSRHPDRWIVPGGGMEPEEEPSVAAVREVCEEAGVKGTLGRL
VGIFENQERKHRTYVYVLIVTEVLEDWEDSVNIGRKREWFKIEDAIKVLQYHKPVQASYFETLRQGYS
;
_struct_ref.pdbx_align_begin           1 
# 
_struct_ref_seq.align_id                      1 
_struct_ref_seq.ref_id                        1 
_struct_ref_seq.pdbx_PDB_id_code              8T99 
_struct_ref_seq.pdbx_strand_id                A 
_struct_ref_seq.seq_align_beg                 1 
_struct_ref_seq.pdbx_seq_align_beg_ins_code   ? 
_struct_ref_seq.seq_align_end                 148 
_struct_ref_seq.pdbx_seq_align_end_ins_code   ? 
_struct_ref_seq.pdbx_db_accession             O95989 
_struct_ref_seq.db_align_beg                  1 
_struct_ref_seq.pdbx_db_align_beg_ins_code    ? 
_struct_ref_seq.db_align_end                  148 
_struct_ref_seq.pdbx_db_align_end_ins_code    ? 
_struct_ref_seq.pdbx_auth_seq_align_beg       1 
_struct_ref_seq.pdbx_auth_seq_align_end       148 
# 
_pdbx_struct_assembly.id                   1 
_pdbx_struct_assembly.details              author_and_software_defined_assembly 
_pdbx_struct_assembly.method_details       ? 
_pdbx_struct_assembly.oligomeric_details   monomeric 
_pdbx_struct_assembly.oligomeric_count     1 
# 
_pdbx_struct_assembly_gen.assembly_id       1 
_pdbx_struct_assembly_gen.oper_expression   1 
_pdbx_struct_assembly_gen.asym_id_list      A,B,C,D,E,F,G,H,I 
# 
_pdbx_struct_assembly_auth_evidence.id                     1 
_pdbx_struct_assembly_auth_evidence.assembly_id            1 
_pdbx_struct_assembly_auth_evidence.experimental_support   'gel filtration' 
_pdbx_struct_assembly_auth_evidence.details                ? 
# 
_pdbx_struct_oper_list.id                   1 
_pdbx_struct_oper_list.type                 'identity operation' 
_pdbx_struct_oper_list.name                 1_555 
_pdbx_struct_oper_list.symmetry_operation   x,y,z 
_pdbx_struct_oper_list.matrix[1][1]         1.0 
_pdbx_struct_oper_list.matrix[1][2]         0.0 
_pdbx_struct_oper_list.matrix[1][3]         0.0 
_pdbx_struct_oper_list.vector[1]            0.0 
_pdbx_struct_oper_list.matrix[2][1]         0.0 
_pdbx_struct_oper_list.matrix[2][2]         1.0 
_pdbx_struct_oper_list.matrix[2][3]         0.0 
_pdbx_struct_oper_list.vector[2]            0.0 
_pdbx_struct_oper_list.matrix[3][1]         0.0 
_pdbx_struct_oper_list.matrix[3][2]         0.0 
_pdbx_struct_oper_list.matrix[3][3]         1.0 
_pdbx_struct_oper_list.vector[3]            0.0 
# 
loop_
_struct_conf.conf_type_id 
_struct_conf.id 
_struct_conf.pdbx_PDB_helix_id 
_struct_conf.beg_label_comp_id 
_struct_conf.beg_label_asym_id 
_struct_conf.beg_label_seq_id 
_struct_conf.pdbx_beg_PDB_ins_code 
_struct_conf.end_label_comp_id 
_struct_conf.end_label_asym_id 
_struct_conf.end_label_seq_id 
_struct_conf.pdbx_end_PDB_ins_code 
_struct_conf.beg_auth_comp_id 
_struct_conf.beg_auth_asym_id 
_struct_conf.beg_auth_seq_id 
_struct_conf.end_auth_comp_id 
_struct_conf.end_auth_asym_id 
_struct_conf.end_auth_seq_id 
_struct_conf.pdbx_PDB_helix_class 
_struct_conf.details 
_struct_conf.pdbx_PDB_helix_length 
HELX_P HELX_P1 AA1 GLU A 58  ? GLY A 72  ? GLU A 58  GLY A 72  1 ? 15 
HELX_P HELX_P2 AA2 TRP A 107 ? GLY A 114 ? TRP A 107 GLY A 114 1 ? 8  
HELX_P HELX_P3 AA3 ILE A 122 ? GLN A 130 ? ILE A 122 GLN A 130 1 ? 9  
HELX_P HELX_P4 AA4 LYS A 133 ? TYR A 139 ? LYS A 133 TYR A 139 1 ? 7  
# 
_struct_conf_type.id          HELX_P 
_struct_conf_type.criteria    ? 
_struct_conf_type.reference   ? 
# 
loop_
_struct_conn.id 
_struct_conn.conn_type_id 
_struct_conn.pdbx_leaving_atom_flag 
_struct_conn.pdbx_PDB_id 
_struct_conn.ptnr1_label_asym_id 
_struct_conn.ptnr1_label_comp_id 
_struct_conn.ptnr1_label_seq_id 
_struct_conn.ptnr1_label_atom_id 
_struct_conn.pdbx_ptnr1_label_alt_id 
_struct_conn.pdbx_ptnr1_PDB_ins_code 
_struct_conn.pdbx_ptnr1_standard_comp_id 
_struct_conn.ptnr1_symmetry 
_struct_conn.ptnr2_label_asym_id 
_struct_conn.ptnr2_label_comp_id 
_struct_conn.ptnr2_label_seq_id 
_struct_conn.ptnr2_label_atom_id 
_struct_conn.pdbx_ptnr2_label_alt_id 
_struct_conn.pdbx_ptnr2_PDB_ins_code 
_struct_conn.ptnr1_auth_asym_id 
_struct_conn.ptnr1_auth_comp_id 
_struct_conn.ptnr1_auth_seq_id 
_struct_conn.ptnr2_auth_asym_id 
_struct_conn.ptnr2_auth_comp_id 
_struct_conn.ptnr2_auth_seq_id 
_struct_conn.ptnr2_symmetry 
_struct_conn.pdbx_ptnr3_label_atom_id 
_struct_conn.pdbx_ptnr3_label_seq_id 
_struct_conn.pdbx_ptnr3_label_comp_id 
_struct_conn.pdbx_ptnr3_label_asym_id 
_struct_conn.pdbx_ptnr3_label_alt_id 
_struct_conn.pdbx_ptnr3_PDB_ins_code 
_struct_conn.details 
_struct_conn.pdbx_dist_value 
_struct_conn.pdbx_value_order 
_struct_conn.pdbx_role 
metalc1  metalc ? ? A GLY 50 O   ? ? ? 1_555 C MG  . MG ? ? A GLY 50  A MG  402 1_555 ? ? ? ? ? ? ? 2.106 ? ? 
metalc2  metalc ? ? A GLU 66 OE2 ? ? ? 1_555 D MG  . MG ? ? A GLU 66  A MG  403 1_555 ? ? ? ? ? ? ? 1.978 ? ? 
metalc3  metalc ? ? A GLU 66 OE1 ? ? ? 1_555 E MG  . MG ? ? A GLU 66  A MG  404 1_555 ? ? ? ? ? ? ? 2.069 ? ? 
metalc4  metalc ? ? A GLU 70 OE1 ? ? ? 1_555 C MG  . MG ? ? A GLU 70  A MG  402 1_555 ? ? ? ? ? ? ? 2.076 ? ? 
metalc5  metalc ? ? A GLU 70 OE1 ? ? ? 1_555 D MG  . MG ? ? A GLU 70  A MG  403 1_555 ? ? ? ? ? ? ? 2.137 ? ? 
metalc6  metalc ? ? B ZOW .  O22 ? ? ? 1_555 C MG  . MG ? ? A ZOW 401 A MG  402 1_555 ? ? ? ? ? ? ? 2.025 ? ? 
metalc7  metalc ? ? B ZOW .  O31 ? ? ? 1_555 C MG  . MG ? ? A ZOW 401 A MG  402 1_555 ? ? ? ? ? ? ? 2.067 ? ? 
metalc8  metalc ? ? B ZOW .  O51 ? ? ? 1_555 C MG  . MG ? ? A ZOW 401 A MG  402 1_555 ? ? ? ? ? ? ? 2.056 ? ? 
metalc9  metalc ? ? B ZOW .  O51 ? ? ? 1_555 D MG  . MG ? ? A ZOW 401 A MG  403 1_555 ? ? ? ? ? ? ? 2.048 ? ? 
metalc10 metalc ? ? B ZOW .  O61 ? ? ? 1_555 E MG  . MG ? ? A ZOW 401 A MG  404 1_555 ? ? ? ? ? ? ? 2.086 ? ? 
metalc11 metalc ? ? C MG  .  MG  ? ? ? 1_555 I HOH . O  ? ? A MG  402 A HOH 552 1_555 ? ? ? ? ? ? ? 2.128 ? ? 
metalc12 metalc ? ? D MG  .  MG  ? ? ? 1_555 I HOH . O  ? ? A MG  403 A HOH 561 1_555 ? ? ? ? ? ? ? 2.053 ? ? 
metalc13 metalc ? ? D MG  .  MG  ? ? ? 1_555 I HOH . O  ? ? A MG  403 A HOH 576 1_555 ? ? ? ? ? ? ? 2.056 ? ? 
metalc14 metalc ? ? E MG  .  MG  ? ? ? 1_555 I HOH . O  ? ? A MG  404 A HOH 564 1_555 ? ? ? ? ? ? ? 2.096 ? ? 
metalc15 metalc ? ? E MG  .  MG  ? ? ? 1_555 I HOH . O  ? ? A MG  404 A HOH 584 1_555 ? ? ? ? ? ? ? 2.115 ? ? 
metalc16 metalc ? ? E MG  .  MG  ? ? ? 1_555 I HOH . O  ? ? A MG  404 A HOH 648 1_555 ? ? ? ? ? ? ? 2.140 ? ? 
# 
_struct_conn_type.id          metalc 
_struct_conn_type.criteria    ? 
_struct_conn_type.reference   ? 
# 
loop_
_pdbx_struct_conn_angle.id 
_pdbx_struct_conn_angle.ptnr1_label_atom_id 
_pdbx_struct_conn_angle.ptnr1_label_alt_id 
_pdbx_struct_conn_angle.ptnr1_label_asym_id 
_pdbx_struct_conn_angle.ptnr1_label_comp_id 
_pdbx_struct_conn_angle.ptnr1_label_seq_id 
_pdbx_struct_conn_angle.ptnr1_auth_atom_id 
_pdbx_struct_conn_angle.ptnr1_auth_asym_id 
_pdbx_struct_conn_angle.ptnr1_auth_comp_id 
_pdbx_struct_conn_angle.ptnr1_auth_seq_id 
_pdbx_struct_conn_angle.ptnr1_PDB_ins_code 
_pdbx_struct_conn_angle.ptnr1_symmetry 
_pdbx_struct_conn_angle.ptnr2_label_atom_id 
_pdbx_struct_conn_angle.ptnr2_label_alt_id 
_pdbx_struct_conn_angle.ptnr2_label_asym_id 
_pdbx_struct_conn_angle.ptnr2_label_comp_id 
_pdbx_struct_conn_angle.ptnr2_label_seq_id 
_pdbx_struct_conn_angle.ptnr2_auth_atom_id 
_pdbx_struct_conn_angle.ptnr2_auth_asym_id 
_pdbx_struct_conn_angle.ptnr2_auth_comp_id 
_pdbx_struct_conn_angle.ptnr2_auth_seq_id 
_pdbx_struct_conn_angle.ptnr2_PDB_ins_code 
_pdbx_struct_conn_angle.ptnr2_symmetry 
_pdbx_struct_conn_angle.ptnr3_label_atom_id 
_pdbx_struct_conn_angle.ptnr3_label_alt_id 
_pdbx_struct_conn_angle.ptnr3_label_asym_id 
_pdbx_struct_conn_angle.ptnr3_label_comp_id 
_pdbx_struct_conn_angle.ptnr3_label_seq_id 
_pdbx_struct_conn_angle.ptnr3_auth_atom_id 
_pdbx_struct_conn_angle.ptnr3_auth_asym_id 
_pdbx_struct_conn_angle.ptnr3_auth_comp_id 
_pdbx_struct_conn_angle.ptnr3_auth_seq_id 
_pdbx_struct_conn_angle.ptnr3_PDB_ins_code 
_pdbx_struct_conn_angle.ptnr3_symmetry 
_pdbx_struct_conn_angle.value 
_pdbx_struct_conn_angle.value_esd 
1  O   ? A GLY 50 ? A GLY 50  ? 1_555 MG ? C MG . ? A MG 402 ? 1_555 OE1 ? A GLU 70 ? A GLU 70  ? 1_555 84.5  ? 
2  O   ? A GLY 50 ? A GLY 50  ? 1_555 MG ? C MG . ? A MG 402 ? 1_555 O22 ? B ZOW .  ? A ZOW 401 ? 1_555 166.4 ? 
3  OE1 ? A GLU 70 ? A GLU 70  ? 1_555 MG ? C MG . ? A MG 402 ? 1_555 O22 ? B ZOW .  ? A ZOW 401 ? 1_555 89.2  ? 
4  O   ? A GLY 50 ? A GLY 50  ? 1_555 MG ? C MG . ? A MG 402 ? 1_555 O31 ? B ZOW .  ? A ZOW 401 ? 1_555 93.5  ? 
5  OE1 ? A GLU 70 ? A GLU 70  ? 1_555 MG ? C MG . ? A MG 402 ? 1_555 O31 ? B ZOW .  ? A ZOW 401 ? 1_555 170.2 ? 
6  O22 ? B ZOW .  ? A ZOW 401 ? 1_555 MG ? C MG . ? A MG 402 ? 1_555 O31 ? B ZOW .  ? A ZOW 401 ? 1_555 94.7  ? 
7  O   ? A GLY 50 ? A GLY 50  ? 1_555 MG ? C MG . ? A MG 402 ? 1_555 O51 ? B ZOW .  ? A ZOW 401 ? 1_555 99.4  ? 
8  OE1 ? A GLU 70 ? A GLU 70  ? 1_555 MG ? C MG . ? A MG 402 ? 1_555 O51 ? B ZOW .  ? A ZOW 401 ? 1_555 78.9  ? 
9  O22 ? B ZOW .  ? A ZOW 401 ? 1_555 MG ? C MG . ? A MG 402 ? 1_555 O51 ? B ZOW .  ? A ZOW 401 ? 1_555 91.1  ? 
10 O31 ? B ZOW .  ? A ZOW 401 ? 1_555 MG ? C MG . ? A MG 402 ? 1_555 O51 ? B ZOW .  ? A ZOW 401 ? 1_555 92.1  ? 
11 O   ? A GLY 50 ? A GLY 50  ? 1_555 MG ? C MG . ? A MG 402 ? 1_555 O   ? I HOH .  ? A HOH 552 ? 1_555 85.5  ? 
12 OE1 ? A GLU 70 ? A GLU 70  ? 1_555 MG ? C MG . ? A MG 402 ? 1_555 O   ? I HOH .  ? A HOH 552 ? 1_555 93.7  ? 
13 O22 ? B ZOW .  ? A ZOW 401 ? 1_555 MG ? C MG . ? A MG 402 ? 1_555 O   ? I HOH .  ? A HOH 552 ? 1_555 83.0  ? 
14 O31 ? B ZOW .  ? A ZOW 401 ? 1_555 MG ? C MG . ? A MG 402 ? 1_555 O   ? I HOH .  ? A HOH 552 ? 1_555 95.7  ? 
15 O51 ? B ZOW .  ? A ZOW 401 ? 1_555 MG ? C MG . ? A MG 402 ? 1_555 O   ? I HOH .  ? A HOH 552 ? 1_555 170.5 ? 
16 OE2 ? A GLU 66 ? A GLU 66  ? 1_555 MG ? D MG . ? A MG 403 ? 1_555 OE1 ? A GLU 70 ? A GLU 70  ? 1_555 92.4  ? 
17 OE2 ? A GLU 66 ? A GLU 66  ? 1_555 MG ? D MG . ? A MG 403 ? 1_555 O51 ? B ZOW .  ? A ZOW 401 ? 1_555 92.8  ? 
18 OE1 ? A GLU 70 ? A GLU 70  ? 1_555 MG ? D MG . ? A MG 403 ? 1_555 O51 ? B ZOW .  ? A ZOW 401 ? 1_555 77.6  ? 
19 OE2 ? A GLU 66 ? A GLU 66  ? 1_555 MG ? D MG . ? A MG 403 ? 1_555 O   ? I HOH .  ? A HOH 561 ? 1_555 88.6  ? 
20 OE1 ? A GLU 70 ? A GLU 70  ? 1_555 MG ? D MG . ? A MG 403 ? 1_555 O   ? I HOH .  ? A HOH 561 ? 1_555 105.5 ? 
21 O51 ? B ZOW .  ? A ZOW 401 ? 1_555 MG ? D MG . ? A MG 403 ? 1_555 O   ? I HOH .  ? A HOH 561 ? 1_555 176.5 ? 
22 OE2 ? A GLU 66 ? A GLU 66  ? 1_555 MG ? D MG . ? A MG 403 ? 1_555 O   ? I HOH .  ? A HOH 576 ? 1_555 176.1 ? 
23 OE1 ? A GLU 70 ? A GLU 70  ? 1_555 MG ? D MG . ? A MG 403 ? 1_555 O   ? I HOH .  ? A HOH 576 ? 1_555 83.7  ? 
24 O51 ? B ZOW .  ? A ZOW 401 ? 1_555 MG ? D MG . ? A MG 403 ? 1_555 O   ? I HOH .  ? A HOH 576 ? 1_555 87.1  ? 
25 O   ? I HOH .  ? A HOH 561 ? 1_555 MG ? D MG . ? A MG 403 ? 1_555 O   ? I HOH .  ? A HOH 576 ? 1_555 91.8  ? 
26 OE1 ? A GLU 66 ? A GLU 66  ? 1_555 MG ? E MG . ? A MG 404 ? 1_555 O61 ? B ZOW .  ? A ZOW 401 ? 1_555 92.4  ? 
27 OE1 ? A GLU 66 ? A GLU 66  ? 1_555 MG ? E MG . ? A MG 404 ? 1_555 O   ? I HOH .  ? A HOH 564 ? 1_555 88.4  ? 
28 O61 ? B ZOW .  ? A ZOW 401 ? 1_555 MG ? E MG . ? A MG 404 ? 1_555 O   ? I HOH .  ? A HOH 564 ? 1_555 174.5 ? 
29 OE1 ? A GLU 66 ? A GLU 66  ? 1_555 MG ? E MG . ? A MG 404 ? 1_555 O   ? I HOH .  ? A HOH 584 ? 1_555 87.1  ? 
30 O61 ? B ZOW .  ? A ZOW 401 ? 1_555 MG ? E MG . ? A MG 404 ? 1_555 O   ? I HOH .  ? A HOH 584 ? 1_555 92.0  ? 
31 O   ? I HOH .  ? A HOH 564 ? 1_555 MG ? E MG . ? A MG 404 ? 1_555 O   ? I HOH .  ? A HOH 584 ? 1_555 93.6  ? 
32 OE1 ? A GLU 66 ? A GLU 66  ? 1_555 MG ? E MG . ? A MG 404 ? 1_555 O   ? I HOH .  ? A HOH 648 ? 1_555 166.5 ? 
33 O61 ? B ZOW .  ? A ZOW 401 ? 1_555 MG ? E MG . ? A MG 404 ? 1_555 O   ? I HOH .  ? A HOH 648 ? 1_555 95.3  ? 
34 O   ? I HOH .  ? A HOH 564 ? 1_555 MG ? E MG . ? A MG 404 ? 1_555 O   ? I HOH .  ? A HOH 648 ? 1_555 85.0  ? 
35 O   ? I HOH .  ? A HOH 584 ? 1_555 MG ? E MG . ? A MG 404 ? 1_555 O   ? I HOH .  ? A HOH 648 ? 1_555 81.6  ? 
# 
loop_
_struct_sheet.id 
_struct_sheet.type 
_struct_sheet.number_strands 
_struct_sheet.details 
AA1 ? 4 ? 
AA2 ? 3 ? 
# 
loop_
_struct_sheet_order.sheet_id 
_struct_sheet_order.range_id_1 
_struct_sheet_order.range_id_2 
_struct_sheet_order.offset 
_struct_sheet_order.sense 
AA1 1 2 ? anti-parallel 
AA1 2 3 ? parallel      
AA1 3 4 ? anti-parallel 
AA2 1 2 ? anti-parallel 
AA2 2 3 ? anti-parallel 
# 
loop_
_struct_sheet_range.sheet_id 
_struct_sheet_range.id 
_struct_sheet_range.beg_label_comp_id 
_struct_sheet_range.beg_label_asym_id 
_struct_sheet_range.beg_label_seq_id 
_struct_sheet_range.pdbx_beg_PDB_ins_code 
_struct_sheet_range.end_label_comp_id 
_struct_sheet_range.end_label_asym_id 
_struct_sheet_range.end_label_seq_id 
_struct_sheet_range.pdbx_end_PDB_ins_code 
_struct_sheet_range.beg_auth_comp_id 
_struct_sheet_range.beg_auth_asym_id 
_struct_sheet_range.beg_auth_seq_id 
_struct_sheet_range.end_auth_comp_id 
_struct_sheet_range.end_auth_asym_id 
_struct_sheet_range.end_auth_seq_id 
AA1 1 GLY A 50  ? GLY A 52  ? GLY A 50  GLY A 52  
AA1 2 LYS A 18  ? PHE A 26  ? LYS A 18  PHE A 26  
AA1 3 HIS A 91  ? VAL A 103 ? HIS A 91  VAL A 103 
AA1 4 VAL A 73  ? ASN A 86  ? VAL A 73  ASN A 86  
AA2 1 TRP A 46  ? ILE A 47  ? TRP A 46  ILE A 47  
AA2 2 GLU A 33  ? SER A 38  ? GLU A 33  SER A 38  
AA2 3 ARG A 117 ? LYS A 121 ? ARG A 117 LYS A 121 
# 
loop_
_pdbx_struct_sheet_hbond.sheet_id 
_pdbx_struct_sheet_hbond.range_id_1 
_pdbx_struct_sheet_hbond.range_id_2 
_pdbx_struct_sheet_hbond.range_1_label_atom_id 
_pdbx_struct_sheet_hbond.range_1_label_comp_id 
_pdbx_struct_sheet_hbond.range_1_label_asym_id 
_pdbx_struct_sheet_hbond.range_1_label_seq_id 
_pdbx_struct_sheet_hbond.range_1_PDB_ins_code 
_pdbx_struct_sheet_hbond.range_1_auth_atom_id 
_pdbx_struct_sheet_hbond.range_1_auth_comp_id 
_pdbx_struct_sheet_hbond.range_1_auth_asym_id 
_pdbx_struct_sheet_hbond.range_1_auth_seq_id 
_pdbx_struct_sheet_hbond.range_2_label_atom_id 
_pdbx_struct_sheet_hbond.range_2_label_comp_id 
_pdbx_struct_sheet_hbond.range_2_label_asym_id 
_pdbx_struct_sheet_hbond.range_2_label_seq_id 
_pdbx_struct_sheet_hbond.range_2_PDB_ins_code 
_pdbx_struct_sheet_hbond.range_2_auth_atom_id 
_pdbx_struct_sheet_hbond.range_2_auth_comp_id 
_pdbx_struct_sheet_hbond.range_2_auth_asym_id 
_pdbx_struct_sheet_hbond.range_2_auth_seq_id 
AA1 1 2 O GLY A 51 ? O GLY A 51 N ALA A 21  ? N ALA A 21  
AA1 2 3 N PHE A 26 ? N PHE A 26 O VAL A 100 ? O VAL A 100 
AA1 3 4 O VAL A 97 ? O VAL A 97 N GLY A 78  ? N GLY A 78  
AA2 1 2 O ILE A 47 ? O ILE A 47 N VAL A 37  ? N VAL A 37  
AA2 2 3 N VAL A 34 ? N VAL A 34 O PHE A 120 ? O PHE A 120 
# 
_pdbx_validate_torsion.id              1 
_pdbx_validate_torsion.PDB_model_num   1 
_pdbx_validate_torsion.auth_comp_id    GLU 
_pdbx_validate_torsion.auth_asym_id    A 
_pdbx_validate_torsion.auth_seq_id     56 
_pdbx_validate_torsion.PDB_ins_code    ? 
_pdbx_validate_torsion.label_alt_id    ? 
_pdbx_validate_torsion.phi             54.56 
_pdbx_validate_torsion.psi             17.77 
# 
_pdbx_entry_details.entry_id                 8T99 
_pdbx_entry_details.nonpolymer_details       ? 
_pdbx_entry_details.sequence_details         ? 
_pdbx_entry_details.compound_details         ? 
_pdbx_entry_details.source_details           ? 
_pdbx_entry_details.has_ligand_of_interest   Y 
# 
loop_
_pdbx_distant_solvent_atoms.id 
_pdbx_distant_solvent_atoms.PDB_model_num 
_pdbx_distant_solvent_atoms.auth_atom_id 
_pdbx_distant_solvent_atoms.label_alt_id 
_pdbx_distant_solvent_atoms.auth_asym_id 
_pdbx_distant_solvent_atoms.auth_comp_id 
_pdbx_distant_solvent_atoms.auth_seq_id 
_pdbx_distant_solvent_atoms.PDB_ins_code 
_pdbx_distant_solvent_atoms.neighbor_macromolecule_distance 
_pdbx_distant_solvent_atoms.neighbor_ligand_distance 
1 1 O ? A HOH 705 ? 6.03 . 
2 1 O ? A HOH 706 ? 6.06 . 
3 1 O ? A HOH 707 ? 6.30 . 
# 
loop_
_pdbx_unobs_or_zero_occ_residues.id 
_pdbx_unobs_or_zero_occ_residues.PDB_model_num 
_pdbx_unobs_or_zero_occ_residues.polymer_flag 
_pdbx_unobs_or_zero_occ_residues.occupancy_flag 
_pdbx_unobs_or_zero_occ_residues.auth_asym_id 
_pdbx_unobs_or_zero_occ_residues.auth_comp_id 
_pdbx_unobs_or_zero_occ_residues.auth_seq_id 
_pdbx_unobs_or_zero_occ_residues.PDB_ins_code 
_pdbx_unobs_or_zero_occ_residues.label_asym_id 
_pdbx_unobs_or_zero_occ_residues.label_comp_id 
_pdbx_unobs_or_zero_occ_residues.label_seq_id 
1  1 Y 1 A MET 1   ? A MET 1   
2  1 Y 1 A MET 2   ? A MET 2   
3  1 Y 1 A LYS 3   ? A LYS 3   
4  1 Y 1 A LEU 4   ? A LEU 4   
5  1 Y 1 A LYS 5   ? A LYS 5   
6  1 Y 1 A SER 6   ? A SER 6   
7  1 Y 1 A ASN 7   ? A ASN 7   
8  1 Y 1 A LEU 143 ? A LEU 143 
9  1 Y 1 A ARG 144 ? A ARG 144 
10 1 Y 1 A GLN 145 ? A GLN 145 
11 1 Y 1 A GLY 146 ? A GLY 146 
12 1 Y 1 A TYR 147 ? A TYR 147 
13 1 Y 1 A SER 148 ? A SER 148 
# 
loop_
_chem_comp_atom.comp_id 
_chem_comp_atom.atom_id 
_chem_comp_atom.type_symbol 
_chem_comp_atom.pdbx_aromatic_flag 
_chem_comp_atom.pdbx_stereo_config 
_chem_comp_atom.pdbx_ordinal 
ALA N    N  N N 1   
ALA CA   C  N S 2   
ALA C    C  N N 3   
ALA O    O  N N 4   
ALA CB   C  N N 5   
ALA OXT  O  N N 6   
ALA H    H  N N 7   
ALA H2   H  N N 8   
ALA HA   H  N N 9   
ALA HB1  H  N N 10  
ALA HB2  H  N N 11  
ALA HB3  H  N N 12  
ALA HXT  H  N N 13  
ARG N    N  N N 14  
ARG CA   C  N S 15  
ARG C    C  N N 16  
ARG O    O  N N 17  
ARG CB   C  N N 18  
ARG CG   C  N N 19  
ARG CD   C  N N 20  
ARG NE   N  N N 21  
ARG CZ   C  N N 22  
ARG NH1  N  N N 23  
ARG NH2  N  N N 24  
ARG OXT  O  N N 25  
ARG H    H  N N 26  
ARG H2   H  N N 27  
ARG HA   H  N N 28  
ARG HB2  H  N N 29  
ARG HB3  H  N N 30  
ARG HG2  H  N N 31  
ARG HG3  H  N N 32  
ARG HD2  H  N N 33  
ARG HD3  H  N N 34  
ARG HE   H  N N 35  
ARG HH11 H  N N 36  
ARG HH12 H  N N 37  
ARG HH21 H  N N 38  
ARG HH22 H  N N 39  
ARG HXT  H  N N 40  
ASN N    N  N N 41  
ASN CA   C  N S 42  
ASN C    C  N N 43  
ASN O    O  N N 44  
ASN CB   C  N N 45  
ASN CG   C  N N 46  
ASN OD1  O  N N 47  
ASN ND2  N  N N 48  
ASN OXT  O  N N 49  
ASN H    H  N N 50  
ASN H2   H  N N 51  
ASN HA   H  N N 52  
ASN HB2  H  N N 53  
ASN HB3  H  N N 54  
ASN HD21 H  N N 55  
ASN HD22 H  N N 56  
ASN HXT  H  N N 57  
ASP N    N  N N 58  
ASP CA   C  N S 59  
ASP C    C  N N 60  
ASP O    O  N N 61  
ASP CB   C  N N 62  
ASP CG   C  N N 63  
ASP OD1  O  N N 64  
ASP OD2  O  N N 65  
ASP OXT  O  N N 66  
ASP H    H  N N 67  
ASP H2   H  N N 68  
ASP HA   H  N N 69  
ASP HB2  H  N N 70  
ASP HB3  H  N N 71  
ASP HD2  H  N N 72  
ASP HXT  H  N N 73  
CL  CL   CL N N 74  
CYS N    N  N N 75  
CYS CA   C  N R 76  
CYS C    C  N N 77  
CYS O    O  N N 78  
CYS CB   C  N N 79  
CYS SG   S  N N 80  
CYS OXT  O  N N 81  
CYS H    H  N N 82  
CYS H2   H  N N 83  
CYS HA   H  N N 84  
CYS HB2  H  N N 85  
CYS HB3  H  N N 86  
CYS HG   H  N N 87  
CYS HXT  H  N N 88  
F   F    F  N N 89  
GLN N    N  N N 90  
GLN CA   C  N S 91  
GLN C    C  N N 92  
GLN O    O  N N 93  
GLN CB   C  N N 94  
GLN CG   C  N N 95  
GLN CD   C  N N 96  
GLN OE1  O  N N 97  
GLN NE2  N  N N 98  
GLN OXT  O  N N 99  
GLN H    H  N N 100 
GLN H2   H  N N 101 
GLN HA   H  N N 102 
GLN HB2  H  N N 103 
GLN HB3  H  N N 104 
GLN HG2  H  N N 105 
GLN HG3  H  N N 106 
GLN HE21 H  N N 107 
GLN HE22 H  N N 108 
GLN HXT  H  N N 109 
GLU N    N  N N 110 
GLU CA   C  N S 111 
GLU C    C  N N 112 
GLU O    O  N N 113 
GLU CB   C  N N 114 
GLU CG   C  N N 115 
GLU CD   C  N N 116 
GLU OE1  O  N N 117 
GLU OE2  O  N N 118 
GLU OXT  O  N N 119 
GLU H    H  N N 120 
GLU H2   H  N N 121 
GLU HA   H  N N 122 
GLU HB2  H  N N 123 
GLU HB3  H  N N 124 
GLU HG2  H  N N 125 
GLU HG3  H  N N 126 
GLU HE2  H  N N 127 
GLU HXT  H  N N 128 
GLY N    N  N N 129 
GLY CA   C  N N 130 
GLY C    C  N N 131 
GLY O    O  N N 132 
GLY OXT  O  N N 133 
GLY H    H  N N 134 
GLY H2   H  N N 135 
GLY HA2  H  N N 136 
GLY HA3  H  N N 137 
GLY HXT  H  N N 138 
HIS N    N  N N 139 
HIS CA   C  N S 140 
HIS C    C  N N 141 
HIS O    O  N N 142 
HIS CB   C  N N 143 
HIS CG   C  Y N 144 
HIS ND1  N  Y N 145 
HIS CD2  C  Y N 146 
HIS CE1  C  Y N 147 
HIS NE2  N  Y N 148 
HIS OXT  O  N N 149 
HIS H    H  N N 150 
HIS H2   H  N N 151 
HIS HA   H  N N 152 
HIS HB2  H  N N 153 
HIS HB3  H  N N 154 
HIS HD1  H  N N 155 
HIS HD2  H  N N 156 
HIS HE1  H  N N 157 
HIS HE2  H  N N 158 
HIS HXT  H  N N 159 
HOH O    O  N N 160 
HOH H1   H  N N 161 
HOH H2   H  N N 162 
ILE N    N  N N 163 
ILE CA   C  N S 164 
ILE C    C  N N 165 
ILE O    O  N N 166 
ILE CB   C  N S 167 
ILE CG1  C  N N 168 
ILE CG2  C  N N 169 
ILE CD1  C  N N 170 
ILE OXT  O  N N 171 
ILE H    H  N N 172 
ILE H2   H  N N 173 
ILE HA   H  N N 174 
ILE HB   H  N N 175 
ILE HG12 H  N N 176 
ILE HG13 H  N N 177 
ILE HG21 H  N N 178 
ILE HG22 H  N N 179 
ILE HG23 H  N N 180 
ILE HD11 H  N N 181 
ILE HD12 H  N N 182 
ILE HD13 H  N N 183 
ILE HXT  H  N N 184 
LEU N    N  N N 185 
LEU CA   C  N S 186 
LEU C    C  N N 187 
LEU O    O  N N 188 
LEU CB   C  N N 189 
LEU CG   C  N N 190 
LEU CD1  C  N N 191 
LEU CD2  C  N N 192 
LEU OXT  O  N N 193 
LEU H    H  N N 194 
LEU H2   H  N N 195 
LEU HA   H  N N 196 
LEU HB2  H  N N 197 
LEU HB3  H  N N 198 
LEU HG   H  N N 199 
LEU HD11 H  N N 200 
LEU HD12 H  N N 201 
LEU HD13 H  N N 202 
LEU HD21 H  N N 203 
LEU HD22 H  N N 204 
LEU HD23 H  N N 205 
LEU HXT  H  N N 206 
LYS N    N  N N 207 
LYS CA   C  N S 208 
LYS C    C  N N 209 
LYS O    O  N N 210 
LYS CB   C  N N 211 
LYS CG   C  N N 212 
LYS CD   C  N N 213 
LYS CE   C  N N 214 
LYS NZ   N  N N 215 
LYS OXT  O  N N 216 
LYS H    H  N N 217 
LYS H2   H  N N 218 
LYS HA   H  N N 219 
LYS HB2  H  N N 220 
LYS HB3  H  N N 221 
LYS HG2  H  N N 222 
LYS HG3  H  N N 223 
LYS HD2  H  N N 224 
LYS HD3  H  N N 225 
LYS HE2  H  N N 226 
LYS HE3  H  N N 227 
LYS HZ1  H  N N 228 
LYS HZ2  H  N N 229 
LYS HZ3  H  N N 230 
LYS HXT  H  N N 231 
MET N    N  N N 232 
MET CA   C  N S 233 
MET C    C  N N 234 
MET O    O  N N 235 
MET CB   C  N N 236 
MET CG   C  N N 237 
MET SD   S  N N 238 
MET CE   C  N N 239 
MET OXT  O  N N 240 
MET H    H  N N 241 
MET H2   H  N N 242 
MET HA   H  N N 243 
MET HB2  H  N N 244 
MET HB3  H  N N 245 
MET HG2  H  N N 246 
MET HG3  H  N N 247 
MET HE1  H  N N 248 
MET HE2  H  N N 249 
MET HE3  H  N N 250 
MET HXT  H  N N 251 
MG  MG   MG N N 252 
PHE N    N  N N 253 
PHE CA   C  N S 254 
PHE C    C  N N 255 
PHE O    O  N N 256 
PHE CB   C  N N 257 
PHE CG   C  Y N 258 
PHE CD1  C  Y N 259 
PHE CD2  C  Y N 260 
PHE CE1  C  Y N 261 
PHE CE2  C  Y N 262 
PHE CZ   C  Y N 263 
PHE OXT  O  N N 264 
PHE H    H  N N 265 
PHE H2   H  N N 266 
PHE HA   H  N N 267 
PHE HB2  H  N N 268 
PHE HB3  H  N N 269 
PHE HD1  H  N N 270 
PHE HD2  H  N N 271 
PHE HE1  H  N N 272 
PHE HE2  H  N N 273 
PHE HZ   H  N N 274 
PHE HXT  H  N N 275 
PRO N    N  N N 276 
PRO CA   C  N S 277 
PRO C    C  N N 278 
PRO O    O  N N 279 
PRO CB   C  N N 280 
PRO CG   C  N N 281 
PRO CD   C  N N 282 
PRO OXT  O  N N 283 
PRO H    H  N N 284 
PRO HA   H  N N 285 
PRO HB2  H  N N 286 
PRO HB3  H  N N 287 
PRO HG2  H  N N 288 
PRO HG3  H  N N 289 
PRO HD2  H  N N 290 
PRO HD3  H  N N 291 
PRO HXT  H  N N 292 
SER N    N  N N 293 
SER CA   C  N S 294 
SER C    C  N N 295 
SER O    O  N N 296 
SER CB   C  N N 297 
SER OG   O  N N 298 
SER OXT  O  N N 299 
SER H    H  N N 300 
SER H2   H  N N 301 
SER HA   H  N N 302 
SER HB2  H  N N 303 
SER HB3  H  N N 304 
SER HG   H  N N 305 
SER HXT  H  N N 306 
THR N    N  N N 307 
THR CA   C  N S 308 
THR C    C  N N 309 
THR O    O  N N 310 
THR CB   C  N R 311 
THR OG1  O  N N 312 
THR CG2  C  N N 313 
THR OXT  O  N N 314 
THR H    H  N N 315 
THR H2   H  N N 316 
THR HA   H  N N 317 
THR HB   H  N N 318 
THR HG1  H  N N 319 
THR HG21 H  N N 320 
THR HG22 H  N N 321 
THR HG23 H  N N 322 
THR HXT  H  N N 323 
TRP N    N  N N 324 
TRP CA   C  N S 325 
TRP C    C  N N 326 
TRP O    O  N N 327 
TRP CB   C  N N 328 
TRP CG   C  Y N 329 
TRP CD1  C  Y N 330 
TRP CD2  C  Y N 331 
TRP NE1  N  Y N 332 
TRP CE2  C  Y N 333 
TRP CE3  C  Y N 334 
TRP CZ2  C  Y N 335 
TRP CZ3  C  Y N 336 
TRP CH2  C  Y N 337 
TRP OXT  O  N N 338 
TRP H    H  N N 339 
TRP H2   H  N N 340 
TRP HA   H  N N 341 
TRP HB2  H  N N 342 
TRP HB3  H  N N 343 
TRP HD1  H  N N 344 
TRP HE1  H  N N 345 
TRP HE3  H  N N 346 
TRP HZ2  H  N N 347 
TRP HZ3  H  N N 348 
TRP HH2  H  N N 349 
TRP HXT  H  N N 350 
TYR N    N  N N 351 
TYR CA   C  N S 352 
TYR C    C  N N 353 
TYR O    O  N N 354 
TYR CB   C  N N 355 
TYR CG   C  Y N 356 
TYR CD1  C  Y N 357 
TYR CD2  C  Y N 358 
TYR CE1  C  Y N 359 
TYR CE2  C  Y N 360 
TYR CZ   C  Y N 361 
TYR OH   O  N N 362 
TYR OXT  O  N N 363 
TYR H    H  N N 364 
TYR H2   H  N N 365 
TYR HA   H  N N 366 
TYR HB2  H  N N 367 
TYR HB3  H  N N 368 
TYR HD1  H  N N 369 
TYR HD2  H  N N 370 
TYR HE1  H  N N 371 
TYR HE2  H  N N 372 
TYR HH   H  N N 373 
TYR HXT  H  N N 374 
VAL N    N  N N 375 
VAL CA   C  N S 376 
VAL C    C  N N 377 
VAL O    O  N N 378 
VAL CB   C  N N 379 
VAL CG1  C  N N 380 
VAL CG2  C  N N 381 
VAL OXT  O  N N 382 
VAL H    H  N N 383 
VAL H2   H  N N 384 
VAL HA   H  N N 385 
VAL HB   H  N N 386 
VAL HG11 H  N N 387 
VAL HG12 H  N N 388 
VAL HG13 H  N N 389 
VAL HG21 H  N N 390 
VAL HG22 H  N N 391 
VAL HG23 H  N N 392 
VAL HXT  H  N N 393 
ZOW C1   C  N R 394 
ZOW C2   C  N S 395 
ZOW C3   C  N S 396 
ZOW C4   C  N R 397 
ZOW C5   C  N S 398 
ZOW C6   C  N S 399 
ZOW O33  O  N N 400 
ZOW PA3  P  N N 401 
ZOW O23  O  N N 402 
ZOW O43  O  N N 403 
ZOW O13  O  N N 404 
ZOW O12  O  N N 405 
ZOW PA2  P  N N 406 
ZOW O42  O  N N 407 
ZOW O32  O  N N 408 
ZOW O22  O  N N 409 
ZOW O11  O  N N 410 
ZOW PA1  P  N N 411 
ZOW O21  O  N N 412 
ZOW O31  O  N N 413 
ZOW O41  O  N N 414 
ZOW PB1  P  N N 415 
ZOW O71  O  N N 416 
ZOW O51  O  N N 417 
ZOW O61  O  N N 418 
ZOW O16  O  N N 419 
ZOW O15  O  N N 420 
ZOW O14  O  N N 421 
ZOW PA4  P  N N 422 
ZOW O34  O  N N 423 
ZOW O24  O  N N 424 
ZOW O44  O  N N 425 
ZOW PB4  P  N N 426 
ZOW O64  O  N N 427 
ZOW O74  O  N N 428 
ZOW O54  O  N N 429 
ZOW H1   H  N N 430 
ZOW H2   H  N N 431 
ZOW H3   H  N N 432 
ZOW H4   H  N N 433 
ZOW H5   H  N N 434 
ZOW H6   H  N N 435 
ZOW H7   H  N N 436 
ZOW H8   H  N N 437 
ZOW H9   H  N N 438 
ZOW H10  H  N N 439 
ZOW H11  H  N N 440 
ZOW H12  H  N N 441 
ZOW H13  H  N N 442 
ZOW H14  H  N N 443 
ZOW H15  H  N N 444 
ZOW H16  H  N N 445 
ZOW H17  H  N N 446 
ZOW H18  H  N N 447 
# 
loop_
_chem_comp_bond.comp_id 
_chem_comp_bond.atom_id_1 
_chem_comp_bond.atom_id_2 
_chem_comp_bond.value_order 
_chem_comp_bond.pdbx_aromatic_flag 
_chem_comp_bond.pdbx_stereo_config 
_chem_comp_bond.pdbx_ordinal 
ALA N   CA   sing N N 1   
ALA N   H    sing N N 2   
ALA N   H2   sing N N 3   
ALA CA  C    sing N N 4   
ALA CA  CB   sing N N 5   
ALA CA  HA   sing N N 6   
ALA C   O    doub N N 7   
ALA C   OXT  sing N N 8   
ALA CB  HB1  sing N N 9   
ALA CB  HB2  sing N N 10  
ALA CB  HB3  sing N N 11  
ALA OXT HXT  sing N N 12  
ARG N   CA   sing N N 13  
ARG N   H    sing N N 14  
ARG N   H2   sing N N 15  
ARG CA  C    sing N N 16  
ARG CA  CB   sing N N 17  
ARG CA  HA   sing N N 18  
ARG C   O    doub N N 19  
ARG C   OXT  sing N N 20  
ARG CB  CG   sing N N 21  
ARG CB  HB2  sing N N 22  
ARG CB  HB3  sing N N 23  
ARG CG  CD   sing N N 24  
ARG CG  HG2  sing N N 25  
ARG CG  HG3  sing N N 26  
ARG CD  NE   sing N N 27  
ARG CD  HD2  sing N N 28  
ARG CD  HD3  sing N N 29  
ARG NE  CZ   sing N N 30  
ARG NE  HE   sing N N 31  
ARG CZ  NH1  sing N N 32  
ARG CZ  NH2  doub N N 33  
ARG NH1 HH11 sing N N 34  
ARG NH1 HH12 sing N N 35  
ARG NH2 HH21 sing N N 36  
ARG NH2 HH22 sing N N 37  
ARG OXT HXT  sing N N 38  
ASN N   CA   sing N N 39  
ASN N   H    sing N N 40  
ASN N   H2   sing N N 41  
ASN CA  C    sing N N 42  
ASN CA  CB   sing N N 43  
ASN CA  HA   sing N N 44  
ASN C   O    doub N N 45  
ASN C   OXT  sing N N 46  
ASN CB  CG   sing N N 47  
ASN CB  HB2  sing N N 48  
ASN CB  HB3  sing N N 49  
ASN CG  OD1  doub N N 50  
ASN CG  ND2  sing N N 51  
ASN ND2 HD21 sing N N 52  
ASN ND2 HD22 sing N N 53  
ASN OXT HXT  sing N N 54  
ASP N   CA   sing N N 55  
ASP N   H    sing N N 56  
ASP N   H2   sing N N 57  
ASP CA  C    sing N N 58  
ASP CA  CB   sing N N 59  
ASP CA  HA   sing N N 60  
ASP C   O    doub N N 61  
ASP C   OXT  sing N N 62  
ASP CB  CG   sing N N 63  
ASP CB  HB2  sing N N 64  
ASP CB  HB3  sing N N 65  
ASP CG  OD1  doub N N 66  
ASP CG  OD2  sing N N 67  
ASP OD2 HD2  sing N N 68  
ASP OXT HXT  sing N N 69  
CYS N   CA   sing N N 70  
CYS N   H    sing N N 71  
CYS N   H2   sing N N 72  
CYS CA  C    sing N N 73  
CYS CA  CB   sing N N 74  
CYS CA  HA   sing N N 75  
CYS C   O    doub N N 76  
CYS C   OXT  sing N N 77  
CYS CB  SG   sing N N 78  
CYS CB  HB2  sing N N 79  
CYS CB  HB3  sing N N 80  
CYS SG  HG   sing N N 81  
CYS OXT HXT  sing N N 82  
GLN N   CA   sing N N 83  
GLN N   H    sing N N 84  
GLN N   H2   sing N N 85  
GLN CA  C    sing N N 86  
GLN CA  CB   sing N N 87  
GLN CA  HA   sing N N 88  
GLN C   O    doub N N 89  
GLN C   OXT  sing N N 90  
GLN CB  CG   sing N N 91  
GLN CB  HB2  sing N N 92  
GLN CB  HB3  sing N N 93  
GLN CG  CD   sing N N 94  
GLN CG  HG2  sing N N 95  
GLN CG  HG3  sing N N 96  
GLN CD  OE1  doub N N 97  
GLN CD  NE2  sing N N 98  
GLN NE2 HE21 sing N N 99  
GLN NE2 HE22 sing N N 100 
GLN OXT HXT  sing N N 101 
GLU N   CA   sing N N 102 
GLU N   H    sing N N 103 
GLU N   H2   sing N N 104 
GLU CA  C    sing N N 105 
GLU CA  CB   sing N N 106 
GLU CA  HA   sing N N 107 
GLU C   O    doub N N 108 
GLU C   OXT  sing N N 109 
GLU CB  CG   sing N N 110 
GLU CB  HB2  sing N N 111 
GLU CB  HB3  sing N N 112 
GLU CG  CD   sing N N 113 
GLU CG  HG2  sing N N 114 
GLU CG  HG3  sing N N 115 
GLU CD  OE1  doub N N 116 
GLU CD  OE2  sing N N 117 
GLU OE2 HE2  sing N N 118 
GLU OXT HXT  sing N N 119 
GLY N   CA   sing N N 120 
GLY N   H    sing N N 121 
GLY N   H2   sing N N 122 
GLY CA  C    sing N N 123 
GLY CA  HA2  sing N N 124 
GLY CA  HA3  sing N N 125 
GLY C   O    doub N N 126 
GLY C   OXT  sing N N 127 
GLY OXT HXT  sing N N 128 
HIS N   CA   sing N N 129 
HIS N   H    sing N N 130 
HIS N   H2   sing N N 131 
HIS CA  C    sing N N 132 
HIS CA  CB   sing N N 133 
HIS CA  HA   sing N N 134 
HIS C   O    doub N N 135 
HIS C   OXT  sing N N 136 
HIS CB  CG   sing N N 137 
HIS CB  HB2  sing N N 138 
HIS CB  HB3  sing N N 139 
HIS CG  ND1  sing Y N 140 
HIS CG  CD2  doub Y N 141 
HIS ND1 CE1  doub Y N 142 
HIS ND1 HD1  sing N N 143 
HIS CD2 NE2  sing Y N 144 
HIS CD2 HD2  sing N N 145 
HIS CE1 NE2  sing Y N 146 
HIS CE1 HE1  sing N N 147 
HIS NE2 HE2  sing N N 148 
HIS OXT HXT  sing N N 149 
HOH O   H1   sing N N 150 
HOH O   H2   sing N N 151 
ILE N   CA   sing N N 152 
ILE N   H    sing N N 153 
ILE N   H2   sing N N 154 
ILE CA  C    sing N N 155 
ILE CA  CB   sing N N 156 
ILE CA  HA   sing N N 157 
ILE C   O    doub N N 158 
ILE C   OXT  sing N N 159 
ILE CB  CG1  sing N N 160 
ILE CB  CG2  sing N N 161 
ILE CB  HB   sing N N 162 
ILE CG1 CD1  sing N N 163 
ILE CG1 HG12 sing N N 164 
ILE CG1 HG13 sing N N 165 
ILE CG2 HG21 sing N N 166 
ILE CG2 HG22 sing N N 167 
ILE CG2 HG23 sing N N 168 
ILE CD1 HD11 sing N N 169 
ILE CD1 HD12 sing N N 170 
ILE CD1 HD13 sing N N 171 
ILE OXT HXT  sing N N 172 
LEU N   CA   sing N N 173 
LEU N   H    sing N N 174 
LEU N   H2   sing N N 175 
LEU CA  C    sing N N 176 
LEU CA  CB   sing N N 177 
LEU CA  HA   sing N N 178 
LEU C   O    doub N N 179 
LEU C   OXT  sing N N 180 
LEU CB  CG   sing N N 181 
LEU CB  HB2  sing N N 182 
LEU CB  HB3  sing N N 183 
LEU CG  CD1  sing N N 184 
LEU CG  CD2  sing N N 185 
LEU CG  HG   sing N N 186 
LEU CD1 HD11 sing N N 187 
LEU CD1 HD12 sing N N 188 
LEU CD1 HD13 sing N N 189 
LEU CD2 HD21 sing N N 190 
LEU CD2 HD22 sing N N 191 
LEU CD2 HD23 sing N N 192 
LEU OXT HXT  sing N N 193 
LYS N   CA   sing N N 194 
LYS N   H    sing N N 195 
LYS N   H2   sing N N 196 
LYS CA  C    sing N N 197 
LYS CA  CB   sing N N 198 
LYS CA  HA   sing N N 199 
LYS C   O    doub N N 200 
LYS C   OXT  sing N N 201 
LYS CB  CG   sing N N 202 
LYS CB  HB2  sing N N 203 
LYS CB  HB3  sing N N 204 
LYS CG  CD   sing N N 205 
LYS CG  HG2  sing N N 206 
LYS CG  HG3  sing N N 207 
LYS CD  CE   sing N N 208 
LYS CD  HD2  sing N N 209 
LYS CD  HD3  sing N N 210 
LYS CE  NZ   sing N N 211 
LYS CE  HE2  sing N N 212 
LYS CE  HE3  sing N N 213 
LYS NZ  HZ1  sing N N 214 
LYS NZ  HZ2  sing N N 215 
LYS NZ  HZ3  sing N N 216 
LYS OXT HXT  sing N N 217 
MET N   CA   sing N N 218 
MET N   H    sing N N 219 
MET N   H2   sing N N 220 
MET CA  C    sing N N 221 
MET CA  CB   sing N N 222 
MET CA  HA   sing N N 223 
MET C   O    doub N N 224 
MET C   OXT  sing N N 225 
MET CB  CG   sing N N 226 
MET CB  HB2  sing N N 227 
MET CB  HB3  sing N N 228 
MET CG  SD   sing N N 229 
MET CG  HG2  sing N N 230 
MET CG  HG3  sing N N 231 
MET SD  CE   sing N N 232 
MET CE  HE1  sing N N 233 
MET CE  HE2  sing N N 234 
MET CE  HE3  sing N N 235 
MET OXT HXT  sing N N 236 
PHE N   CA   sing N N 237 
PHE N   H    sing N N 238 
PHE N   H2   sing N N 239 
PHE CA  C    sing N N 240 
PHE CA  CB   sing N N 241 
PHE CA  HA   sing N N 242 
PHE C   O    doub N N 243 
PHE C   OXT  sing N N 244 
PHE CB  CG   sing N N 245 
PHE CB  HB2  sing N N 246 
PHE CB  HB3  sing N N 247 
PHE CG  CD1  doub Y N 248 
PHE CG  CD2  sing Y N 249 
PHE CD1 CE1  sing Y N 250 
PHE CD1 HD1  sing N N 251 
PHE CD2 CE2  doub Y N 252 
PHE CD2 HD2  sing N N 253 
PHE CE1 CZ   doub Y N 254 
PHE CE1 HE1  sing N N 255 
PHE CE2 CZ   sing Y N 256 
PHE CE2 HE2  sing N N 257 
PHE CZ  HZ   sing N N 258 
PHE OXT HXT  sing N N 259 
PRO N   CA   sing N N 260 
PRO N   CD   sing N N 261 
PRO N   H    sing N N 262 
PRO CA  C    sing N N 263 
PRO CA  CB   sing N N 264 
PRO CA  HA   sing N N 265 
PRO C   O    doub N N 266 
PRO C   OXT  sing N N 267 
PRO CB  CG   sing N N 268 
PRO CB  HB2  sing N N 269 
PRO CB  HB3  sing N N 270 
PRO CG  CD   sing N N 271 
PRO CG  HG2  sing N N 272 
PRO CG  HG3  sing N N 273 
PRO CD  HD2  sing N N 274 
PRO CD  HD3  sing N N 275 
PRO OXT HXT  sing N N 276 
SER N   CA   sing N N 277 
SER N   H    sing N N 278 
SER N   H2   sing N N 279 
SER CA  C    sing N N 280 
SER CA  CB   sing N N 281 
SER CA  HA   sing N N 282 
SER C   O    doub N N 283 
SER C   OXT  sing N N 284 
SER CB  OG   sing N N 285 
SER CB  HB2  sing N N 286 
SER CB  HB3  sing N N 287 
SER OG  HG   sing N N 288 
SER OXT HXT  sing N N 289 
THR N   CA   sing N N 290 
THR N   H    sing N N 291 
THR N   H2   sing N N 292 
THR CA  C    sing N N 293 
THR CA  CB   sing N N 294 
THR CA  HA   sing N N 295 
THR C   O    doub N N 296 
THR C   OXT  sing N N 297 
THR CB  OG1  sing N N 298 
THR CB  CG2  sing N N 299 
THR CB  HB   sing N N 300 
THR OG1 HG1  sing N N 301 
THR CG2 HG21 sing N N 302 
THR CG2 HG22 sing N N 303 
THR CG2 HG23 sing N N 304 
THR OXT HXT  sing N N 305 
TRP N   CA   sing N N 306 
TRP N   H    sing N N 307 
TRP N   H2   sing N N 308 
TRP CA  C    sing N N 309 
TRP CA  CB   sing N N 310 
TRP CA  HA   sing N N 311 
TRP C   O    doub N N 312 
TRP C   OXT  sing N N 313 
TRP CB  CG   sing N N 314 
TRP CB  HB2  sing N N 315 
TRP CB  HB3  sing N N 316 
TRP CG  CD1  doub Y N 317 
TRP CG  CD2  sing Y N 318 
TRP CD1 NE1  sing Y N 319 
TRP CD1 HD1  sing N N 320 
TRP CD2 CE2  doub Y N 321 
TRP CD2 CE3  sing Y N 322 
TRP NE1 CE2  sing Y N 323 
TRP NE1 HE1  sing N N 324 
TRP CE2 CZ2  sing Y N 325 
TRP CE3 CZ3  doub Y N 326 
TRP CE3 HE3  sing N N 327 
TRP CZ2 CH2  doub Y N 328 
TRP CZ2 HZ2  sing N N 329 
TRP CZ3 CH2  sing Y N 330 
TRP CZ3 HZ3  sing N N 331 
TRP CH2 HH2  sing N N 332 
TRP OXT HXT  sing N N 333 
TYR N   CA   sing N N 334 
TYR N   H    sing N N 335 
TYR N   H2   sing N N 336 
TYR CA  C    sing N N 337 
TYR CA  CB   sing N N 338 
TYR CA  HA   sing N N 339 
TYR C   O    doub N N 340 
TYR C   OXT  sing N N 341 
TYR CB  CG   sing N N 342 
TYR CB  HB2  sing N N 343 
TYR CB  HB3  sing N N 344 
TYR CG  CD1  doub Y N 345 
TYR CG  CD2  sing Y N 346 
TYR CD1 CE1  sing Y N 347 
TYR CD1 HD1  sing N N 348 
TYR CD2 CE2  doub Y N 349 
TYR CD2 HD2  sing N N 350 
TYR CE1 CZ   doub Y N 351 
TYR CE1 HE1  sing N N 352 
TYR CE2 CZ   sing Y N 353 
TYR CE2 HE2  sing N N 354 
TYR CZ  OH   sing N N 355 
TYR OH  HH   sing N N 356 
TYR OXT HXT  sing N N 357 
VAL N   CA   sing N N 358 
VAL N   H    sing N N 359 
VAL N   H2   sing N N 360 
VAL CA  C    sing N N 361 
VAL CA  CB   sing N N 362 
VAL CA  HA   sing N N 363 
VAL C   O    doub N N 364 
VAL C   OXT  sing N N 365 
VAL CB  CG1  sing N N 366 
VAL CB  CG2  sing N N 367 
VAL CB  HB   sing N N 368 
VAL CG1 HG11 sing N N 369 
VAL CG1 HG12 sing N N 370 
VAL CG1 HG13 sing N N 371 
VAL CG2 HG21 sing N N 372 
VAL CG2 HG22 sing N N 373 
VAL CG2 HG23 sing N N 374 
VAL OXT HXT  sing N N 375 
ZOW O54 PB4  doub N N 376 
ZOW PB4 O64  sing N N 377 
ZOW PB4 O74  sing N N 378 
ZOW PB4 O44  sing N N 379 
ZOW O23 PA3  doub N N 380 
ZOW O44 PA4  sing N N 381 
ZOW PA3 O33  sing N N 382 
ZOW PA3 O43  sing N N 383 
ZOW PA3 O13  sing N N 384 
ZOW PA4 O34  doub N N 385 
ZOW PA4 O24  sing N N 386 
ZOW PA4 O14  sing N N 387 
ZOW O13 C3   sing N N 388 
ZOW O14 C4   sing N N 389 
ZOW O32 PA2  doub N N 390 
ZOW C3  C4   sing N N 391 
ZOW C3  C2   sing N N 392 
ZOW C4  C5   sing N N 393 
ZOW O42 PA2  sing N N 394 
ZOW O12 PA2  sing N N 395 
ZOW O12 C2   sing N N 396 
ZOW PA2 O22  sing N N 397 
ZOW C2  C1   sing N N 398 
ZOW C5  O15  sing N N 399 
ZOW C5  C6   sing N N 400 
ZOW C1  C6   sing N N 401 
ZOW C1  O11  sing N N 402 
ZOW C6  O16  sing N N 403 
ZOW O31 PA1  doub N N 404 
ZOW O11 PA1  sing N N 405 
ZOW PA1 O21  sing N N 406 
ZOW PA1 O41  sing N N 407 
ZOW O51 PB1  doub N N 408 
ZOW O41 PB1  sing N N 409 
ZOW O71 PB1  sing N N 410 
ZOW PB1 O61  sing N N 411 
ZOW C1  H1   sing N N 412 
ZOW C2  H2   sing N N 413 
ZOW C3  H3   sing N N 414 
ZOW C4  H4   sing N N 415 
ZOW C5  H5   sing N N 416 
ZOW C6  H6   sing N N 417 
ZOW O33 H7   sing N N 418 
ZOW O43 H8   sing N N 419 
ZOW O42 H9   sing N N 420 
ZOW O22 H10  sing N N 421 
ZOW O21 H11  sing N N 422 
ZOW O71 H12  sing N N 423 
ZOW O61 H13  sing N N 424 
ZOW O16 H14  sing N N 425 
ZOW O15 H15  sing N N 426 
ZOW O24 H16  sing N N 427 
ZOW O64 H17  sing N N 428 
ZOW O74 H18  sing N N 429 
# 
_pdbx_audit_support.funding_organization   
'National Institutes of Health/National Institute of Environmental Health Sciences (NIH/NIEHS)' 
_pdbx_audit_support.country                'United States' 
_pdbx_audit_support.grant_number           1ZIAES080046-31 
_pdbx_audit_support.ordinal                1 
# 
loop_
_pdbx_entity_instance_feature.ordinal 
_pdbx_entity_instance_feature.comp_id 
_pdbx_entity_instance_feature.asym_id 
_pdbx_entity_instance_feature.seq_num 
_pdbx_entity_instance_feature.auth_comp_id 
_pdbx_entity_instance_feature.auth_asym_id 
_pdbx_entity_instance_feature.auth_seq_num 
_pdbx_entity_instance_feature.feature_type 
_pdbx_entity_instance_feature.details 
1 CL  ? ? CL  ? ? 'SUBJECT OF INVESTIGATION' ? 
2 F   ? ? F   ? ? 'SUBJECT OF INVESTIGATION' ? 
3 MG  ? ? MG  ? ? 'SUBJECT OF INVESTIGATION' ? 
4 ZOW ? ? ZOW ? ? 'SUBJECT OF INVESTIGATION' ? 
# 
_atom_sites.entry_id                    8T99 
_atom_sites.Cartn_transf_matrix[1][1]   ? 
_atom_sites.Cartn_transf_matrix[1][2]   ? 
_atom_sites.Cartn_transf_matrix[1][3]   ? 
_atom_sites.Cartn_transf_matrix[2][1]   ? 
_atom_sites.Cartn_transf_matrix[2][2]   ? 
_atom_sites.Cartn_transf_matrix[2][3]   ? 
_atom_sites.Cartn_transf_matrix[3][1]   ? 
_atom_sites.Cartn_transf_matrix[3][2]   ? 
_atom_sites.Cartn_transf_matrix[3][3]   ? 
_atom_sites.Cartn_transf_vector[1]      ? 
_atom_sites.Cartn_transf_vector[2]      ? 
_atom_sites.Cartn_transf_vector[3]      ? 
_atom_sites.fract_transf_matrix[1][1]   -0.01717750 
_atom_sites.fract_transf_matrix[1][2]   0.01341624 
_atom_sites.fract_transf_matrix[1][3]   0.00108695 
_atom_sites.fract_transf_matrix[2][1]   -0.00729997 
_atom_sites.fract_transf_matrix[2][2]   -0.00832628 
_atom_sites.fract_transf_matrix[2][3]   -0.01259297 
_atom_sites.fract_transf_matrix[3][1]   -0.00697408 
_atom_sites.fract_transf_matrix[3][2]   -0.00978074 
_atom_sites.fract_transf_matrix[3][3]   0.01050966 
_atom_sites.fract_transf_vector[1]      0.117430 
_atom_sites.fract_transf_vector[2]      0.129428 
_atom_sites.fract_transf_vector[3]      0.230955 
_atom_sites.solution_primary            ? 
_atom_sites.solution_secondary          ? 
_atom_sites.solution_hydrogens          ? 
_atom_sites.special_details             ? 
# 
loop_
_atom_type.symbol 
C  
CL 
F  
MG 
N  
O  
P  
S  
# 
loop_
_atom_site.group_PDB 
_atom_site.id 
_atom_site.type_symbol 
_atom_site.label_atom_id 
_atom_site.label_alt_id 
_atom_site.label_comp_id 
_atom_site.label_asym_id 
_atom_site.label_entity_id 
_atom_site.label_seq_id 
_atom_site.pdbx_PDB_ins_code 
_atom_site.Cartn_x 
_atom_site.Cartn_y 
_atom_site.Cartn_z 
_atom_site.occupancy 
_atom_site.B_iso_or_equiv 
_atom_site.pdbx_formal_charge 
_atom_site.auth_seq_id 
_atom_site.auth_comp_id 
_atom_site.auth_asym_id 
_atom_site.auth_atom_id 
_atom_site.pdbx_PDB_model_num 
ATOM   1    N  N   . GLN A 1 8   ? -16.059 -2.990  6.494   1.00 50.05 ? 8   GLN A N   1 
ATOM   2    C  CA  . GLN A 1 8   ? -15.649 -1.563  6.390   1.00 50.81 ? 8   GLN A CA  1 
ATOM   3    C  C   . GLN A 1 8   ? -15.739 -0.849  7.753   1.00 44.42 ? 8   GLN A C   1 
ATOM   4    O  O   . GLN A 1 8   ? -15.683 0.410   7.781   1.00 47.02 ? 8   GLN A O   1 
ATOM   5    C  CB  . GLN A 1 8   ? -16.486 -0.836  5.339   1.00 60.42 ? 8   GLN A CB  1 
ATOM   6    C  CG  . GLN A 1 8   ? -17.949 -1.232  5.304   1.00 70.67 ? 8   GLN A CG  1 
ATOM   7    C  CD  . GLN A 1 8   ? -18.489 -1.035  3.911   1.00 79.59 ? 8   GLN A CD  1 
ATOM   8    O  OE1 . GLN A 1 8   ? -18.498 -1.960  3.100   1.00 86.28 ? 8   GLN A OE1 1 
ATOM   9    N  NE2 . GLN A 1 8   ? -18.904 0.189   3.613   1.00 87.99 ? 8   GLN A NE2 1 
ATOM   10   N  N   . THR A 1 9   ? -15.803 -1.592  8.854   1.00 35.57 ? 9   THR A N   1 
ATOM   11   C  CA  . THR A 1 9   ? -15.650 -1.013  10.212  1.00 29.30 ? 9   THR A CA  1 
ATOM   12   C  C   . THR A 1 9   ? -14.180 -0.644  10.436  1.00 24.63 ? 9   THR A C   1 
ATOM   13   O  O   . THR A 1 9   ? -13.328 -1.546  10.343  1.00 26.02 ? 9   THR A O   1 
ATOM   14   C  CB  . THR A 1 9   ? -16.119 -1.974  11.304  1.00 32.22 ? 9   THR A CB  1 
ATOM   15   O  OG1 . THR A 1 9   ? -17.503 -2.191  11.028  1.00 31.73 ? 9   THR A OG1 1 
ATOM   16   C  CG2 . THR A 1 9   ? -15.909 -1.399  12.690  1.00 28.59 ? 9   THR A CG2 1 
ATOM   17   N  N   . ARG A 1 10  ? -13.909 0.617   10.781  1.00 20.84 ? 10  ARG A N   1 
ATOM   18   C  CA  . ARG A 1 10  ? -12.534 1.074   11.070  1.00 18.95 ? 10  ARG A CA  1 
ATOM   19   C  C   . ARG A 1 10  ? -12.126 0.586   12.468  1.00 17.58 ? 10  ARG A C   1 
ATOM   20   O  O   . ARG A 1 10  ? -12.987 0.449   13.364  1.00 16.26 ? 10  ARG A O   1 
ATOM   21   C  CB  . ARG A 1 10  ? -12.464 2.598   10.957  1.00 20.47 ? 10  ARG A CB  1 
ATOM   22   C  CG  . ARG A 1 10  ? -12.653 3.120   9.545   1.00 22.74 ? 10  ARG A CG  1 
ATOM   23   C  CD  . ARG A 1 10  ? -12.681 4.626   9.595   1.00 27.80 ? 10  ARG A CD  1 
ATOM   24   N  NE  . ARG A 1 10  ? -12.790 5.281   8.301   1.00 37.13 ? 10  ARG A NE  1 
ATOM   25   C  CZ  . ARG A 1 10  ? -13.927 5.514   7.642   1.00 41.22 ? 10  ARG A CZ  1 
ATOM   26   N  NH1 . ARG A 1 10  ? -15.079 5.090   8.129   1.00 41.85 ? 10  ARG A NH1 1 
ATOM   27   N  NH2 . ARG A 1 10  ? -13.899 6.145   6.477   1.00 39.21 ? 10  ARG A NH2 1 
ATOM   28   N  N   . THR A 1 11  ? -10.839 0.379   12.658  1.00 14.08 ? 11  THR A N   1 
ATOM   29   C  CA  . THR A 1 11  ? -10.257 -0.082  13.911  1.00 12.64 ? 11  THR A CA  1 
ATOM   30   C  C   . THR A 1 11  ? -9.118  0.854   14.311  1.00 13.95 ? 11  THR A C   1 
ATOM   31   O  O   . THR A 1 11  ? -8.565  1.619   13.448  1.00 13.24 ? 11  THR A O   1 
ATOM   32   C  CB  . THR A 1 11  ? -9.809  -1.537  13.857  1.00 13.10 ? 11  THR A CB  1 
ATOM   33   O  OG1 . THR A 1 11  ? -8.695  -1.669  12.959  1.00 14.94 ? 11  THR A OG1 1 
ATOM   34   C  CG2 . THR A 1 11  ? -10.909 -2.500  13.469  1.00 13.78 ? 11  THR A CG2 1 
ATOM   35   N  N   . TYR A 1 12  ? -8.819  0.825   15.599  1.00 12.72 ? 12  TYR A N   1 
ATOM   36   C  CA  . TYR A 1 12  ? -7.986  1.858   16.261  1.00 14.14 ? 12  TYR A CA  1 
ATOM   37   C  C   . TYR A 1 12  ? -7.104  1.222   17.327  1.00 14.09 ? 12  TYR A C   1 
ATOM   38   O  O   . TYR A 1 12  ? -7.456  0.270   18.015  1.00 13.79 ? 12  TYR A O   1 
ATOM   39   C  CB  . TYR A 1 12  ? -8.847  2.959   16.842  1.00 14.25 ? 12  TYR A CB  1 
ATOM   40   C  CG  . TYR A 1 12  ? -9.722  3.615   15.823  1.00 16.13 ? 12  TYR A CG  1 
ATOM   41   C  CD1 . TYR A 1 12  ? -10.968 3.093   15.484  1.00 15.84 ? 12  TYR A CD1 1 
ATOM   42   C  CD2 . TYR A 1 12  ? -9.295  4.764   15.194  1.00 16.54 ? 12  TYR A CD2 1 
ATOM   43   C  CE1 . TYR A 1 12  ? -11.790 3.703   14.558  1.00 16.25 ? 12  TYR A CE1 1 
ATOM   44   C  CE2 . TYR A 1 12  ? -10.095 5.378   14.252  1.00 16.85 ? 12  TYR A CE2 1 
ATOM   45   C  CZ  . TYR A 1 12  ? -11.333 4.844   13.916  1.00 18.32 ? 12  TYR A CZ  1 
ATOM   46   O  OH  . TYR A 1 12  ? -12.139 5.461   12.984  1.00 20.23 ? 12  TYR A OH  1 
ATOM   47   N  N   . ASP A 1 13  ? -5.904  1.761   17.441  1.00 12.45 ? 13  ASP A N   1 
ATOM   48   C  CA  . ASP A 1 13  ? -5.000  1.448   18.556  1.00 13.92 ? 13  ASP A CA  1 
ATOM   49   C  C   . ASP A 1 13  ? -5.528  2.145   19.809  1.00 13.03 ? 13  ASP A C   1 
ATOM   50   O  O   . ASP A 1 13  ? -6.433  2.992   19.716  1.00 14.13 ? 13  ASP A O   1 
ATOM   51   C  CB  . ASP A 1 13  ? -3.534  1.779   18.222  1.00 14.91 ? 13  ASP A CB  1 
ATOM   52   C  CG  . ASP A 1 13  ? -2.931  0.856   17.178  1.00 17.15 ? 13  ASP A CG  1 
ATOM   53   O  OD1 . ASP A 1 13  ? -3.147  -0.414  17.244  1.00 16.38 ? 13  ASP A OD1 1 
ATOM   54   O  OD2 . ASP A 1 13  ? -2.235  1.380   16.259  1.00 19.83 ? 13  ASP A OD2 1 
ATOM   55   N  N   . GLY A 1 14  ? -4.966  1.765   20.949  1.00 14.21 ? 14  GLY A N   1 
ATOM   56   C  CA  . GLY A 1 14  ? -5.398  2.277   22.263  1.00 14.17 ? 14  GLY A CA  1 
ATOM   57   C  C   . GLY A 1 14  ? -5.263  3.777   22.346  1.00 14.70 ? 14  GLY A C   1 
ATOM   58   O  O   . GLY A 1 14  ? -5.989  4.384   23.142  1.00 16.83 ? 14  GLY A O   1 
ATOM   59   N  N   . ASP A 1 15  ? -4.348  4.383   21.560  1.00 14.66 ? 15  ASP A N   1 
ATOM   60   C  CA  . ASP A 1 15  ? -4.158  5.855   21.527  1.00 14.57 ? 15  ASP A CA  1 
ATOM   61   C  C   . ASP A 1 15  ? -5.106  6.543   20.549  1.00 14.52 ? 15  ASP A C   1 
ATOM   62   O  O   . ASP A 1 15  ? -5.052  7.784   20.409  1.00 15.41 ? 15  ASP A O   1 
ATOM   63   C  CB  . ASP A 1 15  ? -2.690  6.168   21.271  1.00 17.50 ? 15  ASP A CB  1 
ATOM   64   C  CG  . ASP A 1 15  ? -2.195  5.734   19.896  1.00 20.08 ? 15  ASP A CG  1 
ATOM   65   O  OD1 . ASP A 1 15  ? -3.002  5.181   19.081  1.00 17.16 ? 15  ASP A OD1 1 
ATOM   66   O  OD2 . ASP A 1 15  ? -1.010  6.045   19.615  1.00 22.04 ? 15  ASP A OD2 1 
ATOM   67   N  N   . GLY A 1 16  ? -6.026  5.819   19.889  1.00 13.87 ? 16  GLY A N   1 
ATOM   68   C  CA  . GLY A 1 16  ? -7.018  6.416   19.001  1.00 14.77 ? 16  GLY A CA  1 
ATOM   69   C  C   . GLY A 1 16  ? -6.529  6.549   17.563  1.00 13.61 ? 16  GLY A C   1 
ATOM   70   O  O   . GLY A 1 16  ? -7.291  7.069   16.738  1.00 16.45 ? 16  GLY A O   1 
ATOM   71   N  N   . TYR A 1 17  ? -5.317  6.120   17.274  1.00 14.32 ? 17  TYR A N   1 
ATOM   72   C  CA  . TYR A 1 17  ? -4.836  6.150   15.873  1.00 13.46 ? 17  TYR A CA  1 
ATOM   73   C  C   . TYR A 1 17  ? -5.553  5.051   15.099  1.00 13.44 ? 17  TYR A C   1 
ATOM   74   O  O   . TYR A 1 17  ? -5.594  3.903   15.566  1.00 13.21 ? 17  TYR A O   1 
ATOM   75   C  CB  . TYR A 1 17  ? -3.327  5.981   15.757  1.00 14.83 ? 17  TYR A CB  1 
ATOM   76   C  CG  . TYR A 1 17  ? -2.521  7.220   16.047  1.00 17.43 ? 17  TYR A CG  1 
ATOM   77   C  CD1 . TYR A 1 17  ? -2.871  8.099   17.058  1.00 20.91 ? 17  TYR A CD1 1 
ATOM   78   C  CD2 . TYR A 1 17  ? -1.368  7.455   15.321  1.00 17.00 ? 17  TYR A CD2 1 
ATOM   79   C  CE1 . TYR A 1 17  ? -2.093  9.223   17.338  1.00 24.16 ? 17  TYR A CE1 1 
ATOM   80   C  CE2 . TYR A 1 17  ? -0.599  8.587   15.573  1.00 20.13 ? 17  TYR A CE2 1 
ATOM   81   C  CZ  . TYR A 1 17  ? -0.960  9.453   16.575  1.00 21.66 ? 17  TYR A CZ  1 
ATOM   82   O  OH  . TYR A 1 17  ? -0.137  10.523  16.792  1.00 25.77 ? 17  TYR A OH  1 
ATOM   83   N  N   . LYS A 1 18  ? -5.950  5.338   13.868  1.00 12.48 ? 18  LYS A N   1 
ATOM   84   C  CA  . LYS A 1 18  ? -6.558  4.335   12.963  1.00 12.69 ? 18  LYS A CA  1 
ATOM   85   C  C   . LYS A 1 18  ? -5.529  3.304   12.543  1.00 12.84 ? 18  LYS A C   1 
ATOM   86   O  O   . LYS A 1 18  ? -4.380  3.678   12.191  1.00 13.08 ? 18  LYS A O   1 
ATOM   87   C  CB  . LYS A 1 18  ? -7.132  5.021   11.736  1.00 15.11 ? 18  LYS A CB  1 
ATOM   88   C  CG  . LYS A 1 18  ? -7.851  4.068   10.808  1.00 17.79 ? 18  LYS A CG  1 
ATOM   89   C  CD  . LYS A 1 18  ? -8.296  4.739   9.502   1.00 24.04 ? 18  LYS A CD  1 
ATOM   90   C  CE  . LYS A 1 18  ? -8.333  3.781   8.331   1.00 29.40 ? 18  LYS A CE  1 
ATOM   91   N  NZ  . LYS A 1 18  ? -8.910  4.425   7.127   1.00 30.16 ? 18  LYS A NZ  1 
ATOM   92   N  N   . LYS A 1 19  ? -5.887  2.030   12.588  1.00 12.61 ? 19  LYS A N   1 
ATOM   93   C  CA  . LYS A 1 19  ? -4.963  0.946   12.235  1.00 13.08 ? 19  LYS A CA  1 
ATOM   94   C  C   . LYS A 1 19  ? -5.067  0.707   10.730  1.00 12.88 ? 19  LYS A C   1 
ATOM   95   O  O   . LYS A 1 19  ? -6.185  0.494   10.214  1.00 13.45 ? 19  LYS A O   1 
ATOM   96   C  CB  . LYS A 1 19  ? -5.325  -0.328  12.984  1.00 14.03 ? 19  LYS A CB  1 
ATOM   97   C  CG  . LYS A 1 19  ? -5.330  -0.175  14.497  1.00 14.76 ? 19  LYS A CG  1 
ATOM   98   C  CD  . LYS A 1 19  ? -5.607  -1.507  15.228  1.00 15.07 ? 19  LYS A CD  1 
ATOM   99   C  CE  . LYS A 1 19  ? -4.606  -2.597  14.942  1.00 16.37 ? 19  LYS A CE  1 
ATOM   100  N  NZ  . LYS A 1 19  ? -3.197  -2.173  15.121  1.00 17.69 ? 19  LYS A NZ  1 
ATOM   101  N  N   . ARG A 1 20  ? -3.904  0.662   10.075  1.00 11.62 ? 20  ARG A N   1 
ATOM   102  C  CA  . ARG A 1 20  ? -3.788  0.452   8.611   1.00 12.47 ? 20  ARG A CA  1 
ATOM   103  C  C   . ARG A 1 20  ? -2.698  -0.543  8.288   1.00 10.90 ? 20  ARG A C   1 
ATOM   104  O  O   . ARG A 1 20  ? -1.832  -0.804  9.116   1.00 11.59 ? 20  ARG A O   1 
ATOM   105  C  CB  . ARG A 1 20  ? -3.450  1.755   7.890   1.00 11.03 ? 20  ARG A CB  1 
ATOM   106  C  CG  . ARG A 1 20  ? -4.428  2.892   8.128   1.00 11.95 ? 20  ARG A CG  1 
ATOM   107  C  CD  . ARG A 1 20  ? -4.056  4.137   7.352   1.00 12.25 ? 20  ARG A CD  1 
ATOM   108  N  NE  . ARG A 1 20  ? -4.277  4.042   5.925   1.00 11.39 ? 20  ARG A NE  1 
ATOM   109  C  CZ  . ARG A 1 20  ? -3.322  3.897   4.987   1.00 12.00 ? 20  ARG A CZ  1 
ATOM   110  N  NH1 . ARG A 1 20  ? -3.670  3.830   3.713   1.00 12.35 ? 20  ARG A NH1 1 
ATOM   111  N  NH2 . ARG A 1 20  ? -2.053  3.729   5.317   1.00 12.23 ? 20  ARG A NH2 1 
ATOM   112  N  N   . ALA A 1 21  ? -2.788  -1.087  7.076   1.00 10.89 ? 21  ALA A N   1 
ATOM   113  C  CA  . ALA A 1 21  ? -1.706  -1.929  6.567   1.00 11.88 ? 21  ALA A CA  1 
ATOM   114  C  C   . ALA A 1 21  ? -1.544  -1.687  5.081   1.00 11.45 ? 21  ALA A C   1 
ATOM   115  O  O   . ALA A 1 21  ? -2.507  -1.277  4.407   1.00 11.69 ? 21  ALA A O   1 
ATOM   116  C  CB  . ALA A 1 21  ? -1.962  -3.378  6.902   1.00 13.24 ? 21  ALA A CB  1 
ATOM   117  N  N   . ALA A 1 22  ? -0.320  -1.886  4.593   1.00 11.10 ? 22  ALA A N   1 
ATOM   118  C  CA  . ALA A 1 22  ? 0.026   -1.565  3.192   1.00 11.94 ? 22  ALA A CA  1 
ATOM   119  C  C   . ALA A 1 22  ? 1.135   -2.493  2.755   1.00 11.73 ? 22  ALA A C   1 
ATOM   120  O  O   . ALA A 1 22  ? 1.821   -3.076  3.603   1.00 11.85 ? 22  ALA A O   1 
ATOM   121  C  CB  . ALA A 1 22  ? 0.521   -0.151  3.107   1.00 11.45 ? 22  ALA A CB  1 
ATOM   122  N  N   . CYS A 1 23  ? 1.313   -2.663  1.442   1.00 11.88 ? 23  CYS A N   1 
ATOM   123  C  CA  . CYS A 1 23  ? 2.478   -3.387  0.926   1.00 12.98 ? 23  CYS A CA  1 
ATOM   124  C  C   . CYS A 1 23  ? 3.236   -2.517  -0.060  1.00 12.62 ? 23  CYS A C   1 
ATOM   125  O  O   . CYS A 1 23  ? 2.613   -1.777  -0.887  1.00 12.22 ? 23  CYS A O   1 
ATOM   126  C  CB  . CYS A 1 23  ? 2.160   -4.671  0.175   1.00 13.47 ? 23  CYS A CB  1 
ATOM   127  S  SG  . CYS A 1 23  ? 1.237   -5.910  1.148   1.00 14.78 ? 23  CYS A SG  1 
ATOM   128  N  N   . LEU A 1 24  ? 4.546   -2.665  0.013   1.00 13.34 ? 24  LEU A N   1 
ATOM   129  C  CA  . LEU A 1 24  ? 5.471   -2.321  -1.075  1.00 12.97 ? 24  LEU A CA  1 
ATOM   130  C  C   . LEU A 1 24  ? 5.415   -3.475  -2.069  1.00 12.85 ? 24  LEU A C   1 
ATOM   131  O  O   . LEU A 1 24  ? 5.929   -4.567  -1.779  1.00 12.83 ? 24  LEU A O   1 
ATOM   132  C  CB  . LEU A 1 24  ? 6.877   -2.092  -0.523  1.00 13.62 ? 24  LEU A CB  1 
ATOM   133  C  CG  . LEU A 1 24  ? 7.023   -1.182  0.693   1.00 13.99 ? 24  LEU A CG  1 
ATOM   134  C  CD1 . LEU A 1 24  ? 8.489   -0.949  1.040   1.00 15.92 ? 24  LEU A CD1 1 
ATOM   135  C  CD2 . LEU A 1 24  ? 6.334   0.127   0.403   1.00 15.79 ? 24  LEU A CD2 1 
ATOM   136  N  N   . CYS A 1 25  ? 4.739   -3.240  -3.165  1.00 12.46 ? 25  CYS A N   1 
ATOM   137  C  CA  . CYS A 1 25  ? 4.443   -4.272  -4.187  1.00 12.32 ? 25  CYS A CA  1 
ATOM   138  C  C   . CYS A 1 25  ? 5.549   -4.236  -5.244  1.00 12.85 ? 25  CYS A C   1 
ATOM   139  O  O   . CYS A 1 25  ? 5.511   -3.335  -6.124  1.00 13.29 ? 25  CYS A O   1 
ATOM   140  C  CB  . CYS A 1 25  ? 3.101   -4.009  -4.812  1.00 13.18 ? 25  CYS A CB  1 
ATOM   141  S  SG  . CYS A 1 25  ? 1.700   -4.083  -3.672  1.00 14.50 ? 25  CYS A SG  1 
ATOM   142  N  N   . PHE A 1 26  ? 6.559   -5.070  -5.089  1.00 12.11 ? 26  PHE A N   1 
ATOM   143  C  CA  . PHE A 1 26  ? 7.728   -5.054  -6.006  1.00 14.17 ? 26  PHE A CA  1 
ATOM   144  C  C   . PHE A 1 26  ? 7.456   -5.958  -7.199  1.00 14.05 ? 26  PHE A C   1 
ATOM   145  O  O   . PHE A 1 26  ? 6.792   -7.013  -7.087  1.00 13.15 ? 26  PHE A O   1 
ATOM   146  C  CB  . PHE A 1 26  ? 9.000   -5.475  -5.300  1.00 14.72 ? 26  PHE A CB  1 
ATOM   147  C  CG  . PHE A 1 26  ? 9.421   -4.535  -4.199  1.00 15.58 ? 26  PHE A CG  1 
ATOM   148  C  CD1 . PHE A 1 26  ? 9.831   -3.245  -4.501  1.00 16.24 ? 26  PHE A CD1 1 
ATOM   149  C  CD2 . PHE A 1 26  ? 9.368   -4.925  -2.881  1.00 16.85 ? 26  PHE A CD2 1 
ATOM   150  C  CE1 . PHE A 1 26  ? 10.225  -2.377  -3.494  1.00 18.14 ? 26  PHE A CE1 1 
ATOM   151  C  CE2 . PHE A 1 26  ? 9.763   -4.048  -1.875  1.00 18.04 ? 26  PHE A CE2 1 
ATOM   152  C  CZ  . PHE A 1 26  ? 10.173  -2.776  -2.196  1.00 16.59 ? 26  PHE A CZ  1 
ATOM   153  N  N   . ARG A 1 27  ? 8.073   -5.600  -8.308  1.00 14.78 ? 27  ARG A N   1 
ATOM   154  C  CA  . ARG A 1 27  ? 7.899   -6.335  -9.577  1.00 15.80 ? 27  ARG A CA  1 
ATOM   155  C  C   . ARG A 1 27  ? 8.620   -7.685  -9.472  1.00 17.94 ? 27  ARG A C   1 
ATOM   156  O  O   . ARG A 1 27  ? 8.167   -8.648  -10.139 1.00 21.38 ? 27  ARG A O   1 
ATOM   157  C  CB  . ARG A 1 27  ? 8.350   -5.390  -10.699 1.00 19.12 ? 27  ARG A CB  1 
ATOM   158  C  CG  . ARG A 1 27  ? 7.904   -5.834  -12.067 1.00 24.35 ? 27  ARG A CG  1 
ATOM   159  C  CD  . ARG A 1 27  ? 8.313   -4.758  -13.033 1.00 23.55 ? 27  ARG A CD  1 
ATOM   160  N  NE  . ARG A 1 27  ? 7.880   -5.238  -14.309 1.00 27.33 ? 27  ARG A NE  1 
ATOM   161  C  CZ  . ARG A 1 27  ? 7.955   -4.542  -15.421 1.00 28.32 ? 27  ARG A CZ  1 
ATOM   162  N  NH1 . ARG A 1 27  ? 7.532   -5.087  -16.546 1.00 31.34 ? 27  ARG A NH1 1 
ATOM   163  N  NH2 . ARG A 1 27  ? 8.486   -3.332  -15.415 1.00 30.19 ? 27  ARG A NH2 1 
ATOM   164  N  N   . SER A 1 28  ? 9.659   -7.791  -8.654  1.00 16.81 ? 28  SER A N   1 
ATOM   165  C  CA  . SER A 1 28  ? 10.527  -8.982  -8.523  1.00 17.86 ? 28  SER A CA  1 
ATOM   166  C  C   . SER A 1 28  ? 11.307  -8.954  -7.215  1.00 17.87 ? 28  SER A C   1 
ATOM   167  O  O   . SER A 1 28  ? 11.318  -7.936  -6.533  1.00 17.13 ? 28  SER A O   1 
ATOM   168  C  CB  . SER A 1 28  ? 11.514  -9.049  -9.692  1.00 18.98 ? 28  SER A CB  1 
ATOM   169  O  OG  . SER A 1 28  ? 12.661  -8.185  -9.458  1.00 18.93 ? 28  SER A OG  1 
ATOM   170  N  N   . GLU A 1 29  ? 11.974  -10.068 -6.889  1.00 19.27 ? 29  GLU A N   1 
ATOM   171  C  CA  . GLU A 1 29  ? 12.814  -10.166 -5.675  1.00 21.70 ? 29  GLU A CA  1 
ATOM   172  C  C   . GLU A 1 29  ? 13.953  -9.139  -5.696  1.00 20.85 ? 29  GLU A C   1 
ATOM   173  O  O   . GLU A 1 29  ? 14.521  -8.907  -4.616  1.00 23.56 ? 29  GLU A O   1 
ATOM   174  C  CB  . GLU A 1 29  ? 13.323  -11.601 -5.513  1.00 26.64 ? 29  GLU A CB  1 
ATOM   175  C  CG  . GLU A 1 29  ? 12.223  -12.521 -5.024  1.00 34.30 ? 29  GLU A CG  1 
ATOM   176  C  CD  . GLU A 1 29  ? 12.577  -14.001 -4.973  1.00 46.52 ? 29  GLU A CD  1 
ATOM   177  O  OE1 . GLU A 1 29  ? 11.844  -14.755 -4.296  1.00 52.67 ? 29  GLU A OE1 1 
ATOM   178  O  OE2 . GLU A 1 29  ? 13.569  -14.401 -5.624  1.00 57.56 ? 29  GLU A OE2 1 
ATOM   179  N  N   . SER A 1 30  ? 14.276  -8.515  -6.834  1.00 20.31 ? 30  SER A N   1 
ATOM   180  C  CA  A SER A 1 30  ? 15.349  -7.480  -6.837  0.51 22.05 ? 30  SER A CA  1 
ATOM   181  C  CA  B SER A 1 30  ? 15.313  -7.444  -6.914  0.49 20.61 ? 30  SER A CA  1 
ATOM   182  C  C   . SER A 1 30  ? 14.864  -6.197  -6.135  1.00 20.63 ? 30  SER A C   1 
ATOM   183  O  O   . SER A 1 30  ? 15.717  -5.420  -5.714  1.00 21.44 ? 30  SER A O   1 
ATOM   184  C  CB  A SER A 1 30  ? 15.938  -7.238  -8.200  0.51 23.59 ? 30  SER A CB  1 
ATOM   185  C  CB  B SER A 1 30  ? 15.645  -7.104  -8.336  0.49 21.30 ? 30  SER A CB  1 
ATOM   186  O  OG  A SER A 1 30  ? 15.157  -6.331  -8.966  0.51 26.65 ? 30  SER A OG  1 
ATOM   187  O  OG  B SER A 1 30  ? 16.079  -8.243  -9.059  0.49 19.21 ? 30  SER A OG  1 
ATOM   188  N  N   . GLU A 1 31  ? 13.547  -6.014  -5.935  1.00 19.03 ? 31  GLU A N   1 
ATOM   189  C  CA  . GLU A 1 31  ? 12.985  -4.832  -5.227  1.00 18.10 ? 31  GLU A CA  1 
ATOM   190  C  C   . GLU A 1 31  ? 13.478  -3.515  -5.874  1.00 19.30 ? 31  GLU A C   1 
ATOM   191  O  O   . GLU A 1 31  ? 13.851  -2.566  -5.139  1.00 20.14 ? 31  GLU A O   1 
ATOM   192  C  CB  . GLU A 1 31  ? 13.266  -4.918  -3.731  1.00 18.91 ? 31  GLU A CB  1 
ATOM   193  C  CG  . GLU A 1 31  ? 12.824  -6.219  -3.119  1.00 20.51 ? 31  GLU A CG  1 
ATOM   194  C  CD  . GLU A 1 31  ? 12.978  -6.311  -1.615  1.00 23.83 ? 31  GLU A CD  1 
ATOM   195  O  OE1 . GLU A 1 31  ? 13.571  -5.408  -1.034  1.00 26.82 ? 31  GLU A OE1 1 
ATOM   196  O  OE2 . GLU A 1 31  ? 12.516  -7.297  -1.031  1.00 24.95 ? 31  GLU A OE2 1 
ATOM   197  N  N   . GLU A 1 32  ? 13.525  -3.457  -7.201  1.00 19.05 ? 32  GLU A N   1 
ATOM   198  C  CA  . GLU A 1 32  ? 13.962  -2.260  -7.961  1.00 18.54 ? 32  GLU A CA  1 
ATOM   199  C  C   . GLU A 1 32  ? 12.782  -1.422  -8.440  1.00 18.59 ? 32  GLU A C   1 
ATOM   200  O  O   . GLU A 1 32  ? 12.989  -0.215  -8.727  1.00 17.12 ? 32  GLU A O   1 
ATOM   201  C  CB  . GLU A 1 32  ? 14.827  -2.696  -9.155  1.00 22.20 ? 32  GLU A CB  1 
ATOM   202  C  CG  . GLU A 1 32  ? 16.176  -3.177  -8.662  1.00 25.62 ? 32  GLU A CG  1 
ATOM   203  C  CD  . GLU A 1 32  ? 17.070  -3.855  -9.675  1.00 31.83 ? 32  GLU A CD  1 
ATOM   204  O  OE1 . GLU A 1 32  ? 16.603  -4.127  -10.798 1.00 35.31 ? 32  GLU A OE1 1 
ATOM   205  O  OE2 . GLU A 1 32  ? 18.222  -4.149  -9.302  1.00 40.85 ? 32  GLU A OE2 1 
ATOM   206  N  N   . GLU A 1 33  ? 11.592  -2.013  -8.620  1.00 14.59 ? 33  GLU A N   1 
ATOM   207  C  CA  . GLU A 1 33  ? 10.430  -1.298  -9.153  1.00 13.80 ? 33  GLU A CA  1 
ATOM   208  C  C   . GLU A 1 33  ? 9.280   -1.643  -8.226  1.00 13.02 ? 33  GLU A C   1 
ATOM   209  O  O   . GLU A 1 33  ? 9.141   -2.829  -7.856  1.00 14.38 ? 33  GLU A O   1 
ATOM   210  C  CB  . GLU A 1 33  ? 10.058  -1.686  -10.587 1.00 16.39 ? 33  GLU A CB  1 
ATOM   211  C  CG  . GLU A 1 33  ? 11.101  -1.248  -11.605 1.00 21.01 ? 33  GLU A CG  1 
ATOM   212  C  CD  . GLU A 1 33  ? 10.768  -1.352  -13.084 1.00 25.19 ? 33  GLU A CD  1 
ATOM   213  O  OE1 . GLU A 1 33  ? 9.603   -1.463  -13.464 1.00 27.68 ? 33  GLU A OE1 1 
ATOM   214  O  OE2 . GLU A 1 33  ? 11.729  -1.272  -13.882 1.00 33.57 ? 33  GLU A OE2 1 
ATOM   215  N  N   . VAL A 1 34  ? 8.475   -0.652  -7.930  1.00 12.90 ? 34  VAL A N   1 
ATOM   216  C  CA  . VAL A 1 34  ? 7.343   -0.796  -6.994  1.00 12.20 ? 34  VAL A CA  1 
ATOM   217  C  C   . VAL A 1 34  ? 6.083   -0.257  -7.666  1.00 13.62 ? 34  VAL A C   1 
ATOM   218  O  O   . VAL A 1 34  ? 6.132   0.705   -8.410  1.00 12.79 ? 34  VAL A O   1 
ATOM   219  C  CB  . VAL A 1 34  ? 7.670   -0.067  -5.675  1.00 12.84 ? 34  VAL A CB  1 
ATOM   220  C  CG1 . VAL A 1 34  ? 7.759   1.437   -5.832  1.00 12.90 ? 34  VAL A CG1 1 
ATOM   221  C  CG2 . VAL A 1 34  ? 6.667   -0.420  -4.595  1.00 13.07 ? 34  VAL A CG2 1 
ATOM   222  N  N   . LEU A 1 35  ? 4.932   -0.822  -7.307  1.00 13.04 ? 35  LEU A N   1 
ATOM   223  C  CA  . LEU A 1 35  ? 3.633   -0.433  -7.856  1.00 13.64 ? 35  LEU A CA  1 
ATOM   224  C  C   . LEU A 1 35  ? 2.982   0.617   -6.969  1.00 13.09 ? 35  LEU A C   1 
ATOM   225  O  O   . LEU A 1 35  ? 2.729   0.373   -5.789  1.00 14.23 ? 35  LEU A O   1 
ATOM   226  C  CB  . LEU A 1 35  ? 2.726   -1.660  -7.949  1.00 14.22 ? 35  LEU A CB  1 
ATOM   227  C  CG  . LEU A 1 35  ? 1.509   -1.458  -8.833  1.00 13.83 ? 35  LEU A CG  1 
ATOM   228  C  CD1 . LEU A 1 35  ? 1.903   -1.419  -10.301 1.00 14.81 ? 35  LEU A CD1 1 
ATOM   229  C  CD2 . LEU A 1 35  ? 0.541   -2.618  -8.580  1.00 16.63 ? 35  LEU A CD2 1 
ATOM   230  N  N   . LEU A 1 36  ? 2.749   1.795   -7.513  1.00 12.36 ? 36  LEU A N   1 
ATOM   231  C  CA  . LEU A 1 36  ? 1.909   2.810   -6.847  1.00 12.82 ? 36  LEU A CA  1 
ATOM   232  C  C   . LEU A 1 36  ? 0.539   2.877   -7.503  1.00 12.64 ? 36  LEU A C   1 
ATOM   233  O  O   . LEU A 1 36  ? 0.359   2.395   -8.653  1.00 12.00 ? 36  LEU A O   1 
ATOM   234  C  CB  . LEU A 1 36  ? 2.584   4.179   -6.855  1.00 12.83 ? 36  LEU A CB  1 
ATOM   235  C  CG  . LEU A 1 36  ? 3.989   4.238   -6.273  1.00 12.48 ? 36  LEU A CG  1 
ATOM   236  C  CD1 . LEU A 1 36  ? 4.534   5.668   -6.299  1.00 12.44 ? 36  LEU A CD1 1 
ATOM   237  C  CD2 . LEU A 1 36  ? 3.997   3.696   -4.841  1.00 12.59 ? 36  LEU A CD2 1 
ATOM   238  N  N   . VAL A 1 37  ? -0.423  3.389   -6.755  1.00 12.98 ? 37  VAL A N   1 
ATOM   239  C  CA  . VAL A 1 37  ? -1.786  3.600   -7.272  1.00 13.43 ? 37  VAL A CA  1 
ATOM   240  C  C   . VAL A 1 37  ? -2.161  5.078   -7.183  1.00 12.37 ? 37  VAL A C   1 
ATOM   241  O  O   . VAL A 1 37  ? -1.510  5.854   -6.420  1.00 12.46 ? 37  VAL A O   1 
ATOM   242  C  CB  . VAL A 1 37  ? -2.827  2.678   -6.630  1.00 13.31 ? 37  VAL A CB  1 
ATOM   243  C  CG1 . VAL A 1 37  ? -2.410  1.215   -6.768  1.00 12.69 ? 37  VAL A CG1 1 
ATOM   244  C  CG2 . VAL A 1 37  ? -3.088  3.074   -5.187  1.00 13.37 ? 37  VAL A CG2 1 
ATOM   245  N  N   . SER A 1 38  ? -3.171  5.495   -7.941  1.00 12.28 ? 38  SER A N   1 
ATOM   246  C  CA  . SER A 1 38  ? -3.607  6.901   -7.927  1.00 13.56 ? 38  SER A CA  1 
ATOM   247  C  C   . SER A 1 38  ? -4.336  7.211   -6.606  1.00 14.97 ? 38  SER A C   1 
ATOM   248  O  O   . SER A 1 38  ? -5.048  6.330   -6.098  1.00 16.45 ? 38  SER A O   1 
ATOM   249  C  CB  . SER A 1 38  ? -4.429  7.216   -9.126  1.00 14.18 ? 38  SER A CB  1 
ATOM   250  O  OG  . SER A 1 38  ? -5.519  6.331   -9.256  1.00 15.06 ? 38  SER A OG  1 
ATOM   251  N  N   . SER A 1 39  ? -4.087  8.391   -6.047  1.00 15.87 ? 39  SER A N   1 
ATOM   252  C  CA  . SER A 1 39  ? -4.910  8.978   -4.958  1.00 18.49 ? 39  SER A CA  1 
ATOM   253  C  C   . SER A 1 39  ? -6.399  8.955   -5.338  1.00 19.91 ? 39  SER A C   1 
ATOM   254  O  O   . SER A 1 39  ? -6.767  9.368   -6.459  1.00 20.15 ? 39  SER A O   1 
ATOM   255  C  CB  . SER A 1 39  ? -4.399  10.368  -4.645  1.00 19.88 ? 39  SER A CB  1 
ATOM   256  O  OG  . SER A 1 39  ? -5.342  11.089  -3.858  1.00 20.76 ? 39  SER A OG  1 
ATOM   257  N  N   . SER A 1 40  ? -7.286  8.615   -4.421  1.00 18.87 ? 40  SER A N   1 
ATOM   258  C  CA  . SER A 1 40  ? -8.753  8.747   -4.621  1.00 21.85 ? 40  SER A CA  1 
ATOM   259  C  C   . SER A 1 40  ? -9.138  10.247  -4.590  1.00 25.71 ? 40  SER A C   1 
ATOM   260  O  O   . SER A 1 40  ? -10.016 10.651  -5.365  1.00 25.61 ? 40  SER A O   1 
ATOM   261  C  CB  . SER A 1 40  ? -9.512  7.936   -3.604  1.00 21.20 ? 40  SER A CB  1 
ATOM   262  O  OG  . SER A 1 40  ? -9.203  8.432   -2.302  1.00 20.83 ? 40  SER A OG  1 
ATOM   263  N  N   . ARG A 1 41  ? -8.523  11.048  -3.719  1.00 26.14 ? 41  ARG A N   1 
ATOM   264  C  CA  . ARG A 1 41  ? -8.905  12.478  -3.507  1.00 31.61 ? 41  ARG A CA  1 
ATOM   265  C  C   . ARG A 1 41  ? -8.377  13.306  -4.680  1.00 31.33 ? 41  ARG A C   1 
ATOM   266  O  O   . ARG A 1 41  ? -9.081  14.218  -5.129  1.00 32.58 ? 41  ARG A O   1 
ATOM   267  C  CB  . ARG A 1 41  ? -8.330  13.032  -2.201  1.00 35.96 ? 41  ARG A CB  1 
ATOM   268  C  CG  . ARG A 1 41  ? -8.643  14.500  -1.926  1.00 44.80 ? 41  ARG A CG  1 
ATOM   269  C  CD  . ARG A 1 41  ? -9.517  14.745  -0.700  1.00 54.88 ? 41  ARG A CD  1 
ATOM   270  N  NE  . ARG A 1 41  ? -10.903 14.295  -0.822  1.00 61.77 ? 41  ARG A NE  1 
ATOM   271  C  CZ  . ARG A 1 41  ? -11.679 13.854  0.182   1.00 64.65 ? 41  ARG A CZ  1 
ATOM   272  N  NH1 . ARG A 1 41  ? -11.218 13.751  1.418   1.00 62.59 ? 41  ARG A NH1 1 
ATOM   273  N  NH2 . ARG A 1 41  ? -12.929 13.492  -0.065  1.00 67.08 ? 41  ARG A NH2 1 
ATOM   274  N  N   . HIS A 1 42  ? -7.156  13.017  -5.132  1.00 29.10 ? 42  HIS A N   1 
ATOM   275  C  CA  . HIS A 1 42  ? -6.459  13.757  -6.210  1.00 27.39 ? 42  HIS A CA  1 
ATOM   276  C  C   . HIS A 1 42  ? -5.829  12.758  -7.172  1.00 23.56 ? 42  HIS A C   1 
ATOM   277  O  O   . HIS A 1 42  ? -4.640  12.483  -7.053  1.00 20.66 ? 42  HIS A O   1 
ATOM   278  C  CB  . HIS A 1 42  ? -5.446  14.715  -5.602  1.00 29.07 ? 42  HIS A CB  1 
ATOM   279  C  CG  . HIS A 1 42  ? -6.130  15.827  -4.882  1.00 40.10 ? 42  HIS A CG  1 
ATOM   280  N  ND1 . HIS A 1 42  ? -6.373  15.796  -3.517  1.00 46.66 ? 42  HIS A ND1 1 
ATOM   281  C  CD2 . HIS A 1 42  ? -6.695  16.964  -5.347  1.00 41.44 ? 42  HIS A CD2 1 
ATOM   282  C  CE1 . HIS A 1 42  ? -7.002  16.900  -3.162  1.00 45.59 ? 42  HIS A CE1 1 
ATOM   283  N  NE2 . HIS A 1 42  ? -7.216  17.629  -4.270  1.00 48.65 ? 42  HIS A NE2 1 
ATOM   284  N  N   . PRO A 1 43  ? -6.588  12.269  -8.176  1.00 23.43 ? 43  PRO A N   1 
ATOM   285  C  CA  . PRO A 1 43  ? -6.110  11.203  -9.051  1.00 21.70 ? 43  PRO A CA  1 
ATOM   286  C  C   . PRO A 1 43  ? -4.856  11.475  -9.875  1.00 19.35 ? 43  PRO A C   1 
ATOM   287  O  O   . PRO A 1 43  ? -4.349  10.531  -10.479 1.00 20.21 ? 43  PRO A O   1 
ATOM   288  C  CB  . PRO A 1 43  ? -7.287  10.929  -9.978  1.00 21.96 ? 43  PRO A CB  1 
ATOM   289  C  CG  . PRO A 1 43  ? -8.470  11.247  -9.098  1.00 23.52 ? 43  PRO A CG  1 
ATOM   290  C  CD  . PRO A 1 43  ? -8.030  12.502  -8.365  1.00 23.84 ? 43  PRO A CD  1 
ATOM   291  N  N   . ASP A 1 44  ? -4.394  12.713  -9.883  1.00 18.86 ? 44  ASP A N   1 
ATOM   292  C  CA  . ASP A 1 44  ? -3.137  13.035  -10.584 1.00 20.23 ? 44  ASP A CA  1 
ATOM   293  C  C   . ASP A 1 44  ? -1.959  12.788  -9.635  1.00 18.90 ? 44  ASP A C   1 
ATOM   294  O  O   . ASP A 1 44  ? -0.846  12.970  -10.035 1.00 21.41 ? 44  ASP A O   1 
ATOM   295  C  CB  . ASP A 1 44  ? -3.171  14.439  -11.195 1.00 24.52 ? 44  ASP A CB  1 
ATOM   296  C  CG  . ASP A 1 44  ? -3.275  15.586  -10.213 1.00 30.36 ? 44  ASP A CG  1 
ATOM   297  O  OD1 . ASP A 1 44  ? -3.477  15.360  -9.059  1.00 30.82 ? 44  ASP A OD1 1 
ATOM   298  O  OD2 . ASP A 1 44  ? -3.192  16.712  -10.660 1.00 36.58 ? 44  ASP A OD2 1 
ATOM   299  N  N   . ARG A 1 45  ? -2.227  12.318  -8.423  1.00 18.71 ? 45  ARG A N   1 
ATOM   300  C  CA  . ARG A 1 45  ? -1.130  12.019  -7.470  1.00 16.44 ? 45  ARG A CA  1 
ATOM   301  C  C   . ARG A 1 45  ? -1.034  10.505  -7.246  1.00 13.54 ? 45  ARG A C   1 
ATOM   302  O  O   . ARG A 1 45  ? -1.991  9.841   -7.549  1.00 15.19 ? 45  ARG A O   1 
ATOM   303  C  CB  . ARG A 1 45  ? -1.374  12.707  -6.134  1.00 20.30 ? 45  ARG A CB  1 
ATOM   304  C  CG  . ARG A 1 45  ? -1.387  14.222  -6.227  1.00 22.94 ? 45  ARG A CG  1 
ATOM   305  C  CD  . ARG A 1 45  ? -1.568  14.744  -4.824  1.00 29.56 ? 45  ARG A CD  1 
ATOM   306  N  NE  . ARG A 1 45  ? -1.376  16.175  -4.724  1.00 32.57 ? 45  ARG A NE  1 
ATOM   307  C  CZ  . ARG A 1 45  ? -1.824  16.891  -3.713  1.00 42.21 ? 45  ARG A CZ  1 
ATOM   308  N  NH1 . ARG A 1 45  ? -2.549  16.311  -2.770  1.00 38.85 ? 45  ARG A NH1 1 
ATOM   309  N  NH2 . ARG A 1 45  ? -1.594  18.184  -3.679  1.00 42.09 ? 45  ARG A NH2 1 
ATOM   310  N  N   . TRP A 1 46  ? 0.111   10.059  -6.741  1.00 12.35 ? 46  TRP A N   1 
ATOM   311  C  CA  . TRP A 1 46  ? 0.407   8.626   -6.472  1.00 10.87 ? 46  TRP A CA  1 
ATOM   312  C  C   . TRP A 1 46  ? 0.547   8.354   -4.968  1.00 12.71 ? 46  TRP A C   1 
ATOM   313  O  O   . TRP A 1 46  ? 1.043   9.208   -4.254  1.00 13.95 ? 46  TRP A O   1 
ATOM   314  C  CB  . TRP A 1 46  ? 1.691   8.197   -7.193  1.00 12.12 ? 46  TRP A CB  1 
ATOM   315  C  CG  . TRP A 1 46  ? 1.586   8.334   -8.675  1.00 13.22 ? 46  TRP A CG  1 
ATOM   316  C  CD1 . TRP A 1 46  ? 2.110   9.331   -9.434  1.00 13.42 ? 46  TRP A CD1 1 
ATOM   317  C  CD2 . TRP A 1 46  ? 0.900   7.457   -9.573  1.00 13.28 ? 46  TRP A CD2 1 
ATOM   318  N  NE1 . TRP A 1 46  ? 1.806   9.126   -10.747 1.00 14.01 ? 46  TRP A NE1 1 
ATOM   319  C  CE2 . TRP A 1 46  ? 1.044   7.997   -10.859 1.00 13.82 ? 46  TRP A CE2 1 
ATOM   320  C  CE3 . TRP A 1 46  ? 0.170   6.274   -9.419  1.00 13.42 ? 46  TRP A CE3 1 
ATOM   321  C  CZ2 . TRP A 1 46  ? 0.480   7.382   -11.970 1.00 14.60 ? 46  TRP A CZ2 1 
ATOM   322  C  CZ3 . TRP A 1 46  ? -0.393  5.671   -10.514 1.00 13.95 ? 46  TRP A CZ3 1 
ATOM   323  C  CH2 . TRP A 1 46  ? -0.235  6.226   -11.780 1.00 15.33 ? 46  TRP A CH2 1 
ATOM   324  N  N   . ILE A 1 47  ? 0.092   7.173   -4.561  1.00 12.07 ? 47  ILE A N   1 
ATOM   325  C  CA  . ILE A 1 47  ? 0.196   6.709   -3.150  1.00 10.85 ? 47  ILE A CA  1 
ATOM   326  C  C   . ILE A 1 47  ? 0.608   5.234   -3.155  1.00 11.16 ? 47  ILE A C   1 
ATOM   327  O  O   . ILE A 1 47  ? 0.532   4.607   -4.157  1.00 11.82 ? 47  ILE A O   1 
ATOM   328  C  CB  . ILE A 1 47  ? -1.166  6.822   -2.436  1.00 11.50 ? 47  ILE A CB  1 
ATOM   329  C  CG1 . ILE A 1 47  ? -2.163  5.816   -3.015  1.00 12.49 ? 47  ILE A CG1 1 
ATOM   330  C  CG2 . ILE A 1 47  ? -1.721  8.238   -2.465  1.00 12.35 ? 47  ILE A CG2 1 
ATOM   331  C  CD1 . ILE A 1 47  ? -3.465  5.736   -2.261  1.00 12.22 ? 47  ILE A CD1 1 
ATOM   332  N  N   . VAL A 1 48  ? 1.032   4.757   -2.006  1.00 9.62  ? 48  VAL A N   1 
ATOM   333  C  CA  . VAL A 1 48  ? 1.269   3.316   -1.745  1.00 10.12 ? 48  VAL A CA  1 
ATOM   334  C  C   . VAL A 1 48  ? -0.090  2.710   -1.413  1.00 11.08 ? 48  VAL A C   1 
ATOM   335  O  O   . VAL A 1 48  ? -0.764  3.201   -0.509  1.00 11.91 ? 48  VAL A O   1 
ATOM   336  C  CB  . VAL A 1 48  ? 2.270   3.108   -0.613  1.00 10.79 ? 48  VAL A CB  1 
ATOM   337  C  CG1 . VAL A 1 48  ? 2.445   1.657   -0.255  1.00 10.91 ? 48  VAL A CG1 1 
ATOM   338  C  CG2 . VAL A 1 48  ? 3.633   3.675   -0.921  1.00 11.26 ? 48  VAL A CG2 1 
ATOM   339  N  N   . PRO A 1 49  ? -0.487  1.625   -2.090  1.00 10.65 ? 49  PRO A N   1 
ATOM   340  C  CA  . PRO A 1 49  ? -1.796  1.023   -1.798  1.00 11.70 ? 49  PRO A CA  1 
ATOM   341  C  C   . PRO A 1 49  ? -1.834  0.486   -0.353  1.00 11.43 ? 49  PRO A C   1 
ATOM   342  O  O   . PRO A 1 49  ? -0.899  -0.132  0.124   1.00 11.99 ? 49  PRO A O   1 
ATOM   343  C  CB  . PRO A 1 49  ? -1.898  -0.153  -2.790  1.00 11.72 ? 49  PRO A CB  1 
ATOM   344  C  CG  . PRO A 1 49  ? -0.457  -0.459  -3.190  1.00 11.35 ? 49  PRO A CG  1 
ATOM   345  C  CD  . PRO A 1 49  ? 0.246   0.885   -3.143  1.00 11.64 ? 49  PRO A CD  1 
ATOM   346  N  N   . GLY A 1 50  ? -2.969  0.671   0.329   1.00 11.68 ? 50  GLY A N   1 
ATOM   347  C  CA  . GLY A 1 50  ? -3.074  0.326   1.753   1.00 12.41 ? 50  GLY A CA  1 
ATOM   348  C  C   . GLY A 1 50  ? -4.430  0.737   2.265   1.00 11.04 ? 50  GLY A C   1 
ATOM   349  O  O   . GLY A 1 50  ? -5.131  1.515   1.628   1.00 11.34 ? 50  GLY A O   1 
ATOM   350  N  N   . GLY A 1 51  ? -4.790  0.337   3.463   1.00 11.43 ? 51  GLY A N   1 
ATOM   351  C  CA  . GLY A 1 51  ? -6.066  0.731   4.062   1.00 11.17 ? 51  GLY A CA  1 
ATOM   352  C  C   . GLY A 1 51  ? -6.253  0.196   5.460   1.00 12.19 ? 51  GLY A C   1 
ATOM   353  O  O   . GLY A 1 51  ? -5.355  -0.380  6.093   1.00 11.94 ? 51  GLY A O   1 
ATOM   354  N  N   . GLY A 1 52  ? -7.501  0.315   5.907   1.00 12.54 ? 52  GLY A N   1 
ATOM   355  C  CA  . GLY A 1 52  ? -7.862  0.016   7.288   1.00 12.71 ? 52  GLY A CA  1 
ATOM   356  C  C   . GLY A 1 52  ? -7.861  -1.461  7.598   1.00 12.91 ? 52  GLY A C   1 
ATOM   357  O  O   . GLY A 1 52  ? -8.343  -2.295  6.786   1.00 13.62 ? 52  GLY A O   1 
ATOM   358  N  N   . MET A 1 53  ? -7.341  -1.814  8.751   1.00 13.55 ? 53  MET A N   1 
ATOM   359  C  CA  A MET A 1 53  ? -7.480  -3.203  9.268   0.51 13.51 ? 53  MET A CA  1 
ATOM   360  C  CA  B MET A 1 53  ? -7.490  -3.199  9.269   0.49 13.06 ? 53  MET A CA  1 
ATOM   361  C  C   . MET A 1 53  ? -8.934  -3.402  9.751   1.00 14.48 ? 53  MET A C   1 
ATOM   362  O  O   . MET A 1 53  ? -9.530  -2.488  10.354  1.00 14.90 ? 53  MET A O   1 
ATOM   363  C  CB  A MET A 1 53  ? -6.468  -3.483  10.384  0.51 14.06 ? 53  MET A CB  1 
ATOM   364  C  CB  B MET A 1 53  ? -6.554  -3.471  10.436  0.49 12.76 ? 53  MET A CB  1 
ATOM   365  C  CG  A MET A 1 53  ? -5.004  -3.542  9.892   0.51 14.60 ? 53  MET A CG  1 
ATOM   366  C  CG  B MET A 1 53  ? -5.096  -3.249  10.128  0.49 12.66 ? 53  MET A CG  1 
ATOM   367  S  SD  A MET A 1 53  ? -3.690  -3.426  11.143  0.51 17.23 ? 53  MET A SD  1 
ATOM   368  S  SD  B MET A 1 53  ? -4.126  -3.999  11.421  0.49 13.61 ? 53  MET A SD  1 
ATOM   369  C  CE  A MET A 1 53  ? -3.900  -5.005  11.960  0.51 16.51 ? 53  MET A CE  1 
ATOM   370  C  CE  B MET A 1 53  ? -2.603  -3.065  11.302  0.49 11.56 ? 53  MET A CE  1 
ATOM   371  N  N   A GLU A 1 54  ? -9.511  -4.568  9.470   0.50 13.81 ? 54  GLU A N   1 
ATOM   372  N  N   B GLU A 1 54  ? -9.497  -4.576  9.483   0.50 14.68 ? 54  GLU A N   1 
ATOM   373  C  CA  A GLU A 1 54  ? -10.858 -4.905  9.982   0.50 14.58 ? 54  GLU A CA  1 
ATOM   374  C  CA  B GLU A 1 54  ? -10.845 -4.924  9.984   0.50 16.37 ? 54  GLU A CA  1 
ATOM   375  C  C   A GLU A 1 54  ? -10.716 -5.428  11.410  0.50 13.46 ? 54  GLU A C   1 
ATOM   376  C  C   B GLU A 1 54  ? -10.714 -5.443  11.410  0.50 14.27 ? 54  GLU A C   1 
ATOM   377  O  O   A GLU A 1 54  ? -9.641  -5.815  11.869  0.50 14.51 ? 54  GLU A O   1 
ATOM   378  O  O   B GLU A 1 54  ? -9.640  -5.831  11.870  0.50 14.99 ? 54  GLU A O   1 
ATOM   379  C  CB  A GLU A 1 54  ? -11.522 -5.933  9.059   0.50 15.15 ? 54  GLU A CB  1 
ATOM   380  C  CB  B GLU A 1 54  ? -11.480 -5.942  9.033   0.50 18.89 ? 54  GLU A CB  1 
ATOM   381  C  CG  A GLU A 1 54  ? -11.696 -5.456  7.629   0.50 16.14 ? 54  GLU A CG  1 
ATOM   382  C  CG  B GLU A 1 54  ? -11.946 -5.297  7.747   0.50 22.47 ? 54  GLU A CG  1 
ATOM   383  C  CD  A GLU A 1 54  ? -12.126 -6.551  6.667   0.50 17.45 ? 54  GLU A CD  1 
ATOM   384  C  CD  B GLU A 1 54  ? -13.120 -4.354  7.952   0.50 26.74 ? 54  GLU A CD  1 
ATOM   385  O  OE1 A GLU A 1 54  ? -12.178 -7.709  7.098   0.50 20.29 ? 54  GLU A OE1 1 
ATOM   386  O  OE1 B GLU A 1 54  ? -14.196 -4.831  8.384   0.50 30.95 ? 54  GLU A OE1 1 
ATOM   387  O  OE2 A GLU A 1 54  ? -12.360 -6.237  5.480   0.50 20.21 ? 54  GLU A OE2 1 
ATOM   388  O  OE2 B GLU A 1 54  ? -12.963 -3.155  7.678   0.50 37.18 ? 54  GLU A OE2 1 
ATOM   389  N  N   . PRO A 1 55  ? -11.825 -5.511  12.190  1.00 14.46 ? 55  PRO A N   1 
ATOM   390  C  CA  . PRO A 1 55  ? -11.723 -6.080  13.515  1.00 14.01 ? 55  PRO A CA  1 
ATOM   391  C  C   . PRO A 1 55  ? -11.135 -7.487  13.494  1.00 14.91 ? 55  PRO A C   1 
ATOM   392  O  O   . PRO A 1 55  ? -11.552 -8.292  12.628  1.00 15.33 ? 55  PRO A O   1 
ATOM   393  C  CB  . PRO A 1 55  ? -13.184 -6.049  13.994  1.00 13.93 ? 55  PRO A CB  1 
ATOM   394  C  CG  . PRO A 1 55  ? -13.823 -4.953  13.213  1.00 14.25 ? 55  PRO A CG  1 
ATOM   395  C  CD  . PRO A 1 55  ? -13.152 -5.032  11.852  1.00 14.60 ? 55  PRO A CD  1 
ATOM   396  N  N   . GLU A 1 56  ? -10.244 -7.718  14.439  1.00 15.17 ? 56  GLU A N   1 
ATOM   397  C  CA  . GLU A 1 56  ? -9.475  -8.961  14.683  1.00 18.09 ? 56  GLU A CA  1 
ATOM   398  C  C   . GLU A 1 56  ? -8.711  -9.408  13.426  1.00 19.72 ? 56  GLU A C   1 
ATOM   399  O  O   . GLU A 1 56  ? -8.364  -10.579 13.342  1.00 19.24 ? 56  GLU A O   1 
ATOM   400  C  CB  . GLU A 1 56  ? -10.438 -10.075 15.091  1.00 20.66 ? 56  GLU A CB  1 
ATOM   401  C  CG  . GLU A 1 56  ? -11.181 -9.715  16.378  1.00 22.77 ? 56  GLU A CG  1 
ATOM   402  C  CD  . GLU A 1 56  ? -12.091 -10.828 16.861  1.00 27.70 ? 56  GLU A CD  1 
ATOM   403  O  OE1 . GLU A 1 56  ? -13.155 -11.004 16.280  1.00 33.20 ? 56  GLU A OE1 1 
ATOM   404  O  OE2 . GLU A 1 56  ? -11.700 -11.470 17.807  1.00 37.92 ? 56  GLU A OE2 1 
ATOM   405  N  N   . GLU A 1 57  ? -8.509  -8.538  12.448  1.00 17.57 ? 57  GLU A N   1 
ATOM   406  C  CA  . GLU A 1 57  ? -7.782  -8.941  11.217  1.00 15.49 ? 57  GLU A CA  1 
ATOM   407  C  C   . GLU A 1 57  ? -6.274  -8.819  11.446  1.00 16.12 ? 57  GLU A C   1 
ATOM   408  O  O   . GLU A 1 57  ? -5.791  -7.721  11.836  1.00 16.08 ? 57  GLU A O   1 
ATOM   409  C  CB  . GLU A 1 57  ? -8.241  -8.054  10.073  1.00 15.26 ? 57  GLU A CB  1 
ATOM   410  C  CG  . GLU A 1 57  ? -7.703  -8.515  8.729   1.00 15.19 ? 57  GLU A CG  1 
ATOM   411  C  CD  . GLU A 1 57  ? -8.172  -7.674  7.575   1.00 15.88 ? 57  GLU A CD  1 
ATOM   412  O  OE1 . GLU A 1 57  ? -8.360  -6.430  7.747   1.00 14.93 ? 57  GLU A OE1 1 
ATOM   413  O  OE2 . GLU A 1 57  ? -8.310  -8.241  6.438   1.00 16.61 ? 57  GLU A OE2 1 
ATOM   414  N  N   . GLU A 1 58  ? -5.514  -9.858  11.166  1.00 14.96 ? 58  GLU A N   1 
ATOM   415  C  CA  . GLU A 1 58  ? -4.033  -9.817  11.213  1.00 16.89 ? 58  GLU A CA  1 
ATOM   416  C  C   . GLU A 1 58  ? -3.533  -8.719  10.263  1.00 14.93 ? 58  GLU A C   1 
ATOM   417  O  O   . GLU A 1 58  ? -4.018  -8.597  9.147   1.00 14.26 ? 58  GLU A O   1 
ATOM   418  C  CB  . GLU A 1 58  ? -3.450  -11.170 10.813  1.00 22.23 ? 58  GLU A CB  1 
ATOM   419  C  CG  . GLU A 1 58  ? -3.689  -12.263 11.849  1.00 29.84 ? 58  GLU A CG  1 
ATOM   420  C  CD  . GLU A 1 58  ? -2.955  -12.028 13.159  1.00 40.69 ? 58  GLU A CD  1 
ATOM   421  O  OE1 . GLU A 1 58  ? -1.849  -11.445 13.111  1.00 49.30 ? 58  GLU A OE1 1 
ATOM   422  O  OE2 . GLU A 1 58  ? -3.501  -12.390 14.224  1.00 54.68 ? 58  GLU A OE2 1 
ATOM   423  N  N   . PRO A 1 59  ? -2.510  -7.947  10.650  1.00 14.63 ? 59  PRO A N   1 
ATOM   424  C  CA  . PRO A 1 59  ? -1.995  -6.884  9.782   1.00 15.41 ? 59  PRO A CA  1 
ATOM   425  C  C   . PRO A 1 59  ? -1.538  -7.382  8.401   1.00 14.39 ? 59  PRO A C   1 
ATOM   426  O  O   . PRO A 1 59  ? -1.835  -6.699  7.418   1.00 13.18 ? 59  PRO A O   1 
ATOM   427  C  CB  . PRO A 1 59  ? -0.823  -6.261  10.541  1.00 15.27 ? 59  PRO A CB  1 
ATOM   428  C  CG  . PRO A 1 59  ? -0.684  -7.009  11.831  1.00 18.50 ? 59  PRO A CG  1 
ATOM   429  C  CD  . PRO A 1 59  ? -1.892  -7.905  11.987  1.00 15.54 ? 59  PRO A CD  1 
ATOM   430  N  N   . SER A 1 60  ? -0.862  -8.536  8.328   1.00 14.16 ? 60  SER A N   1 
ATOM   431  C  CA  . SER A 1 60  ? -0.378  -9.099  7.031   1.00 15.33 ? 60  SER A CA  1 
ATOM   432  C  C   . SER A 1 60  ? -1.587  -9.484  6.169   1.00 16.89 ? 60  SER A C   1 
ATOM   433  O  O   . SER A 1 60  ? -1.506  -9.357  4.933   1.00 17.78 ? 60  SER A O   1 
ATOM   434  C  CB  . SER A 1 60  ? 0.543   -10.288 7.253   1.00 17.22 ? 60  SER A CB  1 
ATOM   435  O  OG  . SER A 1 60  ? -0.111  -11.342 7.955   1.00 19.82 ? 60  SER A OG  1 
ATOM   436  N  N   . VAL A 1 61  ? -2.718  -9.880  6.777   1.00 15.04 ? 61  VAL A N   1 
ATOM   437  C  CA  . VAL A 1 61  ? -3.922  -10.249 6.003   1.00 15.00 ? 61  VAL A CA  1 
ATOM   438  C  C   . VAL A 1 61  ? -4.554  -8.980  5.439   1.00 14.02 ? 61  VAL A C   1 
ATOM   439  O  O   . VAL A 1 61  ? -4.920  -8.968  4.260   1.00 13.45 ? 61  VAL A O   1 
ATOM   440  C  CB  . VAL A 1 61  ? -4.878  -11.098 6.873   1.00 16.20 ? 61  VAL A CB  1 
ATOM   441  C  CG1 . VAL A 1 61  ? -6.228  -11.330 6.209   1.00 16.37 ? 61  VAL A CG1 1 
ATOM   442  C  CG2 . VAL A 1 61  ? -4.185  -12.403 7.232   1.00 16.31 ? 61  VAL A CG2 1 
ATOM   443  N  N   . ALA A 1 62  ? -4.670  -7.935  6.262   1.00 12.61 ? 62  ALA A N   1 
ATOM   444  C  CA  . ALA A 1 62  ? -5.224  -6.627  5.845   1.00 12.13 ? 62  ALA A CA  1 
ATOM   445  C  C   . ALA A 1 62  ? -4.354  -6.075  4.703   1.00 13.12 ? 62  ALA A C   1 
ATOM   446  O  O   . ALA A 1 62  ? -4.941  -5.516  3.747   1.00 11.86 ? 62  ALA A O   1 
ATOM   447  C  CB  . ALA A 1 62  ? -5.183  -5.691  7.028   1.00 13.38 ? 62  ALA A CB  1 
ATOM   448  N  N   . ALA A 1 63  ? -3.035  -6.157  4.807   1.00 12.99 ? 63  ALA A N   1 
ATOM   449  C  CA  . ALA A 1 63  ? -2.130  -5.548  3.790   1.00 13.85 ? 63  ALA A CA  1 
ATOM   450  C  C   . ALA A 1 63  ? -2.406  -6.201  2.433   1.00 12.81 ? 63  ALA A C   1 
ATOM   451  O  O   . ALA A 1 63  ? -2.572  -5.478  1.449   1.00 13.62 ? 63  ALA A O   1 
ATOM   452  C  CB  . ALA A 1 63  ? -0.699  -5.795  4.169   1.00 13.76 ? 63  ALA A CB  1 
ATOM   453  N  N   . VAL A 1 64  ? -2.398  -7.536  2.394   1.00 13.67 ? 64  VAL A N   1 
ATOM   454  C  CA  . VAL A 1 64  ? -2.617  -8.291  1.123   1.00 14.60 ? 64  VAL A CA  1 
ATOM   455  C  C   . VAL A 1 64  ? -4.019  -8.022  0.567   1.00 13.50 ? 64  VAL A C   1 
ATOM   456  O  O   . VAL A 1 64  ? -4.188  -7.888  -0.661  1.00 13.87 ? 64  VAL A O   1 
ATOM   457  C  CB  . VAL A 1 64  ? -2.351  -9.781  1.416   1.00 17.42 ? 64  VAL A CB  1 
ATOM   458  C  CG1 . VAL A 1 64  ? -2.908  -10.705 0.353   1.00 21.86 ? 64  VAL A CG1 1 
ATOM   459  C  CG2 . VAL A 1 64  ? -0.851  -9.951  1.604   1.00 19.59 ? 64  VAL A CG2 1 
ATOM   460  N  N   . ARG A 1 65  ? -5.022  -7.942  1.454   1.00 12.48 ? 65  ARG A N   1 
ATOM   461  C  CA  . ARG A 1 65  ? -6.397  -7.641  1.046   1.00 12.73 ? 65  ARG A CA  1 
ATOM   462  C  C   . ARG A 1 65  ? -6.504  -6.236  0.434   1.00 13.02 ? 65  ARG A C   1 
ATOM   463  O  O   . ARG A 1 65  ? -7.053  -6.070  -0.636  1.00 13.94 ? 65  ARG A O   1 
ATOM   464  C  CB  . ARG A 1 65  ? -7.344  -7.773  2.238   1.00 13.00 ? 65  ARG A CB  1 
ATOM   465  C  CG  . ARG A 1 65  ? -8.765  -7.439  1.883   1.00 13.49 ? 65  ARG A CG  1 
ATOM   466  C  CD  . ARG A 1 65  ? -9.707  -7.481  3.071   1.00 14.84 ? 65  ARG A CD  1 
ATOM   467  N  NE  . ARG A 1 65  ? -9.209  -6.705  4.192   1.00 14.55 ? 65  ARG A NE  1 
ATOM   468  C  CZ  . ARG A 1 65  ? -9.163  -5.387  4.262   1.00 13.71 ? 65  ARG A CZ  1 
ATOM   469  N  NH1 . ARG A 1 65  ? -9.635  -4.607  3.296   1.00 15.01 ? 65  ARG A NH1 1 
ATOM   470  N  NH2 . ARG A 1 65  ? -8.618  -4.827  5.325   1.00 13.63 ? 65  ARG A NH2 1 
ATOM   471  N  N   . GLU A 1 66  ? -5.941  -5.239  1.082   1.00 11.06 ? 66  GLU A N   1 
ATOM   472  C  CA  . GLU A 1 66  ? -6.093  -3.866  0.568   1.00 11.48 ? 66  GLU A CA  1 
ATOM   473  C  C   . GLU A 1 66  ? -5.356  -3.766  -0.781  1.00 11.60 ? 66  GLU A C   1 
ATOM   474  O  O   . GLU A 1 66  ? -5.820  -3.004  -1.619  1.00 12.64 ? 66  GLU A O   1 
ATOM   475  C  CB  . GLU A 1 66  ? -5.560  -2.839  1.568   1.00 12.73 ? 66  GLU A CB  1 
ATOM   476  C  CG  . GLU A 1 66  ? -6.571  -2.598  2.685   1.00 12.21 ? 66  GLU A CG  1 
ATOM   477  C  CD  . GLU A 1 66  ? -7.725  -1.684  2.355   1.00 13.34 ? 66  GLU A CD  1 
ATOM   478  O  OE1 . GLU A 1 66  ? -8.714  -1.743  3.135   1.00 14.31 ? 66  GLU A OE1 1 
ATOM   479  O  OE2 . GLU A 1 66  ? -7.755  -0.951  1.334   1.00 12.08 ? 66  GLU A OE2 1 
ATOM   480  N  N   . VAL A 1 67  ? -4.209  -4.387  -0.935  1.00 13.14 ? 67  VAL A N   1 
ATOM   481  C  CA  A VAL A 1 67  ? -3.441  -4.349  -2.207  0.50 12.39 ? 67  VAL A CA  1 
ATOM   482  C  CA  B VAL A 1 67  ? -3.504  -4.222  -2.239  0.50 12.24 ? 67  VAL A CA  1 
ATOM   483  C  C   . VAL A 1 67  ? -4.258  -5.006  -3.327  1.00 12.83 ? 67  VAL A C   1 
ATOM   484  O  O   . VAL A 1 67  ? -4.244  -4.530  -4.481  1.00 13.50 ? 67  VAL A O   1 
ATOM   485  C  CB  A VAL A 1 67  ? -2.105  -5.069  -2.034  0.50 12.77 ? 67  VAL A CB  1 
ATOM   486  C  CB  B VAL A 1 67  ? -2.000  -4.535  -2.208  0.50 12.13 ? 67  VAL A CB  1 
ATOM   487  C  CG1 A VAL A 1 67  ? -1.514  -5.452  -3.387  0.50 12.34 ? 67  VAL A CG1 1 
ATOM   488  C  CG1 B VAL A 1 67  ? -1.272  -3.608  -1.222  0.50 12.32 ? 67  VAL A CG1 1 
ATOM   489  C  CG2 A VAL A 1 67  ? -1.146  -4.243  -1.190  0.50 13.36 ? 67  VAL A CG2 1 
ATOM   490  C  CG2 B VAL A 1 67  ? -1.712  -6.011  -1.952  0.50 12.47 ? 67  VAL A CG2 1 
ATOM   491  N  N   . CYS A 1 68  ? -4.963  -6.066  -3.005  1.00 13.17 ? 68  CYS A N   1 
ATOM   492  C  CA  . CYS A 1 68  ? -5.810  -6.709  -4.035  1.00 15.11 ? 68  CYS A CA  1 
ATOM   493  C  C   . CYS A 1 68  ? -6.939  -5.740  -4.437  1.00 14.59 ? 68  CYS A C   1 
ATOM   494  O  O   . CYS A 1 68  ? -7.187  -5.525  -5.640  1.00 14.61 ? 68  CYS A O   1 
ATOM   495  C  CB  . CYS A 1 68  ? -6.304  -8.034  -3.494  1.00 15.54 ? 68  CYS A CB  1 
ATOM   496  S  SG  . CYS A 1 68  ? -7.430  -8.873  -4.648  1.00 22.40 ? 68  CYS A SG  1 
ATOM   497  N  N   . GLU A 1 69  ? -7.610  -5.142  -3.451  1.00 14.46 ? 69  GLU A N   1 
ATOM   498  C  CA  . GLU A 1 69  ? -8.727  -4.204  -3.666  1.00 14.79 ? 69  GLU A CA  1 
ATOM   499  C  C   . GLU A 1 69  ? -8.279  -2.996  -4.493  1.00 14.92 ? 69  GLU A C   1 
ATOM   500  O  O   . GLU A 1 69  ? -8.996  -2.559  -5.440  1.00 15.72 ? 69  GLU A O   1 
ATOM   501  C  CB  . GLU A 1 69  ? -9.296  -3.769  -2.316  1.00 14.76 ? 69  GLU A CB  1 
ATOM   502  C  CG  . GLU A 1 69  ? -10.005 -4.852  -1.535  1.00 15.50 ? 69  GLU A CG  1 
ATOM   503  C  CD  . GLU A 1 69  ? -10.433 -4.423  -0.124  1.00 18.51 ? 69  GLU A CD  1 
ATOM   504  O  OE1 . GLU A 1 69  ? -11.018 -5.260  0.620   1.00 16.95 ? 69  GLU A OE1 1 
ATOM   505  O  OE2 . GLU A 1 69  ? -10.181 -3.252  0.245   1.00 16.47 ? 69  GLU A OE2 1 
ATOM   506  N  N   . GLU A 1 70  ? -7.156  -2.380  -4.101  1.00 13.08 ? 70  GLU A N   1 
ATOM   507  C  CA  . GLU A 1 70  ? -6.763  -1.057  -4.624  1.00 13.32 ? 70  GLU A CA  1 
ATOM   508  C  C   . GLU A 1 70  ? -5.879  -1.163  -5.859  1.00 12.26 ? 70  GLU A C   1 
ATOM   509  O  O   . GLU A 1 70  ? -5.991  -0.282  -6.713  1.00 12.98 ? 70  GLU A O   1 
ATOM   510  C  CB  . GLU A 1 70  ? -6.026  -0.252  -3.548  1.00 12.93 ? 70  GLU A CB  1 
ATOM   511  C  CG  . GLU A 1 70  ? -6.883  0.049   -2.322  1.00 13.04 ? 70  GLU A CG  1 
ATOM   512  C  CD  . GLU A 1 70  ? -6.344  1.068   -1.324  1.00 13.59 ? 70  GLU A CD  1 
ATOM   513  O  OE1 . GLU A 1 70  ? -7.122  1.413   -0.353  1.00 13.46 ? 70  GLU A OE1 1 
ATOM   514  O  OE2 . GLU A 1 70  ? -5.203  1.529   -1.541  1.00 12.86 ? 70  GLU A OE2 1 
ATOM   515  N  N   . ALA A 1 71  ? -5.011  -2.156  -5.925  1.00 11.88 ? 71  ALA A N   1 
ATOM   516  C  CA  . ALA A 1 71  ? -3.966  -2.274  -6.961  1.00 13.94 ? 71  ALA A CA  1 
ATOM   517  C  C   . ALA A 1 71  ? -4.232  -3.450  -7.892  1.00 13.21 ? 71  ALA A C   1 
ATOM   518  O  O   . ALA A 1 71  ? -3.583  -3.513  -8.960  1.00 13.89 ? 71  ALA A O   1 
ATOM   519  C  CB  . ALA A 1 71  ? -2.622  -2.370  -6.351  1.00 13.61 ? 71  ALA A CB  1 
ATOM   520  N  N   . GLY A 1 72  ? -5.048  -4.414  -7.507  1.00 13.83 ? 72  GLY A N   1 
ATOM   521  C  CA  . GLY A 1 72  ? -5.373  -5.542  -8.402  1.00 14.10 ? 72  GLY A CA  1 
ATOM   522  C  C   . GLY A 1 72  ? -4.197  -6.469  -8.591  1.00 15.20 ? 72  GLY A C   1 
ATOM   523  O  O   . GLY A 1 72  ? -4.007  -7.007  -9.716  1.00 15.24 ? 72  GLY A O   1 
ATOM   524  N  N   . VAL A 1 73  ? -3.397  -6.683  -7.553  1.00 13.73 ? 73  VAL A N   1 
ATOM   525  C  CA  . VAL A 1 73  ? -2.226  -7.584  -7.646  1.00 13.13 ? 73  VAL A CA  1 
ATOM   526  C  C   . VAL A 1 73  ? -2.234  -8.544  -6.483  1.00 12.84 ? 73  VAL A C   1 
ATOM   527  O  O   . VAL A 1 73  ? -2.787  -8.230  -5.387  1.00 13.87 ? 73  VAL A O   1 
ATOM   528  C  CB  . VAL A 1 73  ? -0.862  -6.859  -7.727  1.00 14.35 ? 73  VAL A CB  1 
ATOM   529  C  CG1 . VAL A 1 73  ? -0.765  -5.996  -8.973  1.00 14.49 ? 73  VAL A CG1 1 
ATOM   530  C  CG2 . VAL A 1 73  ? -0.530  -6.101  -6.452  1.00 15.09 ? 73  VAL A CG2 1 
ATOM   531  N  N   . LYS A 1 74  ? -1.608  -9.687  -6.715  1.00 13.42 ? 74  LYS A N   1 
ATOM   532  C  CA  . LYS A 1 74  ? -1.367  -10.729 -5.706  1.00 13.33 ? 74  LYS A CA  1 
ATOM   533  C  C   . LYS A 1 74  ? 0.076   -11.175 -5.779  1.00 13.68 ? 74  LYS A C   1 
ATOM   534  O  O   . LYS A 1 74  ? 0.748   -11.009 -6.853  1.00 12.80 ? 74  LYS A O   1 
ATOM   535  C  CB  . LYS A 1 74  ? -2.334  -11.920 -5.859  1.00 14.13 ? 74  LYS A CB  1 
ATOM   536  C  CG  . LYS A 1 74  ? -3.799  -11.598 -5.681  1.00 16.60 ? 74  LYS A CG  1 
ATOM   537  C  CD  . LYS A 1 74  ? -4.656  -12.827 -5.909  1.00 19.95 ? 74  LYS A CD  1 
ATOM   538  C  CE  . LYS A 1 74  ? -6.143  -12.572 -5.832  1.00 25.33 ? 74  LYS A CE  1 
ATOM   539  N  NZ  . LYS A 1 74  ? -6.496  -11.841 -4.590  1.00 35.64 ? 74  LYS A NZ  1 
ATOM   540  N  N   . GLY A 1 75  ? 0.561   -11.789 -4.711  1.00 13.41 ? 75  GLY A N   1 
ATOM   541  C  CA  . GLY A 1 75  ? 1.945   -12.264 -4.767  1.00 14.23 ? 75  GLY A CA  1 
ATOM   542  C  C   . GLY A 1 75  ? 2.394   -12.980 -3.508  1.00 15.27 ? 75  GLY A C   1 
ATOM   543  O  O   . GLY A 1 75  ? 1.546   -13.465 -2.775  1.00 14.64 ? 75  GLY A O   1 
ATOM   544  N  N   . THR A 1 76  ? 3.695   -13.024 -3.339  1.00 14.82 ? 76  THR A N   1 
ATOM   545  C  CA  . THR A 1 76  ? 4.355   -13.728 -2.224  1.00 15.68 ? 76  THR A CA  1 
ATOM   546  C  C   . THR A 1 76  ? 4.652   -12.724 -1.108  1.00 15.30 ? 76  THR A C   1 
ATOM   547  O  O   . THR A 1 76  ? 5.473   -11.787 -1.326  1.00 14.71 ? 76  THR A O   1 
ATOM   548  C  CB  . THR A 1 76  ? 5.635   -14.430 -2.670  1.00 17.62 ? 76  THR A CB  1 
ATOM   549  O  OG1 . THR A 1 76  ? 5.210   -15.232 -3.773  1.00 20.68 ? 76  THR A OG1 1 
ATOM   550  C  CG2 . THR A 1 76  ? 6.199   -15.298 -1.565  1.00 19.86 ? 76  THR A CG2 1 
ATOM   551  N  N   . LEU A 1 77  ? 3.952   -12.864 0.016   1.00 16.09 ? 77  LEU A N   1 
ATOM   552  C  CA  . LEU A 1 77  ? 4.167   -11.925 1.135   1.00 16.63 ? 77  LEU A CA  1 
ATOM   553  C  C   . LEU A 1 77  ? 5.565   -12.103 1.664   1.00 17.31 ? 77  LEU A C   1 
ATOM   554  O  O   . LEU A 1 77  ? 5.946   -13.260 1.957   1.00 17.81 ? 77  LEU A O   1 
ATOM   555  C  CB  . LEU A 1 77  ? 3.117   -12.207 2.191   1.00 18.64 ? 77  LEU A CB  1 
ATOM   556  C  CG  . LEU A 1 77  ? 3.248   -11.346 3.434   1.00 20.87 ? 77  LEU A CG  1 
ATOM   557  C  CD1 . LEU A 1 77  ? 2.890   -9.918  3.059   1.00 22.78 ? 77  LEU A CD1 1 
ATOM   558  C  CD2 . LEU A 1 77  ? 2.372   -11.929 4.535   1.00 23.81 ? 77  LEU A CD2 1 
ATOM   559  N  N   . GLY A 1 78  ? 6.275   -10.983 1.857   1.00 16.77 ? 78  GLY A N   1 
ATOM   560  C  CA  . GLY A 1 78  ? 7.587   -10.973 2.502   1.00 16.85 ? 78  GLY A CA  1 
ATOM   561  C  C   . GLY A 1 78  ? 7.554   -10.344 3.878   1.00 15.06 ? 78  GLY A C   1 
ATOM   562  O  O   . GLY A 1 78  ? 6.544   -10.359 4.548   1.00 16.07 ? 78  GLY A O   1 
ATOM   563  N  N   A ARG A 1 79  ? 8.670   -9.727  4.242   0.50 15.53 ? 79  ARG A N   1 
ATOM   564  N  N   B ARG A 1 79  ? 8.671   -9.748  4.259   0.50 16.19 ? 79  ARG A N   1 
ATOM   565  C  CA  A ARG A 1 79  ? 8.952   -9.224  5.609   0.50 14.94 ? 79  ARG A CA  1 
ATOM   566  C  CA  B ARG A 1 79  ? 8.918   -9.275  5.640   0.50 15.96 ? 79  ARG A CA  1 
ATOM   567  C  C   A ARG A 1 79  ? 8.087   -8.016  5.947   0.50 14.94 ? 79  ARG A C   1 
ATOM   568  C  C   B ARG A 1 79  ? 8.091   -8.032  5.952   0.50 15.47 ? 79  ARG A C   1 
ATOM   569  O  O   A ARG A 1 79  ? 7.753   -7.196  5.046   0.50 14.03 ? 79  ARG A O   1 
ATOM   570  O  O   B ARG A 1 79  ? 7.774   -7.222  5.036   0.50 14.49 ? 79  ARG A O   1 
ATOM   571  C  CB  A ARG A 1 79  ? 10.435  -8.860  5.719   0.50 15.97 ? 79  ARG A CB  1 
ATOM   572  C  CB  B ARG A 1 79  ? 10.408  -8.984  5.818   0.50 17.99 ? 79  ARG A CB  1 
ATOM   573  C  CG  A ARG A 1 79  ? 10.882  -7.698  4.850   0.50 16.69 ? 79  ARG A CG  1 
ATOM   574  C  CG  B ARG A 1 79  ? 10.884  -7.711  5.140   0.50 19.24 ? 79  ARG A CG  1 
ATOM   575  C  CD  A ARG A 1 79  ? 12.379  -7.747  4.577   0.50 18.21 ? 79  ARG A CD  1 
ATOM   576  C  CD  B ARG A 1 79  ? 12.392  -7.545  5.216   0.50 21.87 ? 79  ARG A CD  1 
ATOM   577  N  NE  A ARG A 1 79  ? 12.859  -6.613  3.826   0.50 17.66 ? 79  ARG A NE  1 
ATOM   578  N  NE  B ARG A 1 79  ? 12.839  -6.327  4.575   0.50 22.03 ? 79  ARG A NE  1 
ATOM   579  C  CZ  A ARG A 1 79  ? 13.018  -6.565  2.505   0.50 17.16 ? 79  ARG A CZ  1 
ATOM   580  C  CZ  B ARG A 1 79  ? 13.102  -5.194  5.225   0.50 22.88 ? 79  ARG A CZ  1 
ATOM   581  N  NH1 A ARG A 1 79  ? 12.715  -7.597  1.726   0.50 12.97 ? 79  ARG A NH1 1 
ATOM   582  N  NH1 B ARG A 1 79  ? 12.970  -5.141  6.535   0.50 20.60 ? 79  ARG A NH1 1 
ATOM   583  N  NH2 A ARG A 1 79  ? 13.491  -5.446  1.974   0.50 18.39 ? 79  ARG A NH2 1 
ATOM   584  N  NH2 B ARG A 1 79  ? 13.507  -4.127  4.561   0.50 25.81 ? 79  ARG A NH2 1 
ATOM   585  N  N   . LEU A 1 80  ? 7.816   -7.849  7.243   1.00 15.62 ? 80  LEU A N   1 
ATOM   586  C  CA  . LEU A 1 80  ? 7.359   -6.549  7.786   1.00 13.93 ? 80  LEU A CA  1 
ATOM   587  C  C   . LEU A 1 80  ? 8.540   -5.581  7.698   1.00 13.98 ? 80  LEU A C   1 
ATOM   588  O  O   . LEU A 1 80  ? 9.609   -5.887  8.239   1.00 15.35 ? 80  LEU A O   1 
ATOM   589  C  CB  . LEU A 1 80  ? 6.922   -6.766  9.238   1.00 16.05 ? 80  LEU A CB  1 
ATOM   590  C  CG  . LEU A 1 80  ? 6.506   -5.494  9.975   1.00 16.33 ? 80  LEU A CG  1 
ATOM   591  C  CD1 . LEU A 1 80  ? 5.295   -4.833  9.321   1.00 17.68 ? 80  LEU A CD1 1 
ATOM   592  C  CD2 . LEU A 1 80  ? 6.222   -5.800  11.449  1.00 16.94 ? 80  LEU A CD2 1 
ATOM   593  N  N   . VAL A 1 81  ? 8.358   -4.462  7.030   1.00 12.02 ? 81  VAL A N   1 
ATOM   594  C  CA  . VAL A 1 81  ? 9.374   -3.382  6.921   1.00 13.22 ? 81  VAL A CA  1 
ATOM   595  C  C   . VAL A 1 81  ? 9.372   -2.552  8.195   1.00 13.24 ? 81  VAL A C   1 
ATOM   596  O  O   . VAL A 1 81  ? 10.436  -2.267  8.738   1.00 13.36 ? 81  VAL A O   1 
ATOM   597  C  CB  . VAL A 1 81  ? 9.094   -2.466  5.725   1.00 14.66 ? 81  VAL A CB  1 
ATOM   598  C  CG1 . VAL A 1 81  ? 10.053  -1.296  5.676   1.00 14.90 ? 81  VAL A CG1 1 
ATOM   599  C  CG2 . VAL A 1 81  ? 9.152   -3.283  4.433   1.00 16.60 ? 81  VAL A CG2 1 
ATOM   600  N  N   . GLY A 1 82  ? 8.181   -2.205  8.690   1.00 11.27 ? 82  GLY A N   1 
ATOM   601  C  CA  . GLY A 1 82  ? 8.101   -1.410  9.906   1.00 10.96 ? 82  GLY A CA  1 
ATOM   602  C  C   . GLY A 1 82  ? 6.692   -0.980  10.138  1.00 12.28 ? 82  GLY A C   1 
ATOM   603  O  O   . GLY A 1 82  ? 5.816   -1.311  9.343   1.00 12.04 ? 82  GLY A O   1 
ATOM   604  N  N   . ILE A 1 83  ? 6.505   -0.229  11.199  1.00 12.59 ? 83  ILE A N   1 
ATOM   605  C  CA  . ILE A 1 83  ? 5.199   0.339   11.610  1.00 12.39 ? 83  ILE A CA  1 
ATOM   606  C  C   . ILE A 1 83  ? 5.380   1.854   11.592  1.00 13.76 ? 83  ILE A C   1 
ATOM   607  O  O   . ILE A 1 83  ? 6.272   2.371   12.298  1.00 13.17 ? 83  ILE A O   1 
ATOM   608  C  CB  . ILE A 1 83  ? 4.785   -0.181  12.994  1.00 14.42 ? 83  ILE A CB  1 
ATOM   609  C  CG1 . ILE A 1 83  ? 4.721   -1.716  12.982  1.00 16.47 ? 83  ILE A CG1 1 
ATOM   610  C  CG2 . ILE A 1 83  ? 3.456   0.426   13.376  1.00 14.57 ? 83  ILE A CG2 1 
ATOM   611  C  CD1 . ILE A 1 83  ? 4.428   -2.319  14.336  1.00 18.94 ? 83  ILE A CD1 1 
ATOM   612  N  N   . PHE A 1 84  ? 4.529   2.560   10.881  1.00 12.12 ? 84  PHE A N   1 
ATOM   613  C  CA  . PHE A 1 84  ? 4.764   3.972   10.518  1.00 11.55 ? 84  PHE A CA  1 
ATOM   614  C  C   . PHE A 1 84  ? 3.578   4.775   10.967  1.00 12.63 ? 84  PHE A C   1 
ATOM   615  O  O   . PHE A 1 84  ? 2.463   4.514   10.553  1.00 13.14 ? 84  PHE A O   1 
ATOM   616  C  CB  . PHE A 1 84  ? 4.929   4.122   8.996   1.00 11.08 ? 84  PHE A CB  1 
ATOM   617  C  CG  . PHE A 1 84  ? 6.191   3.534   8.421   1.00 11.40 ? 84  PHE A CG  1 
ATOM   618  C  CD1 . PHE A 1 84  ? 6.281   2.160   8.218   1.00 11.62 ? 84  PHE A CD1 1 
ATOM   619  C  CD2 . PHE A 1 84  ? 7.301   4.313   8.166   1.00 12.08 ? 84  PHE A CD2 1 
ATOM   620  C  CE1 . PHE A 1 84  ? 7.440   1.608   7.693   1.00 12.44 ? 84  PHE A CE1 1 
ATOM   621  C  CE2 . PHE A 1 84  ? 8.455   3.750   7.631   1.00 12.26 ? 84  PHE A CE2 1 
ATOM   622  C  CZ  . PHE A 1 84  ? 8.538   2.388   7.434   1.00 12.41 ? 84  PHE A CZ  1 
ATOM   623  N  N   . GLU A 1 85  ? 3.844   5.797   11.764  1.00 14.47 ? 85  GLU A N   1 
ATOM   624  C  CA  . GLU A 1 85  ? 2.786   6.729   12.180  1.00 14.50 ? 85  GLU A CA  1 
ATOM   625  C  C   . GLU A 1 85  ? 2.736   7.951   11.276  1.00 16.21 ? 85  GLU A C   1 
ATOM   626  O  O   . GLU A 1 85  ? 3.821   8.479   10.914  1.00 17.04 ? 85  GLU A O   1 
ATOM   627  C  CB  . GLU A 1 85  ? 3.055   7.249   13.579  1.00 18.06 ? 85  GLU A CB  1 
ATOM   628  C  CG  . GLU A 1 85  ? 2.909   6.159   14.589  1.00 20.85 ? 85  GLU A CG  1 
ATOM   629  C  CD  . GLU A 1 85  ? 3.250   6.590   15.995  1.00 25.98 ? 85  GLU A CD  1 
ATOM   630  O  OE1 . GLU A 1 85  ? 3.112   7.826   16.304  1.00 23.68 ? 85  GLU A OE1 1 
ATOM   631  O  OE2 . GLU A 1 85  ? 3.594   5.628   16.768  1.00 27.86 ? 85  GLU A OE2 1 
ATOM   632  N  N   . ASN A 1 86  ? 1.541   8.408   11.027  1.00 13.06 ? 86  ASN A N   1 
ATOM   633  C  CA  . ASN A 1 86  ? 1.240   9.749   10.464  1.00 14.40 ? 86  ASN A CA  1 
ATOM   634  C  C   . ASN A 1 86  ? 0.627   10.564  11.590  1.00 16.45 ? 86  ASN A C   1 
ATOM   635  O  O   . ASN A 1 86  ? -0.569  10.397  11.895  1.00 16.87 ? 86  ASN A O   1 
ATOM   636  C  CB  . ASN A 1 86  ? 0.441   9.617   9.186   1.00 15.34 ? 86  ASN A CB  1 
ATOM   637  C  CG  . ASN A 1 86  ? 0.188   10.959  8.547   1.00 18.48 ? 86  ASN A CG  1 
ATOM   638  O  OD1 . ASN A 1 86  ? 0.086   11.967  9.273   1.00 18.32 ? 86  ASN A OD1 1 
ATOM   639  N  ND2 . ASN A 1 86  ? 0.176   10.965  7.216   1.00 18.45 ? 86  ASN A ND2 1 
ATOM   640  N  N   . GLN A 1 87  ? 1.439   11.410  12.216  1.00 18.26 ? 87  GLN A N   1 
ATOM   641  C  CA  . GLN A 1 87  ? 1.027   12.247  13.375  1.00 20.96 ? 87  GLN A CA  1 
ATOM   642  C  C   . GLN A 1 87  ? -0.089  13.205  12.971  1.00 21.69 ? 87  GLN A C   1 
ATOM   643  O  O   . GLN A 1 87  ? -1.100  13.334  13.712  1.00 23.16 ? 87  GLN A O   1 
ATOM   644  C  CB  . GLN A 1 87  ? 2.195   13.080  13.903  1.00 24.71 ? 87  GLN A CB  1 
ATOM   645  C  CG  . GLN A 1 87  ? 1.825   13.898  15.140  1.00 33.02 ? 87  GLN A CG  1 
ATOM   646  C  CD  . GLN A 1 87  ? 1.136   15.226  14.867  1.00 43.24 ? 87  GLN A CD  1 
ATOM   647  O  OE1 . GLN A 1 87  ? 1.402   15.912  13.877  1.00 51.14 ? 87  GLN A OE1 1 
ATOM   648  N  NE2 . GLN A 1 87  ? 0.262   15.634  15.783  1.00 50.50 ? 87  GLN A NE2 1 
ATOM   649  N  N   . GLU A 1 88  ? 0.037   13.796  11.792  1.00 21.87 ? 88  GLU A N   1 
ATOM   650  C  CA  . GLU A 1 88  ? -0.914  14.787  11.272  1.00 24.44 ? 88  GLU A CA  1 
ATOM   651  C  C   . GLU A 1 88  ? -2.280  14.126  11.104  1.00 22.77 ? 88  GLU A C   1 
ATOM   652  O  O   . GLU A 1 88  ? -3.282  14.753  11.469  1.00 24.60 ? 88  GLU A O   1 
ATOM   653  C  CB  . GLU A 1 88  ? -0.341  15.333  9.961   1.00 27.01 ? 88  GLU A CB  1 
ATOM   654  C  CG  . GLU A 1 88  ? -1.241  16.301  9.249   1.00 34.66 ? 88  GLU A CG  1 
ATOM   655  C  CD  . GLU A 1 88  ? -0.820  16.483  7.794   1.00 41.22 ? 88  GLU A CD  1 
ATOM   656  O  OE1 . GLU A 1 88  ? 0.420   16.400  7.513   1.00 39.42 ? 88  GLU A OE1 1 
ATOM   657  O  OE2 . GLU A 1 88  ? -1.728  16.659  6.944   1.00 42.89 ? 88  GLU A OE2 1 
ATOM   658  N  N   . ARG A 1 89  ? -2.343  12.915  10.534  1.00 18.97 ? 89  ARG A N   1 
ATOM   659  C  CA  . ARG A 1 89  ? -3.614  12.253  10.150  1.00 21.09 ? 89  ARG A CA  1 
ATOM   660  C  C   . ARG A 1 89  ? -4.036  11.203  11.196  1.00 17.27 ? 89  ARG A C   1 
ATOM   661  O  O   . ARG A 1 89  ? -5.135  10.665  11.041  1.00 20.24 ? 89  ARG A O   1 
ATOM   662  C  CB  . ARG A 1 89  ? -3.485  11.590  8.776   1.00 24.14 ? 89  ARG A CB  1 
ATOM   663  C  CG  . ARG A 1 89  ? -3.074  12.550  7.664   1.00 28.10 ? 89  ARG A CG  1 
ATOM   664  C  CD  . ARG A 1 89  ? -4.030  13.721  7.544   1.00 34.69 ? 89  ARG A CD  1 
ATOM   665  N  NE  . ARG A 1 89  ? -5.294  13.214  7.057   1.00 42.73 ? 89  ARG A NE  1 
ATOM   666  C  CZ  . ARG A 1 89  ? -5.759  13.364  5.809   1.00 50.58 ? 89  ARG A CZ  1 
ATOM   667  N  NH1 . ARG A 1 89  ? -6.920  12.814  5.477   1.00 53.75 ? 89  ARG A NH1 1 
ATOM   668  N  NH2 . ARG A 1 89  ? -5.082  14.070  4.914   1.00 48.32 ? 89  ARG A NH2 1 
ATOM   669  N  N   . LYS A 1 90  ? -3.215  10.970  12.217  1.00 17.89 ? 90  LYS A N   1 
ATOM   670  C  CA  . LYS A 1 90  ? -3.531  10.078  13.373  1.00 16.93 ? 90  LYS A CA  1 
ATOM   671  C  C   . LYS A 1 90  ? -3.820  8.644   12.884  1.00 15.29 ? 90  LYS A C   1 
ATOM   672  O  O   . LYS A 1 90  ? -4.927  8.084   13.146  1.00 14.77 ? 90  LYS A O   1 
ATOM   673  C  CB  . LYS A 1 90  ? -4.712  10.618  14.198  1.00 21.86 ? 90  LYS A CB  1 
ATOM   674  C  CG  . LYS A 1 90  ? -4.515  12.045  14.700  1.00 27.08 ? 90  LYS A CG  1 
ATOM   675  C  CD  . LYS A 1 90  ? -3.309  12.228  15.563  1.00 34.18 ? 90  LYS A CD  1 
ATOM   676  C  CE  . LYS A 1 90  ? -3.173  13.647  16.085  1.00 40.15 ? 90  LYS A CE  1 
ATOM   677  N  NZ  . LYS A 1 90  ? -3.225  14.625  14.975  1.00 42.34 ? 90  LYS A NZ  1 
ATOM   678  N  N   . HIS A 1 91  ? -2.883  8.068   12.137  1.00 14.02 ? 91  HIS A N   1 
ATOM   679  C  CA  . HIS A 1 91  ? -2.995  6.641   11.746  1.00 12.69 ? 91  HIS A CA  1 
ATOM   680  C  C   . HIS A 1 91  ? -1.636  5.978   11.781  1.00 12.07 ? 91  HIS A C   1 
ATOM   681  O  O   . HIS A 1 91  ? -0.586  6.652   11.804  1.00 12.88 ? 91  HIS A O   1 
ATOM   682  C  CB  . HIS A 1 91  ? -3.723  6.466   10.410  1.00 14.71 ? 91  HIS A CB  1 
ATOM   683  C  CG  . HIS A 1 91  ? -3.159  7.166   9.210   1.00 14.23 ? 91  HIS A CG  1 
ATOM   684  N  ND1 . HIS A 1 91  ? -1.916  6.862   8.660   1.00 15.55 ? 91  HIS A ND1 1 
ATOM   685  C  CD2 . HIS A 1 91  ? -3.729  8.074   8.377   1.00 15.66 ? 91  HIS A CD2 1 
ATOM   686  C  CE1 . HIS A 1 91  ? -1.749  7.619   7.579   1.00 15.61 ? 91  HIS A CE1 1 
ATOM   687  N  NE2 . HIS A 1 91  ? -2.840  8.365   7.366   1.00 16.22 ? 91  HIS A NE2 1 
ATOM   688  N  N   . ARG A 1 92  ? -1.676  4.677   11.916  1.00 11.35 ? 92  ARG A N   1 
ATOM   689  C  CA  . ARG A 1 92  ? -0.499  3.844   12.173  1.00 12.07 ? 92  ARG A CA  1 
ATOM   690  C  C   . ARG A 1 92  ? -0.565  2.647   11.244  1.00 12.17 ? 92  ARG A C   1 
ATOM   691  O  O   . ARG A 1 92  ? -1.512  1.879   11.305  1.00 12.75 ? 92  ARG A O   1 
ATOM   692  C  CB  . ARG A 1 92  ? -0.427  3.462   13.655  1.00 12.99 ? 92  ARG A CB  1 
ATOM   693  C  CG  . ARG A 1 92  ? 0.767   2.596   14.011  1.00 14.20 ? 92  ARG A CG  1 
ATOM   694  C  CD  . ARG A 1 92  ? 0.953   2.355   15.512  1.00 14.95 ? 92  ARG A CD  1 
ATOM   695  N  NE  . ARG A 1 92  ? 1.216   3.560   16.256  1.00 16.40 ? 92  ARG A NE  1 
ATOM   696  C  CZ  . ARG A 1 92  ? 0.328   4.237   17.016  1.00 16.09 ? 92  ARG A CZ  1 
ATOM   697  N  NH1 . ARG A 1 92  ? -0.893  3.774   17.201  1.00 16.36 ? 92  ARG A NH1 1 
ATOM   698  N  NH2 . ARG A 1 92  ? 0.698   5.331   17.662  1.00 16.94 ? 92  ARG A NH2 1 
ATOM   699  N  N   . THR A 1 93  ? 0.458   2.496   10.389  1.00 11.54 ? 93  THR A N   1 
ATOM   700  C  CA  . THR A 1 93  ? 0.420   1.575   9.231   1.00 11.44 ? 93  THR A CA  1 
ATOM   701  C  C   . THR A 1 93  ? 1.507   0.534   9.329   1.00 11.19 ? 93  THR A C   1 
ATOM   702  O  O   . THR A 1 93  ? 2.703   0.889   9.395   1.00 11.73 ? 93  THR A O   1 
ATOM   703  C  CB  . THR A 1 93  ? 0.518   2.309   7.887   1.00 11.67 ? 93  THR A CB  1 
ATOM   704  O  OG1 . THR A 1 93  ? -0.449  3.345   7.804   1.00 11.21 ? 93  THR A OG1 1 
ATOM   705  C  CG2 . THR A 1 93  ? 0.326   1.388   6.689   1.00 11.80 ? 93  THR A CG2 1 
ATOM   706  N  N   . TYR A 1 94  ? 1.117   -0.734  9.268   1.00 11.28 ? 94  TYR A N   1 
ATOM   707  C  CA  . TYR A 1 94  ? 2.065   -1.848  9.133   1.00 11.92 ? 94  TYR A CA  1 
ATOM   708  C  C   . TYR A 1 94  ? 2.401   -1.966  7.657   1.00 11.27 ? 94  TYR A C   1 
ATOM   709  O  O   . TYR A 1 94  ? 1.473   -2.141  6.859   1.00 12.57 ? 94  TYR A O   1 
ATOM   710  C  CB  . TYR A 1 94  ? 1.450   -3.169  9.599   1.00 12.91 ? 94  TYR A CB  1 
ATOM   711  C  CG  . TYR A 1 94  ? 1.386   -3.343  11.107  1.00 14.76 ? 94  TYR A CG  1 
ATOM   712  C  CD1 . TYR A 1 94  ? 0.558   -2.564  11.885  1.00 16.32 ? 94  TYR A CD1 1 
ATOM   713  C  CD2 . TYR A 1 94  ? 2.095   -4.368  11.713  1.00 16.54 ? 94  TYR A CD2 1 
ATOM   714  C  CE1 . TYR A 1 94  ? 0.514   -2.727  13.269  1.00 19.67 ? 94  TYR A CE1 1 
ATOM   715  C  CE2 . TYR A 1 94  ? 2.036   -4.567  13.080  1.00 19.51 ? 94  TYR A CE2 1 
ATOM   716  C  CZ  . TYR A 1 94  ? 1.206   -3.776  13.843  1.00 19.86 ? 94  TYR A CZ  1 
ATOM   717  O  OH  . TYR A 1 94  ? 1.160   -3.982  15.206  1.00 25.18 ? 94  TYR A OH  1 
ATOM   718  N  N   . VAL A 1 95  ? 3.673   -1.943  7.319   1.00 11.77 ? 95  VAL A N   1 
ATOM   719  C  CA  . VAL A 1 95  ? 4.090   -1.959  5.883   1.00 12.71 ? 95  VAL A CA  1 
ATOM   720  C  C   . VAL A 1 95  ? 4.858   -3.243  5.622   1.00 12.74 ? 95  VAL A C   1 
ATOM   721  O  O   . VAL A 1 95  ? 5.894   -3.471  6.274   1.00 14.21 ? 95  VAL A O   1 
ATOM   722  C  CB  . VAL A 1 95  ? 4.927   -0.719  5.547   1.00 12.20 ? 95  VAL A CB  1 
ATOM   723  C  CG1 . VAL A 1 95  ? 5.488   -0.778  4.107   1.00 13.22 ? 95  VAL A CG1 1 
ATOM   724  C  CG2 . VAL A 1 95  ? 4.146   0.539   5.728   1.00 12.34 ? 95  VAL A CG2 1 
ATOM   725  N  N   . TYR A 1 96  ? 4.396   -4.039  4.659   1.00 12.04 ? 96  TYR A N   1 
ATOM   726  C  CA  . TYR A 1 96  ? 5.007   -5.338  4.287   1.00 12.52 ? 96  TYR A CA  1 
ATOM   727  C  C   . TYR A 1 96  ? 5.577   -5.304  2.879   1.00 14.19 ? 96  TYR A C   1 
ATOM   728  O  O   . TYR A 1 96  ? 5.122   -4.529  2.036   1.00 13.54 ? 96  TYR A O   1 
ATOM   729  C  CB  . TYR A 1 96  ? 4.003   -6.489  4.314   1.00 13.16 ? 96  TYR A CB  1 
ATOM   730  C  CG  . TYR A 1 96  ? 3.516   -6.787  5.697   1.00 12.25 ? 96  TYR A CG  1 
ATOM   731  C  CD1 . TYR A 1 96  ? 2.455   -6.076  6.206   1.00 13.55 ? 96  TYR A CD1 1 
ATOM   732  C  CD2 . TYR A 1 96  ? 4.098   -7.784  6.459   1.00 13.17 ? 96  TYR A CD2 1 
ATOM   733  C  CE1 . TYR A 1 96  ? 1.999   -6.305  7.491   1.00 13.66 ? 96  TYR A CE1 1 
ATOM   734  C  CE2 . TYR A 1 96  ? 3.667   -8.020  7.748   1.00 14.73 ? 96  TYR A CE2 1 
ATOM   735  C  CZ  . TYR A 1 96  ? 2.588   -7.306  8.246   1.00 14.67 ? 96  TYR A CZ  1 
ATOM   736  O  OH  . TYR A 1 96  ? 2.242   -7.574  9.537   1.00 19.54 ? 96  TYR A OH  1 
ATOM   737  N  N   . VAL A 1 97  ? 6.596   -6.113  2.657   1.00 12.80 ? 97  VAL A N   1 
ATOM   738  C  CA  . VAL A 1 97  ? 7.055   -6.424  1.276   1.00 13.88 ? 97  VAL A CA  1 
ATOM   739  C  C   . VAL A 1 97  ? 6.055   -7.407  0.656   1.00 14.40 ? 97  VAL A C   1 
ATOM   740  O  O   . VAL A 1 97  ? 5.706   -8.404  1.326   1.00 14.07 ? 97  VAL A O   1 
ATOM   741  C  CB  . VAL A 1 97  ? 8.480   -6.986  1.310   1.00 15.57 ? 97  VAL A CB  1 
ATOM   742  C  CG1 . VAL A 1 97  ? 8.855   -7.557  -0.052  1.00 15.24 ? 97  VAL A CG1 1 
ATOM   743  C  CG2 . VAL A 1 97  ? 9.475   -5.947  1.777   1.00 18.07 ? 97  VAL A CG2 1 
ATOM   744  N  N   . LEU A 1 98  ? 5.697   -7.201  -0.620  1.00 13.16 ? 98  LEU A N   1 
ATOM   745  C  CA  A LEU A 1 98  ? 4.939   -8.189  -1.429  0.50 13.10 ? 98  LEU A CA  1 
ATOM   746  C  CA  B LEU A 1 98  ? 4.930   -8.177  -1.433  0.50 13.86 ? 98  LEU A CA  1 
ATOM   747  C  C   . LEU A 1 98  ? 5.658   -8.301  -2.772  1.00 13.48 ? 98  LEU A C   1 
ATOM   748  O  O   . LEU A 1 98  ? 5.822   -7.259  -3.406  1.00 13.41 ? 98  LEU A O   1 
ATOM   749  C  CB  A LEU A 1 98  ? 3.477   -7.771  -1.605  0.50 13.47 ? 98  LEU A CB  1 
ATOM   750  C  CB  B LEU A 1 98  ? 3.485   -7.703  -1.598  0.50 15.46 ? 98  LEU A CB  1 
ATOM   751  C  CG  A LEU A 1 98  ? 2.588   -8.716  -2.421  0.50 13.57 ? 98  LEU A CG  1 
ATOM   752  C  CG  B LEU A 1 98  ? 2.542   -8.622  -2.378  0.50 16.68 ? 98  LEU A CG  1 
ATOM   753  C  CD1 A LEU A 1 98  ? 2.114   -9.876  -1.566  0.50 13.61 ? 98  LEU A CD1 1 
ATOM   754  C  CD1 B LEU A 1 98  ? 2.731   -8.486  -3.871  0.50 17.36 ? 98  LEU A CD1 1 
ATOM   755  C  CD2 A LEU A 1 98  ? 1.368   -8.000  -2.953  0.50 12.30 ? 98  LEU A CD2 1 
ATOM   756  C  CD2 B LEU A 1 98  ? 2.721   -10.067 -1.944  0.50 16.14 ? 98  LEU A CD2 1 
ATOM   757  N  N   . ILE A 1 99  ? 6.061   -9.521  -3.144  1.00 13.27 ? 99  ILE A N   1 
ATOM   758  C  CA  . ILE A 1 99  ? 6.639   -9.769  -4.485  1.00 13.62 ? 99  ILE A CA  1 
ATOM   759  C  C   . ILE A 1 99  ? 5.497   -10.165 -5.408  1.00 12.96 ? 99  ILE A C   1 
ATOM   760  O  O   . ILE A 1 99  ? 4.872   -11.209 -5.209  1.00 14.17 ? 99  ILE A O   1 
ATOM   761  C  CB  . ILE A 1 99  ? 7.778   -10.779 -4.458  1.00 13.65 ? 99  ILE A CB  1 
ATOM   762  C  CG1 . ILE A 1 99  ? 8.802   -10.443 -3.369  1.00 15.45 ? 99  ILE A CG1 1 
ATOM   763  C  CG2 . ILE A 1 99  ? 8.364   -10.871 -5.843  1.00 15.51 ? 99  ILE A CG2 1 
ATOM   764  C  CD1 . ILE A 1 99  ? 9.390   -9.065  -3.468  1.00 16.55 ? 99  ILE A CD1 1 
ATOM   765  N  N   . VAL A 1 100 ? 5.166   -9.276  -6.314  1.00 13.35 ? 100 VAL A N   1 
ATOM   766  C  CA  . VAL A 1 100 ? 3.979   -9.471  -7.195  1.00 12.79 ? 100 VAL A CA  1 
ATOM   767  C  C   . VAL A 1 100 ? 4.177   -10.666 -8.127  1.00 12.83 ? 100 VAL A C   1 
ATOM   768  O  O   . VAL A 1 100 ? 5.219   -10.723 -8.825  1.00 14.04 ? 100 VAL A O   1 
ATOM   769  C  CB  . VAL A 1 100 ? 3.667   -8.182  -7.966  1.00 13.55 ? 100 VAL A CB  1 
ATOM   770  C  CG1 . VAL A 1 100 ? 2.554   -8.401  -8.980  1.00 13.41 ? 100 VAL A CG1 1 
ATOM   771  C  CG2 . VAL A 1 100 ? 3.338   -7.049  -7.024  1.00 14.43 ? 100 VAL A CG2 1 
ATOM   772  N  N   . THR A 1 101 ? 3.220   -11.586 -8.165  1.00 13.67 ? 101 THR A N   1 
ATOM   773  C  CA  . THR A 1 101 ? 3.261   -12.734 -9.108  1.00 15.47 ? 101 THR A CA  1 
ATOM   774  C  C   . THR A 1 101 ? 2.016   -12.766 -9.978  1.00 15.93 ? 101 THR A C   1 
ATOM   775  O  O   . THR A 1 101 ? 2.018   -13.550 -10.948 1.00 17.86 ? 101 THR A O   1 
ATOM   776  C  CB  . THR A 1 101 ? 3.444   -14.092 -8.409  1.00 16.35 ? 101 THR A CB  1 
ATOM   777  O  OG1 . THR A 1 101 ? 2.260   -14.307 -7.626  1.00 16.45 ? 101 THR A OG1 1 
ATOM   778  C  CG2 . THR A 1 101 ? 4.694   -14.133 -7.570  1.00 18.28 ? 101 THR A CG2 1 
ATOM   779  N  N   A GLU A 1 102 ? 0.940   -12.042 -9.632  0.50 14.10 ? 102 GLU A N   1 
ATOM   780  N  N   B GLU A 1 102 ? 1.014   -11.954 -9.672  0.50 15.42 ? 102 GLU A N   1 
ATOM   781  C  CA  A GLU A 1 102 ? -0.304  -11.973 -10.448 0.50 13.83 ? 102 GLU A CA  1 
ATOM   782  C  CA  B GLU A 1 102 ? -0.252  -11.915 -10.425 0.50 15.73 ? 102 GLU A CA  1 
ATOM   783  C  C   A GLU A 1 102 ? -0.751  -10.518 -10.622 0.50 13.80 ? 102 GLU A C   1 
ATOM   784  C  C   B GLU A 1 102 ? -0.669  -10.466 -10.631 0.50 14.86 ? 102 GLU A C   1 
ATOM   785  O  O   A GLU A 1 102 ? -0.950  -9.820  -9.612  0.50 13.85 ? 102 GLU A O   1 
ATOM   786  O  O   B GLU A 1 102 ? -0.737  -9.723  -9.644  0.50 15.00 ? 102 GLU A O   1 
ATOM   787  C  CB  A GLU A 1 102 ? -1.423  -12.829 -9.845  0.50 13.36 ? 102 GLU A CB  1 
ATOM   788  C  CB  B GLU A 1 102 ? -1.318  -12.677 -9.656  0.50 16.88 ? 102 GLU A CB  1 
ATOM   789  C  CG  A GLU A 1 102 ? -0.976  -14.265 -9.537  0.50 13.95 ? 102 GLU A CG  1 
ATOM   790  C  CG  B GLU A 1 102 ? -2.666  -12.631 -10.305 0.50 19.32 ? 102 GLU A CG  1 
ATOM   791  C  CD  A GLU A 1 102 ? -2.045  -15.235 -9.066  0.50 14.31 ? 102 GLU A CD  1 
ATOM   792  C  CD  B GLU A 1 102 ? -3.734  -13.345 -9.493  0.50 21.26 ? 102 GLU A CD  1 
ATOM   793  O  OE1 A GLU A 1 102 ? -3.091  -14.724 -8.721  0.50 15.72 ? 102 GLU A OE1 1 
ATOM   794  O  OE1 B GLU A 1 102 ? -3.376  -14.272 -8.780  0.50 19.98 ? 102 GLU A OE1 1 
ATOM   795  O  OE2 A GLU A 1 102 ? -1.780  -16.483 -9.008  0.50 13.73 ? 102 GLU A OE2 1 
ATOM   796  O  OE2 B GLU A 1 102 ? -4.913  -12.945 -9.568  0.50 27.15 ? 102 GLU A OE2 1 
ATOM   797  N  N   . VAL A 1 103 ? -1.008  -10.111 -11.864 1.00 13.14 ? 103 VAL A N   1 
ATOM   798  C  CA  . VAL A 1 103 ? -1.509  -8.751  -12.202 1.00 14.18 ? 103 VAL A CA  1 
ATOM   799  C  C   . VAL A 1 103 ? -2.881  -8.966  -12.821 1.00 14.10 ? 103 VAL A C   1 
ATOM   800  O  O   . VAL A 1 103 ? -2.963  -9.545  -13.909 1.00 14.42 ? 103 VAL A O   1 
ATOM   801  C  CB  . VAL A 1 103 ? -0.528  -7.998  -13.107 1.00 15.44 ? 103 VAL A CB  1 
ATOM   802  C  CG1 . VAL A 1 103 ? -1.096  -6.623  -13.476 1.00 15.94 ? 103 VAL A CG1 1 
ATOM   803  C  CG2 . VAL A 1 103 ? 0.849   -7.870  -12.471 1.00 16.45 ? 103 VAL A CG2 1 
ATOM   804  N  N   A LEU A 1 104 ? -3.945  -8.565  -12.127 0.50 13.39 ? 104 LEU A N   1 
ATOM   805  N  N   B LEU A 1 104 ? -3.941  -8.632  -12.082 0.50 14.15 ? 104 LEU A N   1 
ATOM   806  C  CA  A LEU A 1 104 ? -5.325  -8.848  -12.550 0.50 14.59 ? 104 LEU A CA  1 
ATOM   807  C  CA  B LEU A 1 104 ? -5.343  -8.814  -12.503 0.50 15.94 ? 104 LEU A CA  1 
ATOM   808  C  C   A LEU A 1 104 ? -5.932  -7.615  -13.222 0.50 15.70 ? 104 LEU A C   1 
ATOM   809  C  C   B LEU A 1 104 ? -5.789  -7.613  -13.333 0.50 16.97 ? 104 LEU A C   1 
ATOM   810  O  O   A LEU A 1 104 ? -5.699  -6.471  -12.783 0.50 13.74 ? 104 LEU A O   1 
ATOM   811  O  O   B LEU A 1 104 ? -5.284  -6.501  -13.103 0.50 16.17 ? 104 LEU A O   1 
ATOM   812  C  CB  A LEU A 1 104 ? -6.142  -9.293  -11.334 0.50 15.16 ? 104 LEU A CB  1 
ATOM   813  C  CB  B LEU A 1 104 ? -6.247  -8.947  -11.272 0.50 17.17 ? 104 LEU A CB  1 
ATOM   814  C  CG  A LEU A 1 104 ? -5.525  -10.457 -10.569 0.50 16.01 ? 104 LEU A CG  1 
ATOM   815  C  CG  B LEU A 1 104 ? -6.210  -10.292 -10.548 0.50 18.80 ? 104 LEU A CG  1 
ATOM   816  C  CD1 A LEU A 1 104 ? -6.317  -10.762 -9.299  0.50 17.50 ? 104 LEU A CD1 1 
ATOM   817  C  CD1 B LEU A 1 104 ? -6.507  -11.434 -11.494 0.50 20.14 ? 104 LEU A CD1 1 
ATOM   818  C  CD2 A LEU A 1 104 ? -5.374  -11.684 -11.449 0.50 16.56 ? 104 LEU A CD2 1 
ATOM   819  C  CD2 B LEU A 1 104 ? -4.887  -10.524 -9.817  0.50 20.20 ? 104 LEU A CD2 1 
ATOM   820  N  N   . GLU A 1 105 ? -6.692  -7.853  -14.284 1.00 17.17 ? 105 GLU A N   1 
ATOM   821  C  CA  . GLU A 1 105 ? -7.452  -6.789  -14.986 1.00 20.54 ? 105 GLU A CA  1 
ATOM   822  C  C   . GLU A 1 105 ? -8.779  -6.571  -14.254 1.00 20.70 ? 105 GLU A C   1 
ATOM   823  O  O   . GLU A 1 105 ? -9.241  -7.473  -13.543 1.00 26.70 ? 105 GLU A O   1 
ATOM   824  C  CB  . GLU A 1 105 ? -7.664  -7.215  -16.436 1.00 21.67 ? 105 GLU A CB  1 
ATOM   825  C  CG  . GLU A 1 105 ? -6.355  -7.402  -17.142 1.00 24.71 ? 105 GLU A CG  1 
ATOM   826  C  CD  . GLU A 1 105 ? -5.682  -6.047  -17.304 1.00 32.44 ? 105 GLU A CD  1 
ATOM   827  O  OE1 . GLU A 1 105 ? -4.582  -5.871  -16.757 1.00 32.10 ? 105 GLU A OE1 1 
ATOM   828  O  OE2 . GLU A 1 105 ? -6.295  -5.154  -17.989 1.00 34.53 ? 105 GLU A OE2 1 
ATOM   829  N  N   . ASP A 1 106 ? -9.365  -5.400  -14.397 1.00 24.01 ? 106 ASP A N   1 
ATOM   830  C  CA  . ASP A 1 106 ? -10.735 -5.086  -13.919 1.00 27.57 ? 106 ASP A CA  1 
ATOM   831  C  C   . ASP A 1 106 ? -10.858 -5.308  -12.412 1.00 26.08 ? 106 ASP A C   1 
ATOM   832  O  O   . ASP A 1 106 ? -11.859 -5.902  -11.981 1.00 28.83 ? 106 ASP A O   1 
ATOM   833  C  CB  . ASP A 1 106 ? -11.761 -5.925  -14.684 1.00 28.16 ? 106 ASP A CB  1 
ATOM   834  C  CG  . ASP A 1 106 ? -11.585 -5.688  -16.163 1.00 35.26 ? 106 ASP A CG  1 
ATOM   835  O  OD1 . ASP A 1 106 ? -11.435 -4.492  -16.514 1.00 35.41 ? 106 ASP A OD1 1 
ATOM   836  O  OD2 . ASP A 1 106 ? -11.499 -6.697  -16.931 1.00 38.92 ? 106 ASP A OD2 1 
ATOM   837  N  N   . TRP A 1 107 ? -9.907  -4.815  -11.622 1.00 20.82 ? 107 TRP A N   1 
ATOM   838  C  CA  . TRP A 1 107 ? -9.881  -5.059  -10.154 1.00 20.71 ? 107 TRP A CA  1 
ATOM   839  C  C   . TRP A 1 107 ? -10.894 -4.112  -9.479  1.00 18.41 ? 107 TRP A C   1 
ATOM   840  O  O   . TRP A 1 107 ? -11.356 -3.153  -10.145 1.00 18.33 ? 107 TRP A O   1 
ATOM   841  C  CB  . TRP A 1 107 ? -8.439  -4.955  -9.625  1.00 19.01 ? 107 TRP A CB  1 
ATOM   842  C  CG  . TRP A 1 107 ? -7.829  -3.587  -9.645  1.00 17.47 ? 107 TRP A CG  1 
ATOM   843  C  CD1 . TRP A 1 107 ? -7.720  -2.748  -8.576  1.00 16.51 ? 107 TRP A CD1 1 
ATOM   844  C  CD2 . TRP A 1 107 ? -7.184  -2.923  -10.736 1.00 16.71 ? 107 TRP A CD2 1 
ATOM   845  N  NE1 . TRP A 1 107 ? -7.102  -1.592  -8.943  1.00 16.37 ? 107 TRP A NE1 1 
ATOM   846  C  CE2 . TRP A 1 107 ? -6.744  -1.665  -10.260 1.00 16.01 ? 107 TRP A CE2 1 
ATOM   847  C  CE3 . TRP A 1 107 ? -6.952  -3.221  -12.086 1.00 16.21 ? 107 TRP A CE3 1 
ATOM   848  C  CZ2 . TRP A 1 107 ? -6.097  -0.730  -11.064 1.00 17.47 ? 107 TRP A CZ2 1 
ATOM   849  C  CZ3 . TRP A 1 107 ? -6.321  -2.286  -12.877 1.00 18.02 ? 107 TRP A CZ3 1 
ATOM   850  C  CH2 . TRP A 1 107 ? -5.918  -1.049  -12.392 1.00 17.87 ? 107 TRP A CH2 1 
ATOM   851  N  N   . GLU A 1 108 ? -11.171 -4.296  -8.202  1.00 18.35 ? 108 GLU A N   1 
ATOM   852  C  CA  . GLU A 1 108 ? -12.274 -3.590  -7.509  1.00 19.30 ? 108 GLU A CA  1 
ATOM   853  C  C   . GLU A 1 108 ? -12.175 -2.080  -7.754  1.00 20.24 ? 108 GLU A C   1 
ATOM   854  O  O   . GLU A 1 108 ? -13.140 -1.483  -8.253  1.00 20.83 ? 108 GLU A O   1 
ATOM   855  C  CB  . GLU A 1 108 ? -12.219 -3.979  -6.042  1.00 20.96 ? 108 GLU A CB  1 
ATOM   856  C  CG  . GLU A 1 108 ? -13.196 -3.245  -5.158  1.00 23.76 ? 108 GLU A CG  1 
ATOM   857  C  CD  . GLU A 1 108 ? -13.242 -3.822  -3.761  1.00 25.00 ? 108 GLU A CD  1 
ATOM   858  O  OE1 . GLU A 1 108 ? -13.289 -5.055  -3.644  1.00 31.33 ? 108 GLU A OE1 1 
ATOM   859  O  OE2 . GLU A 1 108 ? -13.161 -3.046  -2.783  1.00 26.67 ? 108 GLU A OE2 1 
ATOM   860  N  N   . ASP A 1 109 ? -11.046 -1.443  -7.422  1.00 17.93 ? 109 ASP A N   1 
ATOM   861  C  CA  . ASP A 1 109 ? -10.998 0.034   -7.529  1.00 18.45 ? 109 ASP A CA  1 
ATOM   862  C  C   . ASP A 1 109 ? -10.898 0.500   -8.984  1.00 18.92 ? 109 ASP A C   1 
ATOM   863  O  O   . ASP A 1 109 ? -11.209 1.698   -9.250  1.00 18.72 ? 109 ASP A O   1 
ATOM   864  C  CB  . ASP A 1 109 ? -9.863  0.612   -6.680  1.00 17.75 ? 109 ASP A CB  1 
ATOM   865  C  CG  . ASP A 1 109 ? -10.185 0.695   -5.204  1.00 17.71 ? 109 ASP A CG  1 
ATOM   866  O  OD1 . ASP A 1 109 ? -11.328 0.364   -4.817  1.00 19.48 ? 109 ASP A OD1 1 
ATOM   867  O  OD2 . ASP A 1 109 ? -9.328  1.167   -4.470  1.00 18.10 ? 109 ASP A OD2 1 
ATOM   868  N  N   . SER A 1 110 ? -10.404 -0.312  -9.919  1.00 19.33 ? 110 SER A N   1 
ATOM   869  C  CA  A SER A 1 110 ? -10.408 0.109   -11.348 0.50 19.03 ? 110 SER A CA  1 
ATOM   870  C  CA  B SER A 1 110 ? -10.407 0.113   -11.350 0.50 21.30 ? 110 SER A CA  1 
ATOM   871  C  C   . SER A 1 110 ? -11.865 0.260   -11.808 1.00 21.06 ? 110 SER A C   1 
ATOM   872  O  O   . SER A 1 110 ? -12.200 1.308   -12.420 1.00 23.50 ? 110 SER A O   1 
ATOM   873  C  CB  A SER A 1 110 ? -9.664  -0.842  -12.210 0.50 18.03 ? 110 SER A CB  1 
ATOM   874  C  CB  B SER A 1 110 ? -9.633  -0.816  -12.238 0.50 22.82 ? 110 SER A CB  1 
ATOM   875  O  OG  A SER A 1 110 ? -9.875  -0.534  -13.578 0.50 15.25 ? 110 SER A OG  1 
ATOM   876  O  OG  B SER A 1 110 ? -10.381 -1.979  -12.565 0.50 25.97 ? 110 SER A OG  1 
ATOM   877  N  N   . VAL A 1 111 ? -12.683 -0.722  -11.477 1.00 23.04 ? 111 VAL A N   1 
ATOM   878  C  CA  . VAL A 1 111 ? -14.115 -0.771  -11.896 1.00 26.82 ? 111 VAL A CA  1 
ATOM   879  C  C   . VAL A 1 111 ? -14.859 0.352   -11.172 1.00 26.36 ? 111 VAL A C   1 
ATOM   880  O  O   . VAL A 1 111 ? -15.608 1.082   -11.837 1.00 29.01 ? 111 VAL A O   1 
ATOM   881  C  CB  . VAL A 1 111 ? -14.728 -2.156  -11.610 1.00 29.43 ? 111 VAL A CB  1 
ATOM   882  C  CG1 . VAL A 1 111 ? -16.238 -2.182  -11.851 1.00 33.81 ? 111 VAL A CG1 1 
ATOM   883  C  CG2 . VAL A 1 111 ? -14.063 -3.240  -12.431 1.00 31.15 ? 111 VAL A CG2 1 
ATOM   884  N  N   . ASN A 1 112 ? -14.621 0.525   -9.871  1.00 23.37 ? 112 ASN A N   1 
ATOM   885  C  CA  . ASN A 1 112 ? -15.488 1.366   -9.008  1.00 26.28 ? 112 ASN A CA  1 
ATOM   886  C  C   . ASN A 1 112 ? -15.093 2.837   -9.097  1.00 27.99 ? 112 ASN A C   1 
ATOM   887  O  O   . ASN A 1 112 ? -16.020 3.655   -9.121  1.00 27.88 ? 112 ASN A O   1 
ATOM   888  C  CB  . ASN A 1 112 ? -15.512 0.866   -7.571  1.00 26.37 ? 112 ASN A CB  1 
ATOM   889  C  CG  . ASN A 1 112 ? -16.229 -0.460  -7.444  1.00 28.75 ? 112 ASN A CG  1 
ATOM   890  O  OD1 . ASN A 1 112 ? -16.955 -0.869  -8.355  1.00 35.01 ? 112 ASN A OD1 1 
ATOM   891  N  ND2 . ASN A 1 112 ? -16.017 -1.145  -6.336  1.00 31.28 ? 112 ASN A ND2 1 
ATOM   892  N  N   . ILE A 1 113 ? -13.801 3.192   -9.094  1.00 24.56 ? 113 ILE A N   1 
ATOM   893  C  CA  . ILE A 1 113 ? -13.395 4.629   -9.005  1.00 24.89 ? 113 ILE A CA  1 
ATOM   894  C  C   . ILE A 1 113 ? -12.375 4.997   -10.090 1.00 23.03 ? 113 ILE A C   1 
ATOM   895  O  O   . ILE A 1 113 ? -11.904 6.132   -10.077 1.00 24.22 ? 113 ILE A O   1 
ATOM   896  C  CB  . ILE A 1 113 ? -12.906 4.984   -7.583  1.00 25.96 ? 113 ILE A CB  1 
ATOM   897  C  CG1 . ILE A 1 113 ? -11.588 4.287   -7.225  1.00 27.72 ? 113 ILE A CG1 1 
ATOM   898  C  CG2 . ILE A 1 113 ? -14.001 4.696   -6.561  1.00 27.07 ? 113 ILE A CG2 1 
ATOM   899  C  CD1 . ILE A 1 113 ? -10.907 4.868   -5.989  1.00 26.97 ? 113 ILE A CD1 1 
ATOM   900  N  N   . GLY A 1 114 ? -12.114 4.128   -11.064 1.00 22.32 ? 114 GLY A N   1 
ATOM   901  C  CA  . GLY A 1 114 ? -11.089 4.354   -12.111 1.00 21.66 ? 114 GLY A CA  1 
ATOM   902  C  C   . GLY A 1 114 ? -9.683  4.525   -11.557 1.00 21.35 ? 114 GLY A C   1 
ATOM   903  O  O   . GLY A 1 114 ? -8.852  5.257   -12.132 1.00 20.53 ? 114 GLY A O   1 
ATOM   904  N  N   . ARG A 1 115 ? -9.367  3.798   -10.477 1.00 19.30 ? 115 ARG A N   1 
ATOM   905  C  CA  . ARG A 1 115 ? -8.023  3.879   -9.894  1.00 18.29 ? 115 ARG A CA  1 
ATOM   906  C  C   . ARG A 1 115 ? -7.018  3.420   -10.954 1.00 16.93 ? 115 ARG A C   1 
ATOM   907  O  O   . ARG A 1 115 ? -7.253  2.382   -11.626 1.00 19.49 ? 115 ARG A O   1 
ATOM   908  C  CB  . ARG A 1 115 ? -7.972  2.973   -8.662  1.00 18.54 ? 115 ARG A CB  1 
ATOM   909  C  CG  . ARG A 1 115 ? -6.632  2.945   -7.954  1.00 21.07 ? 115 ARG A CG  1 
ATOM   910  C  CD  . ARG A 1 115 ? -6.536  3.745   -6.679  1.00 20.12 ? 115 ARG A CD  1 
ATOM   911  N  NE  . ARG A 1 115 ? -7.248  3.224   -5.526  1.00 20.02 ? 115 ARG A NE  1 
ATOM   912  C  CZ  . ARG A 1 115 ? -7.245  3.816   -4.331  1.00 17.55 ? 115 ARG A CZ  1 
ATOM   913  N  NH1 . ARG A 1 115 ? -6.634  4.975   -4.157  1.00 16.24 ? 115 ARG A NH1 1 
ATOM   914  N  NH2 . ARG A 1 115 ? -7.912  3.278   -3.329  1.00 17.52 ? 115 ARG A NH2 1 
ATOM   915  N  N   . LYS A 1 116 ? -5.891  4.093   -11.020 1.00 17.53 ? 116 LYS A N   1 
ATOM   916  C  CA  . LYS A 1 116 ? -4.760  3.740   -11.895 1.00 19.04 ? 116 LYS A CA  1 
ATOM   917  C  C   . LYS A 1 116 ? -3.644  3.099   -11.073 1.00 17.97 ? 116 LYS A C   1 
ATOM   918  O  O   . LYS A 1 116 ? -3.569  3.322   -9.841  1.00 15.21 ? 116 LYS A O   1 
ATOM   919  C  CB  . LYS A 1 116 ? -4.203  5.002   -12.559 1.00 23.42 ? 116 LYS A CB  1 
ATOM   920  C  CG  . LYS A 1 116 ? -5.141  5.694   -13.539 1.00 30.71 ? 116 LYS A CG  1 
ATOM   921  C  CD  . LYS A 1 116 ? -4.439  6.837   -14.257 1.00 35.76 ? 116 LYS A CD  1 
ATOM   922  C  CE  . LYS A 1 116 ? -3.765  7.816   -13.310 1.00 37.32 ? 116 LYS A CE  1 
ATOM   923  N  NZ  . LYS A 1 116 ? -4.784  8.589   -12.548 1.00 39.70 ? 116 LYS A NZ  1 
ATOM   924  N  N   . ARG A 1 117 ? -2.748  2.389   -11.750 1.00 16.58 ? 117 ARG A N   1 
ATOM   925  C  CA  . ARG A 1 117 ? -1.555  1.792   -11.131 1.00 14.82 ? 117 ARG A CA  1 
ATOM   926  C  C   . ARG A 1 117 ? -0.404  1.893   -12.111 1.00 14.56 ? 117 ARG A C   1 
ATOM   927  O  O   . ARG A 1 117 ? -0.637  1.868   -13.358 1.00 15.63 ? 117 ARG A O   1 
ATOM   928  C  CB  . ARG A 1 117 ? -1.772  0.317   -10.773 1.00 13.99 ? 117 ARG A CB  1 
ATOM   929  C  CG  . ARG A 1 117 ? -2.003  -0.570  -11.980 1.00 14.26 ? 117 ARG A CG  1 
ATOM   930  C  CD  . ARG A 1 117 ? -2.412  -1.983  -11.616 1.00 15.06 ? 117 ARG A CD  1 
ATOM   931  N  NE  . ARG A 1 117 ? -2.815  -2.704  -12.810 1.00 14.84 ? 117 ARG A NE  1 
ATOM   932  C  CZ  . ARG A 1 117 ? -3.425  -3.889  -12.813 1.00 15.35 ? 117 ARG A CZ  1 
ATOM   933  N  NH1 . ARG A 1 117 ? -3.734  -4.517  -11.683 1.00 14.94 ? 117 ARG A NH1 1 
ATOM   934  N  NH2 . ARG A 1 117 ? -3.755  -4.440  -13.974 1.00 15.05 ? 117 ARG A NH2 1 
ATOM   935  N  N   . GLU A 1 118 ? 0.797   1.974   -11.595 1.00 14.50 ? 118 GLU A N   1 
ATOM   936  C  CA  . GLU A 1 118 ? 1.990   2.144   -12.433 1.00 14.50 ? 118 GLU A CA  1 
ATOM   937  C  C   . GLU A 1 118 ? 3.223   1.656   -11.666 1.00 14.86 ? 118 GLU A C   1 
ATOM   938  O  O   . GLU A 1 118 ? 3.330   1.896   -10.441 1.00 13.04 ? 118 GLU A O   1 
ATOM   939  C  CB  . GLU A 1 118 ? 2.052   3.636   -12.808 1.00 16.74 ? 118 GLU A CB  1 
ATOM   940  C  CG  . GLU A 1 118 ? 3.149   3.998   -13.746 1.00 20.42 ? 118 GLU A CG  1 
ATOM   941  C  CD  . GLU A 1 118 ? 2.846   5.381   -14.313 1.00 24.57 ? 118 GLU A CD  1 
ATOM   942  O  OE1 . GLU A 1 118 ? 1.711   5.594   -14.869 1.00 28.60 ? 118 GLU A OE1 1 
ATOM   943  O  OE2 . GLU A 1 118 ? 3.766   6.215   -14.259 1.00 28.93 ? 118 GLU A OE2 1 
ATOM   944  N  N   . TRP A 1 119 ? 4.185   1.084   -12.387 1.00 15.00 ? 119 TRP A N   1 
ATOM   945  C  CA  . TRP A 1 119 ? 5.498   0.698   -11.846 1.00 15.16 ? 119 TRP A CA  1 
ATOM   946  C  C   . TRP A 1 119 ? 6.398   1.935   -11.793 1.00 15.92 ? 119 TRP A C   1 
ATOM   947  O  O   . TRP A 1 119 ? 6.439   2.711   -12.815 1.00 15.98 ? 119 TRP A O   1 
ATOM   948  C  CB  . TRP A 1 119 ? 6.158   -0.387  -12.707 1.00 15.91 ? 119 TRP A CB  1 
ATOM   949  C  CG  . TRP A 1 119 ? 5.434   -1.693  -12.738 1.00 16.09 ? 119 TRP A CG  1 
ATOM   950  C  CD1 . TRP A 1 119 ? 4.857   -2.281  -13.816 1.00 18.27 ? 119 TRP A CD1 1 
ATOM   951  C  CD2 . TRP A 1 119 ? 5.264   -2.611  -11.642 1.00 15.76 ? 119 TRP A CD2 1 
ATOM   952  N  NE1 . TRP A 1 119 ? 4.282   -3.468  -13.452 1.00 19.49 ? 119 TRP A NE1 1 
ATOM   953  C  CE2 . TRP A 1 119 ? 4.513   -3.697  -12.120 1.00 17.23 ? 119 TRP A CE2 1 
ATOM   954  C  CE3 . TRP A 1 119 ? 5.656   -2.601  -10.305 1.00 14.47 ? 119 TRP A CE3 1 
ATOM   955  C  CZ2 . TRP A 1 119 ? 4.166   -4.783  -11.311 1.00 17.58 ? 119 TRP A CZ2 1 
ATOM   956  C  CZ3 . TRP A 1 119 ? 5.331   -3.686  -9.513  1.00 15.70 ? 119 TRP A CZ3 1 
ATOM   957  C  CH2 . TRP A 1 119 ? 4.573   -4.740  -10.000 1.00 17.30 ? 119 TRP A CH2 1 
ATOM   958  N  N   . PHE A 1 120 ? 7.090   2.094   -10.679 1.00 13.90 ? 120 PHE A N   1 
ATOM   959  C  CA  . PHE A 1 120 ? 8.110   3.154   -10.493 1.00 15.17 ? 120 PHE A CA  1 
ATOM   960  C  C   . PHE A 1 120 ? 9.422   2.560   -10.045 1.00 16.01 ? 120 PHE A C   1 
ATOM   961  O  O   . PHE A 1 120 ? 9.463   1.734   -9.116  1.00 14.10 ? 120 PHE A O   1 
ATOM   962  C  CB  . PHE A 1 120 ? 7.636   4.101   -9.403  1.00 14.32 ? 120 PHE A CB  1 
ATOM   963  C  CG  . PHE A 1 120 ? 6.544   5.031   -9.827  1.00 14.29 ? 120 PHE A CG  1 
ATOM   964  C  CD1 . PHE A 1 120 ? 5.211   4.626   -9.770  1.00 13.38 ? 120 PHE A CD1 1 
ATOM   965  C  CD2 . PHE A 1 120 ? 6.809   6.333   -10.214 1.00 14.83 ? 120 PHE A CD2 1 
ATOM   966  C  CE1 . PHE A 1 120 ? 4.191   5.476   -10.191 1.00 13.61 ? 120 PHE A CE1 1 
ATOM   967  C  CE2 . PHE A 1 120 ? 5.776   7.165   -10.618 1.00 14.70 ? 120 PHE A CE2 1 
ATOM   968  C  CZ  . PHE A 1 120 ? 4.463   6.756   -10.584 1.00 13.85 ? 120 PHE A CZ  1 
ATOM   969  N  N   . LYS A 1 121 ? 10.544  2.999   -10.628 1.00 15.90 ? 121 LYS A N   1 
ATOM   970  C  CA  . LYS A 1 121 ? 11.825  2.724   -9.956  1.00 17.52 ? 121 LYS A CA  1 
ATOM   971  C  C   . LYS A 1 121 ? 11.747  3.345   -8.563  1.00 14.68 ? 121 LYS A C   1 
ATOM   972  O  O   . LYS A 1 121 ? 11.106  4.389   -8.394  1.00 13.87 ? 121 LYS A O   1 
ATOM   973  C  CB  . LYS A 1 121 ? 13.017  3.316   -10.714 1.00 19.81 ? 121 LYS A CB  1 
ATOM   974  C  CG  . LYS A 1 121 ? 13.256  2.781   -12.111 1.00 24.43 ? 121 LYS A CG  1 
ATOM   975  C  CD  . LYS A 1 121 ? 14.432  3.544   -12.770 1.00 31.20 ? 121 LYS A CD  1 
ATOM   976  C  CE  . LYS A 1 121 ? 14.254  3.721   -14.251 1.00 41.37 ? 121 LYS A CE  1 
ATOM   977  N  NZ  . LYS A 1 121 ? 14.560  2.444   -14.940 1.00 52.59 ? 121 LYS A NZ  1 
ATOM   978  N  N   . ILE A 1 122 ? 12.370  2.708   -7.592  1.00 15.46 ? 122 ILE A N   1 
ATOM   979  C  CA  . ILE A 1 122 ? 12.357  3.171   -6.171  1.00 16.12 ? 122 ILE A CA  1 
ATOM   980  C  C   . ILE A 1 122 ? 12.627  4.683   -6.072  1.00 16.65 ? 122 ILE A C   1 
ATOM   981  O  O   . ILE A 1 122 ? 11.855  5.392   -5.410  1.00 14.83 ? 122 ILE A O   1 
ATOM   982  C  CB  . ILE A 1 122 ? 13.308  2.386   -5.259  1.00 17.99 ? 122 ILE A CB  1 
ATOM   983  C  CG1 . ILE A 1 122 ? 13.114  0.878   -5.372  1.00 18.63 ? 122 ILE A CG1 1 
ATOM   984  C  CG2 . ILE A 1 122 ? 13.123  2.900   -3.840  1.00 18.78 ? 122 ILE A CG2 1 
ATOM   985  C  CD1 . ILE A 1 122 ? 11.656  0.445   -5.342  1.00 18.56 ? 122 ILE A CD1 1 
ATOM   986  N  N   A GLU A 1 123 ? 13.689  5.195   -6.683  0.50 16.36 ? 123 GLU A N   1 
ATOM   987  N  N   B GLU A 1 123 ? 13.694  5.156   -6.724  0.50 16.00 ? 123 GLU A N   1 
ATOM   988  C  CA  A GLU A 1 123 ? 13.987  6.637   -6.467  0.50 16.86 ? 123 GLU A CA  1 
ATOM   989  C  CA  B GLU A 1 123 ? 14.069  6.600   -6.681  0.50 16.83 ? 123 GLU A CA  1 
ATOM   990  C  C   A GLU A 1 123 ? 12.861  7.500   -7.072  0.50 15.21 ? 123 GLU A C   1 
ATOM   991  C  C   B GLU A 1 123 ? 12.870  7.457   -7.071  0.50 15.07 ? 123 GLU A C   1 
ATOM   992  O  O   A GLU A 1 123 ? 12.585  8.584   -6.515  0.50 16.46 ? 123 GLU A O   1 
ATOM   993  O  O   B GLU A 1 123 ? 12.612  8.482   -6.402  0.50 16.65 ? 123 GLU A O   1 
ATOM   994  C  CB  A GLU A 1 123 ? 15.380  6.991   -7.004  0.50 18.68 ? 123 GLU A CB  1 
ATOM   995  C  CB  B GLU A 1 123 ? 15.206  6.911   -7.660  0.50 17.70 ? 123 GLU A CB  1 
ATOM   996  C  CG  A GLU A 1 123 ? 16.560  6.615   -6.102  0.50 22.49 ? 123 GLU A CG  1 
ATOM   997  C  CG  B GLU A 1 123 ? 15.792  8.315   -7.494  0.50 20.19 ? 123 GLU A CG  1 
ATOM   998  C  CD  A GLU A 1 123 ? 16.497  6.808   -4.586  0.50 25.15 ? 123 GLU A CD  1 
ATOM   999  C  CD  B GLU A 1 123 ? 16.974  8.614   -8.416  0.50 24.05 ? 123 GLU A CD  1 
ATOM   1000 O  OE1 A GLU A 1 123 ? 16.352  7.971   -4.098  0.50 26.56 ? 123 GLU A OE1 1 
ATOM   1001 O  OE1 B GLU A 1 123 ? 17.187  7.857   -9.398  0.50 26.75 ? 123 GLU A OE1 1 
ATOM   1002 O  OE2 A GLU A 1 123 ? 16.610  5.788   -3.877  0.50 29.28 ? 123 GLU A OE2 1 
ATOM   1003 O  OE2 B GLU A 1 123 ? 17.680  9.600   -8.151  0.50 27.43 ? 123 GLU A OE2 1 
ATOM   1004 N  N   . ASP A 1 124 ? 12.185  7.063   -8.143  1.00 14.85 ? 124 ASP A N   1 
ATOM   1005 C  CA  . ASP A 1 124 ? 11.056  7.847   -8.706  1.00 14.32 ? 124 ASP A CA  1 
ATOM   1006 C  C   . ASP A 1 124 ? 9.812   7.714   -7.807  1.00 13.33 ? 124 ASP A C   1 
ATOM   1007 O  O   . ASP A 1 124 ? 9.029   8.645   -7.709  1.00 13.81 ? 124 ASP A O   1 
ATOM   1008 C  CB  . ASP A 1 124 ? 10.743  7.395   -10.124 1.00 16.04 ? 124 ASP A CB  1 
ATOM   1009 C  CG  . ASP A 1 124 ? 11.875  7.779   -11.066 1.00 20.07 ? 124 ASP A CG  1 
ATOM   1010 O  OD1 . ASP A 1 124 ? 12.399  8.909   -10.913 1.00 21.14 ? 124 ASP A OD1 1 
ATOM   1011 O  OD2 . ASP A 1 124 ? 12.240  6.950   -11.876 1.00 21.58 ? 124 ASP A OD2 1 
ATOM   1012 N  N   . ALA A 1 125 ? 9.595   6.565   -7.183  1.00 12.05 ? 125 ALA A N   1 
ATOM   1013 C  CA  . ALA A 1 125 ? 8.454   6.430   -6.240  1.00 13.18 ? 125 ALA A CA  1 
ATOM   1014 C  C   . ALA A 1 125 ? 8.658   7.432   -5.084  1.00 12.55 ? 125 ALA A C   1 
ATOM   1015 O  O   . ALA A 1 125 ? 7.684   8.078   -4.664  1.00 14.13 ? 125 ALA A O   1 
ATOM   1016 C  CB  . ALA A 1 125 ? 8.399   4.997   -5.719  1.00 13.94 ? 125 ALA A CB  1 
ATOM   1017 N  N   . ILE A 1 126 ? 9.842   7.457   -4.498  1.00 14.55 ? 126 ILE A N   1 
ATOM   1018 C  CA  . ILE A 1 126 ? 10.159  8.376   -3.368  1.00 14.91 ? 126 ILE A CA  1 
ATOM   1019 C  C   . ILE A 1 126 ? 9.857   9.806   -3.854  1.00 13.96 ? 126 ILE A C   1 
ATOM   1020 O  O   . ILE A 1 126 ? 9.135   10.538  -3.181  1.00 15.03 ? 126 ILE A O   1 
ATOM   1021 C  CB  . ILE A 1 126 ? 11.617  8.199   -2.916  1.00 15.62 ? 126 ILE A CB  1 
ATOM   1022 C  CG1 . ILE A 1 126 ? 11.818  6.857   -2.195  1.00 17.18 ? 126 ILE A CG1 1 
ATOM   1023 C  CG2 . ILE A 1 126 ? 12.049  9.407   -2.072  1.00 16.64 ? 126 ILE A CG2 1 
ATOM   1024 C  CD1 . ILE A 1 126 ? 13.263  6.496   -1.989  1.00 17.97 ? 126 ILE A CD1 1 
ATOM   1025 N  N   . LYS A 1 127 ? 10.286  10.166  -5.072  1.00 14.30 ? 127 LYS A N   1 
ATOM   1026 C  CA  . LYS A 1 127 ? 10.055  11.543  -5.598  1.00 14.77 ? 127 LYS A CA  1 
ATOM   1027 C  C   . LYS A 1 127 ? 8.564   11.884  -5.661  1.00 14.41 ? 127 LYS A C   1 
ATOM   1028 O  O   . LYS A 1 127 ? 8.207   12.925  -5.160  1.00 16.43 ? 127 LYS A O   1 
ATOM   1029 C  CB  . LYS A 1 127 ? 10.690  11.722  -6.984  1.00 17.01 ? 127 LYS A CB  1 
ATOM   1030 C  CG  . LYS A 1 127 ? 12.196  11.895  -6.922  1.00 19.44 ? 127 LYS A CG  1 
ATOM   1031 C  CD  . LYS A 1 127 ? 12.840  11.919  -8.279  1.00 22.44 ? 127 LYS A CD  1 
ATOM   1032 C  CE  . LYS A 1 127 ? 14.325  12.129  -8.104  1.00 24.23 ? 127 LYS A CE  1 
ATOM   1033 N  NZ  . LYS A 1 127 ? 14.950  12.279  -9.429  1.00 29.69 ? 127 LYS A NZ  1 
ATOM   1034 N  N   . VAL A 1 128 ? 7.728   11.032  -6.254  1.00 12.09 ? 128 VAL A N   1 
ATOM   1035 C  CA  . VAL A 1 128 ? 6.291   11.362  -6.431  1.00 12.67 ? 128 VAL A CA  1 
ATOM   1036 C  C   . VAL A 1 128 ? 5.544   11.342  -5.104  1.00 11.90 ? 128 VAL A C   1 
ATOM   1037 O  O   . VAL A 1 128 ? 4.529   11.988  -5.021  1.00 13.41 ? 128 VAL A O   1 
ATOM   1038 C  CB  . VAL A 1 128 ? 5.595   10.560  -7.538  1.00 13.19 ? 128 VAL A CB  1 
ATOM   1039 C  CG1 . VAL A 1 128 ? 6.260   10.815  -8.899  1.00 14.25 ? 128 VAL A CG1 1 
ATOM   1040 C  CG2 . VAL A 1 128 ? 5.558   9.076   -7.242  1.00 13.57 ? 128 VAL A CG2 1 
ATOM   1041 N  N   . LEU A 1 129 ? 5.990   10.556  -4.129  1.00 11.52 ? 129 LEU A N   1 
ATOM   1042 C  CA  . LEU A 1 129 ? 5.312   10.495  -2.806  1.00 12.21 ? 129 LEU A CA  1 
ATOM   1043 C  C   . LEU A 1 129 ? 5.654   11.702  -1.941  1.00 12.81 ? 129 LEU A C   1 
ATOM   1044 O  O   . LEU A 1 129 ? 4.835   12.051  -1.064  1.00 13.59 ? 129 LEU A O   1 
ATOM   1045 C  CB  . LEU A 1 129 ? 5.724   9.197   -2.111  1.00 12.18 ? 129 LEU A CB  1 
ATOM   1046 C  CG  . LEU A 1 129 ? 5.189   7.934   -2.773  1.00 11.82 ? 129 LEU A CG  1 
ATOM   1047 C  CD1 . LEU A 1 129 ? 5.898   6.709   -2.222  1.00 13.12 ? 129 LEU A CD1 1 
ATOM   1048 C  CD2 . LEU A 1 129 ? 3.681   7.801   -2.605  1.00 12.24 ? 129 LEU A CD2 1 
ATOM   1049 N  N   . GLN A 1 130 ? 6.808   12.333  -2.138  1.00 13.55 ? 130 GLN A N   1 
ATOM   1050 C  CA  . GLN A 1 130 ? 7.344   13.294  -1.137  1.00 14.99 ? 130 GLN A CA  1 
ATOM   1051 C  C   . GLN A 1 130 ? 6.361   14.414  -0.803  1.00 13.24 ? 130 GLN A C   1 
ATOM   1052 O  O   . GLN A 1 130 ? 6.326   14.838  0.377   1.00 14.36 ? 130 GLN A O   1 
ATOM   1053 C  CB  . GLN A 1 130 ? 8.647   13.897  -1.666  1.00 16.17 ? 130 GLN A CB  1 
ATOM   1054 C  CG  . GLN A 1 130 ? 9.505   14.490  -0.594  1.00 21.32 ? 130 GLN A CG  1 
ATOM   1055 C  CD  . GLN A 1 130 ? 10.051  13.390  0.289   1.00 20.84 ? 130 GLN A CD  1 
ATOM   1056 O  OE1 . GLN A 1 130 ? 10.929  12.616  -0.112  1.00 26.00 ? 130 GLN A OE1 1 
ATOM   1057 N  NE2 . GLN A 1 130 ? 9.541   13.370  1.494   1.00 21.54 ? 130 GLN A NE2 1 
ATOM   1058 N  N   . TYR A 1 131 ? 5.732   15.030  -1.800  1.00 12.55 ? 131 TYR A N   1 
ATOM   1059 C  CA  . TYR A 1 131 ? 4.966   16.272  -1.522  1.00 12.73 ? 131 TYR A CA  1 
ATOM   1060 C  C   . TYR A 1 131 ? 3.765   16.090  -0.590  1.00 13.25 ? 131 TYR A C   1 
ATOM   1061 O  O   . TYR A 1 131 ? 3.650   16.863  0.306   1.00 13.91 ? 131 TYR A O   1 
ATOM   1062 C  CB  . TYR A 1 131 ? 4.513   16.985  -2.797  1.00 13.56 ? 131 TYR A CB  1 
ATOM   1063 C  CG  . TYR A 1 131 ? 3.842   18.307  -2.541  1.00 14.83 ? 131 TYR A CG  1 
ATOM   1064 C  CD1 . TYR A 1 131 ? 4.565   19.393  -2.089  1.00 15.45 ? 131 TYR A CD1 1 
ATOM   1065 C  CD2 . TYR A 1 131 ? 2.487   18.459  -2.743  1.00 16.10 ? 131 TYR A CD2 1 
ATOM   1066 C  CE1 . TYR A 1 131 ? 3.949   20.601  -1.843  1.00 16.46 ? 131 TYR A CE1 1 
ATOM   1067 C  CE2 . TYR A 1 131 ? 1.852   19.660  -2.503  1.00 17.18 ? 131 TYR A CE2 1 
ATOM   1068 C  CZ  . TYR A 1 131 ? 2.588   20.728  -2.027  1.00 17.61 ? 131 TYR A CZ  1 
ATOM   1069 O  OH  . TYR A 1 131 ? 1.980   21.913  -1.789  1.00 20.06 ? 131 TYR A OH  1 
ATOM   1070 N  N   . HIS A 1 132 ? 2.906   15.118  -0.870  1.00 12.41 ? 132 HIS A N   1 
ATOM   1071 C  CA  . HIS A 1 132 ? 1.695   14.952  -0.033  1.00 12.43 ? 132 HIS A CA  1 
ATOM   1072 C  C   . HIS A 1 132 ? 1.742   13.688  0.818   1.00 12.74 ? 132 HIS A C   1 
ATOM   1073 O  O   . HIS A 1 132 ? 0.995   13.641  1.747   1.00 13.65 ? 132 HIS A O   1 
ATOM   1074 C  CB  . HIS A 1 132 ? 0.400   14.988  -0.831  1.00 12.87 ? 132 HIS A CB  1 
ATOM   1075 C  CG  . HIS A 1 132 ? -0.778  15.287  0.042   1.00 13.31 ? 132 HIS A CG  1 
ATOM   1076 N  ND1 . HIS A 1 132 ? -0.923  16.455  0.754   1.00 15.72 ? 132 HIS A ND1 1 
ATOM   1077 C  CD2 . HIS A 1 132 ? -1.881  14.569  0.308   1.00 14.51 ? 132 HIS A CD2 1 
ATOM   1078 C  CE1 . HIS A 1 132 ? -2.058  16.422  1.417   1.00 15.87 ? 132 HIS A CE1 1 
ATOM   1079 N  NE2 . HIS A 1 132 ? -2.657  15.287  1.156   1.00 15.54 ? 132 HIS A NE2 1 
ATOM   1080 N  N   . LYS A 1 133 ? 2.701   12.806  0.575   1.00 12.83 ? 133 LYS A N   1 
ATOM   1081 C  CA  . LYS A 1 133 ? 2.815   11.534  1.344   1.00 14.17 ? 133 LYS A CA  1 
ATOM   1082 C  C   . LYS A 1 133 ? 4.260   11.324  1.787   1.00 12.58 ? 133 LYS A C   1 
ATOM   1083 O  O   . LYS A 1 133 ? 4.791   10.276  1.593   1.00 12.62 ? 133 LYS A O   1 
ATOM   1084 C  CB  . LYS A 1 133 ? 2.328   10.343  0.505   1.00 14.52 ? 133 LYS A CB  1 
ATOM   1085 C  CG  . LYS A 1 133 ? 0.845   10.342  0.184   1.00 15.75 ? 133 LYS A CG  1 
ATOM   1086 C  CD  . LYS A 1 133 ? -0.020  10.132  1.410   1.00 17.28 ? 133 LYS A CD  1 
ATOM   1087 C  CE  . LYS A 1 133 ? -1.344  9.458   1.113   1.00 19.48 ? 133 LYS A CE  1 
ATOM   1088 N  NZ  . LYS A 1 133 ? -2.305  10.411  0.526   1.00 19.72 ? 133 LYS A NZ  1 
ATOM   1089 N  N   . PRO A 1 134 ? 4.870   12.249  2.547   1.00 12.94 ? 134 PRO A N   1 
ATOM   1090 C  CA  . PRO A 1 134 ? 6.244   12.075  2.965   1.00 12.45 ? 134 PRO A CA  1 
ATOM   1091 C  C   . PRO A 1 134 ? 6.440   10.823  3.835   1.00 11.41 ? 134 PRO A C   1 
ATOM   1092 O  O   . PRO A 1 134 ? 7.461   10.323  3.832   1.00 12.60 ? 134 PRO A O   1 
ATOM   1093 C  CB  . PRO A 1 134 ? 6.558   13.377  3.721   1.00 13.40 ? 134 PRO A CB  1 
ATOM   1094 C  CG  . PRO A 1 134 ? 5.210   13.943  4.094   1.00 14.77 ? 134 PRO A CG  1 
ATOM   1095 C  CD  . PRO A 1 134 ? 4.320   13.529  2.955   1.00 14.42 ? 134 PRO A CD  1 
ATOM   1096 N  N   . VAL A 1 135 ? 5.456   10.472  4.655   1.00 11.28 ? 135 VAL A N   1 
ATOM   1097 C  CA  . VAL A 1 135 ? 5.625   9.237   5.476   1.00 11.64 ? 135 VAL A CA  1 
ATOM   1098 C  C   . VAL A 1 135 ? 5.722   8.004   4.568   1.00 11.95 ? 135 VAL A C   1 
ATOM   1099 O  O   . VAL A 1 135 ? 6.492   7.148   4.855   1.00 12.35 ? 135 VAL A O   1 
ATOM   1100 C  CB  . VAL A 1 135 ? 4.526   9.097   6.545   1.00 12.99 ? 135 VAL A CB  1 
ATOM   1101 C  CG1 . VAL A 1 135 ? 4.750   7.830   7.356   1.00 12.88 ? 135 VAL A CG1 1 
ATOM   1102 C  CG2 . VAL A 1 135 ? 4.514   10.306  7.456   1.00 14.57 ? 135 VAL A CG2 1 
ATOM   1103 N  N   . GLN A 1 136 ? 4.963   7.988   3.484   1.00 12.82 ? 136 GLN A N   1 
ATOM   1104 C  CA  . GLN A 1 136 ? 5.006   6.863   2.518   1.00 11.46 ? 136 GLN A CA  1 
ATOM   1105 C  C   . GLN A 1 136 ? 6.341   6.870   1.776   1.00 12.27 ? 136 GLN A C   1 
ATOM   1106 O  O   . GLN A 1 136 ? 6.956   5.837   1.594   1.00 13.10 ? 136 GLN A O   1 
ATOM   1107 C  CB  . GLN A 1 136 ? 3.839   6.905   1.564   1.00 11.57 ? 136 GLN A CB  1 
ATOM   1108 C  CG  . GLN A 1 136 ? 2.508   6.814   2.301   1.00 11.22 ? 136 GLN A CG  1 
ATOM   1109 C  CD  . GLN A 1 136 ? 1.311   6.627   1.430   1.00 13.51 ? 136 GLN A CD  1 
ATOM   1110 O  OE1 . GLN A 1 136 ? 1.425   6.524   0.206   1.00 13.61 ? 136 GLN A OE1 1 
ATOM   1111 N  NE2 . GLN A 1 136 ? 0.118   6.686   2.062   1.00 15.75 ? 136 GLN A NE2 1 
ATOM   1112 N  N   . ALA A 1 137 ? 6.843   8.049   1.426   1.00 11.65 ? 137 ALA A N   1 
ATOM   1113 C  CA  . ALA A 1 137 ? 8.233   8.134   0.885   1.00 13.08 ? 137 ALA A CA  1 
ATOM   1114 C  C   . ALA A 1 137 ? 9.233   7.488   1.862   1.00 13.24 ? 137 ALA A C   1 
ATOM   1115 O  O   . ALA A 1 137 ? 10.151  6.779   1.448   1.00 14.52 ? 137 ALA A O   1 
ATOM   1116 C  CB  . ALA A 1 137 ? 8.620   9.581   0.569   1.00 13.23 ? 137 ALA A CB  1 
ATOM   1117 N  N   . SER A 1 138 ? 9.018   7.691   3.161   1.00 12.72 ? 138 SER A N   1 
ATOM   1118 C  CA  . SER A 1 138 ? 9.931   7.147   4.199   1.00 13.69 ? 138 SER A CA  1 
ATOM   1119 C  C   . SER A 1 138 ? 9.841   5.628   4.299   1.00 12.84 ? 138 SER A C   1 
ATOM   1120 O  O   . SER A 1 138 ? 10.750  5.040   4.800   1.00 14.36 ? 138 SER A O   1 
ATOM   1121 C  CB  . SER A 1 138 ? 9.741   7.801   5.543   1.00 14.92 ? 138 SER A CB  1 
ATOM   1122 O  OG  . SER A 1 138 ? 8.646   7.243   6.217   1.00 16.92 ? 138 SER A OG  1 
ATOM   1123 N  N   . TYR A 1 139 ? 8.825   5.007   3.703   1.00 12.74 ? 139 TYR A N   1 
ATOM   1124 C  CA  . TYR A 1 139 ? 8.714   3.523   3.734   1.00 13.55 ? 139 TYR A CA  1 
ATOM   1125 C  C   . TYR A 1 139 ? 9.940   2.884   3.044   1.00 13.48 ? 139 TYR A C   1 
ATOM   1126 O  O   . TYR A 1 139 ? 10.289  1.779   3.354   1.00 15.50 ? 139 TYR A O   1 
ATOM   1127 C  CB  . TYR A 1 139 ? 7.463   3.014   2.993   1.00 11.20 ? 139 TYR A CB  1 
ATOM   1128 C  CG  . TYR A 1 139 ? 6.045   3.318   3.489   1.00 10.78 ? 139 TYR A CG  1 
ATOM   1129 C  CD1 . TYR A 1 139 ? 5.820   3.927   4.715   1.00 10.78 ? 139 TYR A CD1 1 
ATOM   1130 C  CD2 . TYR A 1 139 ? 4.983   2.972   2.734   1.00 11.36 ? 139 TYR A CD2 1 
ATOM   1131 C  CE1 . TYR A 1 139 ? 4.524   4.186   5.139   1.00 10.44 ? 139 TYR A CE1 1 
ATOM   1132 C  CE2 . TYR A 1 139 ? 3.690   3.227   3.133   1.00 10.69 ? 139 TYR A CE2 1 
ATOM   1133 C  CZ  . TYR A 1 139 ? 3.451   3.834   4.343   1.00 11.04 ? 139 TYR A CZ  1 
ATOM   1134 O  OH  . TYR A 1 139 ? 2.168   4.066   4.714   1.00 12.20 ? 139 TYR A OH  1 
ATOM   1135 N  N   . PHE A 1 140 ? 10.479  3.542   2.021   1.00 15.07 ? 140 PHE A N   1 
ATOM   1136 C  CA  . PHE A 1 140 ? 11.616  3.094   1.198   1.00 15.67 ? 140 PHE A CA  1 
ATOM   1137 C  C   . PHE A 1 140 ? 12.988  3.471   1.768   1.00 20.14 ? 140 PHE A C   1 
ATOM   1138 O  O   . PHE A 1 140 ? 13.933  3.041   1.170   1.00 21.24 ? 140 PHE A O   1 
ATOM   1139 C  CB  . PHE A 1 140 ? 11.431  3.712   -0.191  1.00 15.93 ? 140 PHE A CB  1 
ATOM   1140 C  CG  . PHE A 1 140 ? 10.150  3.304   -0.872  1.00 14.52 ? 140 PHE A CG  1 
ATOM   1141 C  CD1 . PHE A 1 140 ? 10.059  2.114   -1.554  1.00 16.66 ? 140 PHE A CD1 1 
ATOM   1142 C  CD2 . PHE A 1 140 ? 9.015   4.086   -0.787  1.00 15.09 ? 140 PHE A CD2 1 
ATOM   1143 C  CE1 . PHE A 1 140 ? 8.881   1.738   -2.162  1.00 17.11 ? 140 PHE A CE1 1 
ATOM   1144 C  CE2 . PHE A 1 140 ? 7.833   3.701   -1.381  1.00 15.38 ? 140 PHE A CE2 1 
ATOM   1145 C  CZ  . PHE A 1 140 ? 7.770   2.530   -2.075  1.00 17.99 ? 140 PHE A CZ  1 
ATOM   1146 N  N   . GLU A 1 141 ? 13.080  4.195   2.885   1.00 22.37 ? 141 GLU A N   1 
ATOM   1147 C  CA  . GLU A 1 141 ? 14.416  4.647   3.400   1.00 31.63 ? 141 GLU A CA  1 
ATOM   1148 C  C   . GLU A 1 141 ? 15.340  3.460   3.739   1.00 36.41 ? 141 GLU A C   1 
ATOM   1149 O  O   . GLU A 1 141 ? 16.575  3.603   3.564   1.00 43.68 ? 141 GLU A O   1 
ATOM   1150 C  CB  . GLU A 1 141 ? 14.288  5.511   4.650   1.00 37.76 ? 141 GLU A CB  1 
ATOM   1151 C  CG  . GLU A 1 141 ? 13.921  6.960   4.360   1.00 41.63 ? 141 GLU A CG  1 
ATOM   1152 C  CD  . GLU A 1 141 ? 13.593  7.807   5.595   1.00 51.11 ? 141 GLU A CD  1 
ATOM   1153 O  OE1 . GLU A 1 141 ? 13.285  9.014   5.432   1.00 53.82 ? 141 GLU A OE1 1 
ATOM   1154 O  OE2 . GLU A 1 141 ? 13.617  7.264   6.727   1.00 51.41 ? 141 GLU A OE2 1 
ATOM   1155 N  N   . THR A 1 142 ? 14.775  2.329   4.163   1.00 40.25 ? 142 THR A N   1 
ATOM   1156 C  CA  . THR A 1 142 ? 15.473  1.088   4.607   1.00 49.13 ? 142 THR A CA  1 
ATOM   1157 C  C   . THR A 1 142 ? 15.649  0.077   3.462   1.00 49.99 ? 142 THR A C   1 
ATOM   1158 O  O   . THR A 1 142 ? 15.721  0.398   2.283   1.00 48.47 ? 142 THR A O   1 
ATOM   1159 C  CB  . THR A 1 142 ? 14.662  0.482   5.753   1.00 51.44 ? 142 THR A CB  1 
ATOM   1160 O  OG1 . THR A 1 142 ? 14.947  1.381   6.829   1.00 55.62 ? 142 THR A OG1 1 
ATOM   1161 C  CG2 . THR A 1 142 ? 14.996  -0.962  6.058   1.00 58.42 ? 142 THR A CG2 1 
HETATM 1162 C  C1  . ZOW B 2 .   ? -7.806  6.937   3.144   1.00 17.10 ? 401 ZOW A C1  1 
HETATM 1163 C  C2  . ZOW B 2 .   ? -7.831  7.318   1.695   1.00 17.42 ? 401 ZOW A C2  1 
HETATM 1164 C  C3  . ZOW B 2 .   ? -7.175  8.695   1.537   1.00 18.42 ? 401 ZOW A C3  1 
HETATM 1165 C  C4  . ZOW B 2 .   ? -7.993  9.715   2.343   1.00 21.17 ? 401 ZOW A C4  1 
HETATM 1166 C  C5  . ZOW B 2 .   ? -8.095  9.268   3.809   1.00 21.70 ? 401 ZOW A C5  1 
HETATM 1167 C  C6  . ZOW B 2 .   ? -8.683  7.903   3.947   1.00 19.73 ? 401 ZOW A C6  1 
HETATM 1168 O  O33 . ZOW B 2 .   ? -6.133  7.988   -1.794  1.00 17.05 ? 401 ZOW A O33 1 
HETATM 1169 P  PA3 . ZOW B 2 .   ? -5.797  9.106   -0.713  1.00 17.16 ? 401 ZOW A PA3 1 
HETATM 1170 O  O23 . ZOW B 2 .   ? -5.865  10.561  -1.351  1.00 19.59 ? 401 ZOW A O23 1 
HETATM 1171 O  O43 . ZOW B 2 .   ? -4.699  8.797   0.161   1.00 18.12 ? 401 ZOW A O43 1 
HETATM 1172 O  O13 . ZOW B 2 .   ? -7.131  9.138   0.187   1.00 17.03 ? 401 ZOW A O13 1 
HETATM 1173 O  O12 . ZOW B 2 .   ? -7.147  6.415   0.862   1.00 16.88 ? 401 ZOW A O12 1 
HETATM 1174 P  PA2 . ZOW B 2 .   ? -7.889  5.573   -0.299  1.00 15.40 ? 401 ZOW A PA2 1 
HETATM 1175 O  O42 . ZOW B 2 .   ? -9.149  6.230   -0.646  1.00 18.41 ? 401 ZOW A O42 1 
HETATM 1176 O  O32 . ZOW B 2 .   ? -6.776  5.683   -1.351  1.00 14.31 ? 401 ZOW A O32 1 
HETATM 1177 O  O22 . ZOW B 2 .   ? -7.946  4.122   0.175   1.00 12.99 ? 401 ZOW A O22 1 
HETATM 1178 O  O11 . ZOW B 2 .   ? -8.368  5.660   3.307   1.00 13.97 ? 401 ZOW A O11 1 
HETATM 1179 P  PA1 . ZOW B 2 .   ? -7.455  4.422   3.820   1.00 13.57 ? 401 ZOW A PA1 1 
HETATM 1180 O  O21 . ZOW B 2 .   ? -6.844  4.781   5.174   1.00 14.93 ? 401 ZOW A O21 1 
HETATM 1181 O  O31 . ZOW B 2 .   ? -6.417  4.023   2.766   1.00 13.00 ? 401 ZOW A O31 1 
HETATM 1182 O  O41 . ZOW B 2 .   ? -8.471  3.202   4.087   1.00 14.93 ? 401 ZOW A O41 1 
HETATM 1183 P  PB1 . ZOW B 2 .   ? -9.319  2.207   3.105   1.00 14.70 ? 401 ZOW A PB1 1 
HETATM 1184 O  O71 . ZOW B 2 .   ? -10.456 2.987   2.650   1.00 15.13 ? 401 ZOW A O71 1 
HETATM 1185 O  O51 . ZOW B 2 .   ? -8.271  1.848   1.966   1.00 13.15 ? 401 ZOW A O51 1 
HETATM 1186 O  O61 . ZOW B 2 .   ? -9.506  1.009   4.022   1.00 13.64 ? 401 ZOW A O61 1 
HETATM 1187 O  O16 . ZOW B 2 .   ? -8.723  7.510   5.350   1.00 21.71 ? 401 ZOW A O16 1 
HETATM 1188 O  O15 . ZOW B 2 .   ? -8.926  10.227  4.512   1.00 24.76 ? 401 ZOW A O15 1 
HETATM 1189 O  O14 . ZOW B 2 .   ? -7.252  10.891  2.338   1.00 23.40 ? 401 ZOW A O14 1 
HETATM 1190 P  PA4 . ZOW B 2 .   ? -7.974  12.360  1.883   1.00 31.93 ? 401 ZOW A PA4 1 
HETATM 1191 O  O34 . ZOW B 2 .   ? -9.316  12.219  1.193   1.00 30.46 ? 401 ZOW A O34 1 
HETATM 1192 O  O24 . ZOW B 2 .   ? -7.885  13.308  3.180   1.00 34.67 ? 401 ZOW A O24 1 
HETATM 1193 O  O44 . ZOW B 2 .   ? -6.956  12.971  0.623   1.00 35.57 ? 401 ZOW A O44 1 
HETATM 1194 P  PB4 . ZOW B 2 .   ? -5.346  13.385  0.602   1.00 38.97 ? 401 ZOW A PB4 1 
HETATM 1195 O  O64 . ZOW B 2 .   ? -4.696  12.104  -0.068  1.00 37.15 ? 401 ZOW A O64 1 
HETATM 1196 O  O74 . ZOW B 2 .   ? -4.834  13.792  2.024   1.00 33.35 ? 401 ZOW A O74 1 
HETATM 1197 O  O54 . ZOW B 2 .   ? -5.292  14.599  -0.497  1.00 42.27 ? 401 ZOW A O54 1 
HETATM 1198 MG MG  . MG  C 3 .   ? -6.687  2.832   1.099   1.00 13.46 ? 402 MG  A MG  1 
HETATM 1199 MG MG  . MG  D 3 .   ? -8.837  0.498   0.533   1.00 12.68 ? 403 MG  A MG  1 
HETATM 1200 MG MG  . MG  E 3 .   ? -10.489 -0.701  3.345   1.00 15.46 ? 404 MG  A MG  1 
HETATM 1201 CL CL  . CL  F 4 .   ? 0.743   8.568   5.108   1.00 17.17 ? 405 CL  A CL  1 
HETATM 1202 CL CL  . CL  G 4 .   ? 11.798  -5.309  -9.099  1.00 21.34 ? 406 CL  A CL  1 
HETATM 1203 F  F   . F   H 5 .   ? -10.483 0.114   1.572   1.00 17.31 ? 407 F   A F   1 
HETATM 1204 O  O   . HOH I 6 .   ? 14.814  -8.777  -10.929 1.00 33.25 ? 501 HOH A O   1 
HETATM 1205 O  O   . HOH I 6 .   ? -11.934 1.925   1.082   1.00 17.34 ? 502 HOH A O   1 
HETATM 1206 O  O   . HOH I 6 .   ? -3.108  -7.783  -16.365 1.00 27.05 ? 503 HOH A O   1 
HETATM 1207 O  O   . HOH I 6 .   ? 2.427   10.113  15.761  1.00 29.26 ? 504 HOH A O   1 
HETATM 1208 O  O   . HOH I 6 .   ? -11.388 9.306   -6.894  1.00 33.67 ? 505 HOH A O   1 
HETATM 1209 O  O   . HOH I 6 .   ? 14.131  -0.993  -13.378 1.00 45.55 ? 506 HOH A O   1 
HETATM 1210 O  O   . HOH I 6 .   ? -10.354 8.870   6.643   1.00 34.34 ? 507 HOH A O   1 
HETATM 1211 O  O   . HOH I 6 .   ? 16.315  3.046   8.098   1.00 45.05 ? 508 HOH A O   1 
HETATM 1212 O  O   . HOH I 6 .   ? -12.813 -3.979  4.491   1.00 34.59 ? 509 HOH A O   1 
HETATM 1213 O  O   . HOH I 6 .   ? 0.401   18.551  1.158   1.00 40.48 ? 510 HOH A O   1 
HETATM 1214 O  O   . HOH I 6 .   ? -6.253  -14.861 -8.651  1.00 27.17 ? 511 HOH A O   1 
HETATM 1215 O  O   . HOH I 6 .   ? -2.553  15.893  4.694   1.00 39.64 ? 512 HOH A O   1 
HETATM 1216 O  O   . HOH I 6 .   ? -13.335 -5.174  1.604   1.00 40.94 ? 513 HOH A O   1 
HETATM 1217 O  O   . HOH I 6 .   ? 6.323   8.970   10.785  1.00 31.49 ? 514 HOH A O   1 
HETATM 1218 O  O   . HOH I 6 .   ? 10.128  14.360  3.775   1.00 35.31 ? 515 HOH A O   1 
HETATM 1219 O  O   . HOH I 6 .   ? -11.426 7.590   11.739  1.00 33.12 ? 516 HOH A O   1 
HETATM 1220 O  O   . HOH I 6 .   ? 14.808  9.871   -10.792 1.00 37.42 ? 517 HOH A O   1 
HETATM 1221 O  O   . HOH I 6 .   ? 10.760  -7.961  9.299   1.00 32.92 ? 518 HOH A O   1 
HETATM 1222 O  O   . HOH I 6 .   ? 12.505  -9.719  -1.978  1.00 36.01 ? 519 HOH A O   1 
HETATM 1223 O  O   . HOH I 6 .   ? -6.079  15.389  -9.108  1.00 44.85 ? 520 HOH A O   1 
HETATM 1224 O  O   . HOH I 6 .   ? 15.385  -1.878  -3.153  1.00 45.57 ? 521 HOH A O   1 
HETATM 1225 O  O   . HOH I 6 .   ? -11.777 -7.567  -0.331  1.00 20.71 ? 522 HOH A O   1 
HETATM 1226 O  O   . HOH I 6 .   ? -10.223 10.569  -0.623  1.00 36.79 ? 523 HOH A O   1 
HETATM 1227 O  O   . HOH I 6 .   ? -9.549  -10.477 5.884   1.00 22.09 ? 524 HOH A O   1 
HETATM 1228 O  O   . HOH I 6 .   ? 3.021   -5.286  16.505  1.00 34.75 ? 525 HOH A O   1 
HETATM 1229 O  O   . HOH I 6 .   ? -11.291 7.014   5.458   1.00 42.25 ? 526 HOH A O   1 
HETATM 1230 O  O   . HOH I 6 .   ? -7.674  7.330   -8.147  1.00 22.14 ? 527 HOH A O   1 
HETATM 1231 O  O   . HOH I 6 .   ? -13.230 2.352   -14.594 1.00 46.27 ? 528 HOH A O   1 
HETATM 1232 O  O   . HOH I 6 .   ? 4.933   -15.676 2.130   1.00 35.70 ? 529 HOH A O   1 
HETATM 1233 O  O   . HOH I 6 .   ? 3.508   -9.364  10.987  1.00 34.89 ? 530 HOH A O   1 
HETATM 1234 O  O   . HOH I 6 .   ? 1.926   5.969   6.513   1.00 15.73 ? 531 HOH A O   1 
HETATM 1235 O  O   . HOH I 6 .   ? -10.176 7.939   -9.249  1.00 29.31 ? 532 HOH A O   1 
HETATM 1236 O  O   . HOH I 6 .   ? -8.984  6.211   -14.586 1.00 40.17 ? 533 HOH A O   1 
HETATM 1237 O  O   . HOH I 6 .   ? 0.077   13.496  -12.447 1.00 32.44 ? 534 HOH A O   1 
HETATM 1238 O  O   . HOH I 6 .   ? -12.102 -9.542  5.203   1.00 39.01 ? 535 HOH A O   1 
HETATM 1239 O  O   . HOH I 6 .   ? -11.746 -0.757  -2.458  1.00 18.86 ? 536 HOH A O   1 
HETATM 1240 O  O   . HOH I 6 .   ? -5.877  17.175  -0.305  1.00 43.35 ? 537 HOH A O   1 
HETATM 1241 O  O   . HOH I 6 .   ? -13.864 -6.577  -1.551  1.00 38.43 ? 538 HOH A O   1 
HETATM 1242 O  O   . HOH I 6 .   ? 6.410   14.776  -4.550  1.00 13.11 ? 539 HOH A O   1 
HETATM 1243 O  O   . HOH I 6 .   ? -3.760  6.714   1.507   1.00 28.27 ? 540 HOH A O   1 
HETATM 1244 O  O   . HOH I 6 .   ? -8.213  1.723   -14.010 1.00 36.15 ? 541 HOH A O   1 
HETATM 1245 O  O   . HOH I 6 .   ? -7.124  6.787   23.182  1.00 19.72 ? 542 HOH A O   1 
HETATM 1246 O  O   . HOH I 6 .   ? 15.381  0.951   -8.864  1.00 24.89 ? 543 HOH A O   1 
HETATM 1247 O  O   . HOH I 6 .   ? 0.143   8.134   20.816  1.00 31.80 ? 544 HOH A O   1 
HETATM 1248 O  O   . HOH I 6 .   ? -11.687 -0.801  7.736   1.00 49.53 ? 545 HOH A O   1 
HETATM 1249 O  O   . HOH I 6 .   ? -13.633 -8.659  10.972  1.00 41.26 ? 546 HOH A O   1 
HETATM 1250 O  O   . HOH I 6 .   ? 6.233   5.294   -13.733 1.00 24.68 ? 547 HOH A O   1 
HETATM 1251 O  O   . HOH I 6 .   ? -2.761  -3.887  -16.709 1.00 39.96 ? 548 HOH A O   1 
HETATM 1252 O  O   . HOH I 6 .   ? 13.763  13.883  -11.239 1.00 38.91 ? 549 HOH A O   1 
HETATM 1253 O  O   . HOH I 6 .   ? 12.931  -2.608  7.781   1.00 28.82 ? 550 HOH A O   1 
HETATM 1254 O  O   . HOH I 6 .   ? -2.488  4.385   1.192   1.00 19.72 ? 551 HOH A O   1 
HETATM 1255 O  O   . HOH I 6 .   ? -5.224  3.809   -0.100  1.00 13.41 ? 552 HOH A O   1 
HETATM 1256 O  O   . HOH I 6 .   ? 11.715  -1.964  -16.490 1.00 33.16 ? 553 HOH A O   1 
HETATM 1257 O  O   . HOH I 6 .   ? -10.404 6.566   7.817   1.00 40.74 ? 554 HOH A O   1 
HETATM 1258 O  O   . HOH I 6 .   ? -14.028 0.484   -4.820  1.00 33.65 ? 555 HOH A O   1 
HETATM 1259 O  O   . HOH I 6 .   ? -14.171 -3.768  -0.382  1.00 39.05 ? 556 HOH A O   1 
HETATM 1260 O  O   . HOH I 6 .   ? -9.723  8.110   17.305  1.00 31.72 ? 557 HOH A O   1 
HETATM 1261 O  O   . HOH I 6 .   ? 0.524   5.641   8.882   1.00 12.11 ? 558 HOH A O   1 
HETATM 1262 O  O   . HOH I 6 .   ? -3.663  9.877   21.448  1.00 42.48 ? 559 HOH A O   1 
HETATM 1263 O  O   . HOH I 6 .   ? -7.852  -3.776  -15.972 1.00 40.44 ? 560 HOH A O   1 
HETATM 1264 O  O   . HOH I 6 .   ? -9.522  -0.848  -0.858  1.00 15.60 ? 561 HOH A O   1 
HETATM 1265 O  O   . HOH I 6 .   ? 4.096   8.920   -14.139 1.00 42.38 ? 562 HOH A O   1 
HETATM 1266 O  O   . HOH I 6 .   ? 3.443   -0.694  -3.379  1.00 14.34 ? 563 HOH A O   1 
HETATM 1267 O  O   . HOH I 6 .   ? -11.481 -2.332  2.480   1.00 16.66 ? 564 HOH A O   1 
HETATM 1268 O  O   . HOH I 6 .   ? -11.870 -1.757  -15.017 1.00 40.51 ? 565 HOH A O   1 
HETATM 1269 O  O   . HOH I 6 .   ? -0.694  -13.554 6.411   1.00 23.86 ? 566 HOH A O   1 
HETATM 1270 O  O   . HOH I 6 .   ? -11.101 5.301   -2.362  1.00 26.84 ? 567 HOH A O   1 
HETATM 1271 O  O   . HOH I 6 .   ? -0.562  19.316  -5.979  1.00 35.37 ? 568 HOH A O   1 
HETATM 1272 O  O   . HOH I 6 .   ? 10.378  5.053   -12.663 1.00 17.37 ? 569 HOH A O   1 
HETATM 1273 O  O   . HOH I 6 .   ? -5.594  7.109   6.030   1.00 23.47 ? 570 HOH A O   1 
HETATM 1274 O  O   . HOH I 6 .   ? -11.063 5.255   1.162   1.00 24.87 ? 571 HOH A O   1 
HETATM 1275 O  O   . HOH I 6 .   ? 7.763   -11.667 -9.444  1.00 33.19 ? 572 HOH A O   1 
HETATM 1276 O  O   . HOH I 6 .   ? 5.725   -11.366 7.022   1.00 29.73 ? 573 HOH A O   1 
HETATM 1277 O  O   . HOH I 6 .   ? 14.431  9.893   -4.752  1.00 23.32 ? 574 HOH A O   1 
HETATM 1278 O  O   . HOH I 6 .   ? -1.853  9.285   -10.671 1.00 23.15 ? 575 HOH A O   1 
HETATM 1279 O  O   . HOH I 6 .   ? -9.849  2.043   -0.371  1.00 13.82 ? 576 HOH A O   1 
HETATM 1280 O  O   . HOH I 6 .   ? -5.018  -11.234 -2.292  1.00 28.88 ? 577 HOH A O   1 
HETATM 1281 O  O   . HOH I 6 .   ? -5.924  -11.085 2.726   1.00 17.67 ? 578 HOH A O   1 
HETATM 1282 O  O   . HOH I 6 .   ? -2.842  -9.205  -2.762  1.00 17.15 ? 579 HOH A O   1 
HETATM 1283 O  O   . HOH I 6 .   ? 2.857   13.625  -3.472  1.00 14.03 ? 580 HOH A O   1 
HETATM 1284 O  O   . HOH I 6 .   ? 0.636   11.791  -3.231  1.00 14.19 ? 581 HOH A O   1 
HETATM 1285 O  O   . HOH I 6 .   ? -4.131  -2.252  19.127  1.00 21.08 ? 582 HOH A O   1 
HETATM 1286 O  O   . HOH I 6 .   ? -6.385  10.335  6.696   1.00 40.10 ? 583 HOH A O   1 
HETATM 1287 O  O   . HOH I 6 .   ? -10.601 -1.500  5.300   1.00 16.34 ? 584 HOH A O   1 
HETATM 1288 O  O   . HOH I 6 .   ? 2.830   -15.677 -5.223  1.00 31.79 ? 585 HOH A O   1 
HETATM 1289 O  O   . HOH I 6 .   ? 10.056  11.393  3.504   1.00 24.94 ? 586 HOH A O   1 
HETATM 1290 O  O   . HOH I 6 .   ? -0.734  -14.865 -3.699  1.00 39.30 ? 587 HOH A O   1 
HETATM 1291 O  O   . HOH I 6 .   ? 0.222   -10.373 10.597  1.00 20.30 ? 588 HOH A O   1 
HETATM 1292 O  O   . HOH I 6 .   ? -14.694 1.167   15.513  1.00 30.08 ? 589 HOH A O   1 
HETATM 1293 O  O   . HOH I 6 .   ? 5.665   -9.081  -11.410 1.00 29.85 ? 590 HOH A O   1 
HETATM 1294 O  O   . HOH I 6 .   ? 16.994  5.085   -9.991  1.00 37.16 ? 591 HOH A O   1 
HETATM 1295 O  O   . HOH I 6 .   ? 12.445  0.012   2.798   1.00 51.92 ? 592 HOH A O   1 
HETATM 1296 O  O   . HOH I 6 .   ? -9.674  -6.382  -6.719  1.00 19.24 ? 593 HOH A O   1 
HETATM 1297 O  O   . HOH I 6 .   ? -6.866  8.444   10.619  1.00 33.49 ? 594 HOH A O   1 
HETATM 1298 O  O   . HOH I 6 .   ? -9.038  0.549   10.287  1.00 14.89 ? 595 HOH A O   1 
HETATM 1299 O  O   . HOH I 6 .   ? 2.210   12.184  -6.676  1.00 14.38 ? 596 HOH A O   1 
HETATM 1300 O  O   . HOH I 6 .   ? -11.648 4.636   4.654   1.00 39.38 ? 597 HOH A O   1 
HETATM 1301 O  O   . HOH I 6 .   ? -0.111  3.325   3.144   1.00 15.00 ? 598 HOH A O   1 
HETATM 1302 O  O   . HOH I 6 .   ? -6.644  -1.680  19.952  1.00 17.72 ? 599 HOH A O   1 
HETATM 1303 O  O   . HOH I 6 .   ? 12.776  7.921   1.596   1.00 40.21 ? 600 HOH A O   1 
HETATM 1304 O  O   . HOH I 6 .   ? -10.988 -10.468 10.849  1.00 42.23 ? 601 HOH A O   1 
HETATM 1305 O  O   . HOH I 6 .   ? -2.688  17.502  -7.319  1.00 37.34 ? 602 HOH A O   1 
HETATM 1306 O  O   . HOH I 6 .   ? -7.562  8.458   14.241  1.00 26.30 ? 603 HOH A O   1 
HETATM 1307 O  O   . HOH I 6 .   ? -3.005  -0.324  21.130  1.00 23.09 ? 604 HOH A O   1 
HETATM 1308 O  O   . HOH I 6 .   ? 16.297  8.836   -1.360  1.00 43.68 ? 605 HOH A O   1 
HETATM 1309 O  O   . HOH I 6 .   ? -1.706  -4.600  15.489  1.00 35.29 ? 606 HOH A O   1 
HETATM 1310 O  O   . HOH I 6 .   ? 11.359  -12.511 -8.271  1.00 29.93 ? 607 HOH A O   1 
HETATM 1311 O  O   . HOH I 6 .   ? -14.945 4.824   13.036  1.00 26.84 ? 608 HOH A O   1 
HETATM 1312 O  O   . HOH I 6 .   ? -10.652 1.971   6.481   1.00 22.63 ? 609 HOH A O   1 
HETATM 1313 O  O   . HOH I 6 .   ? 0.334   -12.532 -0.330  1.00 22.71 ? 610 HOH A O   1 
HETATM 1314 O  O   . HOH I 6 .   ? 2.441   -15.315 0.321   1.00 24.99 ? 611 HOH A O   1 
HETATM 1315 O  O   . HOH I 6 .   ? -3.697  13.480  -2.640  1.00 25.89 ? 612 HOH A O   1 
HETATM 1316 O  O   . HOH I 6 .   ? 9.216   -14.175 -3.217  1.00 26.66 ? 613 HOH A O   1 
HETATM 1317 O  O   . HOH I 6 .   ? -2.846  11.977  3.126   1.00 29.73 ? 614 HOH A O   1 
HETATM 1318 O  O   . HOH I 6 .   ? 8.883   -11.063 -11.597 1.00 36.39 ? 615 HOH A O   1 
HETATM 1319 O  O   . HOH I 6 .   ? 18.571  -5.466  -6.347  1.00 44.49 ? 616 HOH A O   1 
HETATM 1320 O  O   . HOH I 6 .   ? 12.304  2.054   5.700   1.00 37.40 ? 617 HOH A O   1 
HETATM 1321 O  O   . HOH I 6 .   ? -1.777  -0.091  13.637  1.00 18.90 ? 618 HOH A O   1 
HETATM 1322 O  O   . HOH I 6 .   ? -14.974 -9.611  14.456  1.00 42.14 ? 619 HOH A O   1 
HETATM 1323 O  O   . HOH I 6 .   ? -1.722  11.930  -1.909  1.00 18.93 ? 620 HOH A O   1 
HETATM 1324 O  O   . HOH I 6 .   ? 17.279  3.763   -5.888  1.00 46.07 ? 621 HOH A O   1 
HETATM 1325 O  O   . HOH I 6 .   ? -1.284  -11.586 -2.434  1.00 17.84 ? 622 HOH A O   1 
HETATM 1326 O  O   . HOH I 6 .   ? -2.973  -1.178  -15.319 1.00 32.89 ? 623 HOH A O   1 
HETATM 1327 O  O   . HOH I 6 .   ? 8.823   -9.915  9.080   1.00 25.36 ? 624 HOH A O   1 
HETATM 1328 O  O   . HOH I 6 .   ? 15.763  3.567   -8.088  1.00 21.79 ? 625 HOH A O   1 
HETATM 1329 O  O   . HOH I 6 .   ? 3.643   -5.788  -15.151 1.00 35.45 ? 626 HOH A O   1 
HETATM 1330 O  O   . HOH I 6 .   ? 13.318  11.409  1.119   1.00 44.36 ? 627 HOH A O   1 
HETATM 1331 O  O   . HOH I 6 .   ? -11.240 2.520   -2.682  1.00 21.77 ? 628 HOH A O   1 
HETATM 1332 O  O   . HOH I 6 .   ? 7.703   -14.846 -5.299  1.00 35.32 ? 629 HOH A O   1 
HETATM 1333 O  O   . HOH I 6 .   ? -9.910  -8.582  -10.886 1.00 34.62 ? 630 HOH A O   1 
HETATM 1334 O  O   . HOH I 6 .   ? 11.083  -10.006 2.326   1.00 17.68 ? 631 HOH A O   1 
HETATM 1335 O  O   . HOH I 6 .   ? -0.325  22.374  -3.609  1.00 36.16 ? 632 HOH A O   1 
HETATM 1336 O  O   . HOH I 6 .   ? -6.795  -12.286 10.001  1.00 20.72 ? 633 HOH A O   1 
HETATM 1337 O  O   . HOH I 6 .   ? 10.151  10.860  -10.618 1.00 30.25 ? 634 HOH A O   1 
HETATM 1338 O  O   . HOH I 6 .   ? 4.259   11.718  11.228  1.00 27.90 ? 635 HOH A O   1 
HETATM 1339 O  O   . HOH I 6 .   ? -12.992 0.979   6.572   1.00 43.19 ? 636 HOH A O   1 
HETATM 1340 O  O   . HOH I 6 .   ? 8.298   -12.624 -0.734  1.00 23.71 ? 637 HOH A O   1 
HETATM 1341 O  O   . HOH I 6 .   ? 2.506   11.089  4.509   1.00 16.10 ? 638 HOH A O   1 
HETATM 1342 O  O   . HOH I 6 .   ? 4.909   3.187   14.874  1.00 26.67 ? 639 HOH A O   1 
HETATM 1343 O  O   . HOH I 6 .   ? 3.654   0.888   -15.365 1.00 22.99 ? 640 HOH A O   1 
HETATM 1344 O  O   . HOH I 6 .   ? -2.282  9.650   4.663   1.00 26.73 ? 641 HOH A O   1 
HETATM 1345 O  O   . HOH I 6 .   ? -3.757  1.796   -14.563 1.00 21.15 ? 642 HOH A O   1 
HETATM 1346 O  O   . HOH I 6 .   ? -5.658  10.074  18.435  1.00 45.18 ? 643 HOH A O   1 
HETATM 1347 O  O   . HOH I 6 .   ? -0.044  -0.725  15.707  1.00 41.43 ? 644 HOH A O   1 
HETATM 1348 O  O   . HOH I 6 .   ? -3.183  -16.389 -6.117  1.00 43.59 ? 645 HOH A O   1 
HETATM 1349 O  O   . HOH I 6 .   ? -11.119 -7.118  -4.429  1.00 31.67 ? 646 HOH A O   1 
HETATM 1350 O  O   . HOH I 6 .   ? -16.002 2.908   10.752  1.00 33.71 ? 647 HOH A O   1 
HETATM 1351 O  O   . HOH I 6 .   ? -12.452 -0.014  3.852   1.00 15.80 ? 648 HOH A O   1 
HETATM 1352 O  O   . HOH I 6 .   ? 14.626  -10.991 -9.462  1.00 38.81 ? 649 HOH A O   1 
HETATM 1353 O  O   . HOH I 6 .   ? -4.986  8.802   23.460  1.00 52.34 ? 650 HOH A O   1 
HETATM 1354 O  O   . HOH I 6 .   ? -3.881  18.236  -0.560  1.00 44.77 ? 651 HOH A O   1 
HETATM 1355 O  O   . HOH I 6 .   ? -1.557  -12.490 4.184   1.00 25.97 ? 652 HOH A O   1 
HETATM 1356 O  O   . HOH I 6 .   ? -3.748  5.082   25.359  1.00 33.54 ? 653 HOH A O   1 
HETATM 1357 O  O   . HOH I 6 .   ? 8.797   -14.542 1.091   1.00 31.11 ? 654 HOH A O   1 
HETATM 1358 O  O   . HOH I 6 .   ? 1.955   13.363  5.912   1.00 37.86 ? 655 HOH A O   1 
HETATM 1359 O  O   . HOH I 6 .   ? 9.463   1.714   -14.187 1.00 44.56 ? 656 HOH A O   1 
HETATM 1360 O  O   . HOH I 6 .   ? -1.325  -6.009  -17.016 1.00 35.14 ? 657 HOH A O   1 
HETATM 1361 O  O   . HOH I 6 .   ? 9.523   -1.451  -17.904 1.00 38.57 ? 658 HOH A O   1 
HETATM 1362 O  O   . HOH I 6 .   ? 2.891   13.629  10.014  1.00 36.14 ? 659 HOH A O   1 
HETATM 1363 O  O   . HOH I 6 .   ? 1.719   9.602   19.419  1.00 43.08 ? 660 HOH A O   1 
HETATM 1364 O  O   . HOH I 6 .   ? 2.874   14.129  7.780   1.00 47.25 ? 661 HOH A O   1 
HETATM 1365 O  O   . HOH I 6 .   ? -1.430  2.583   21.191  1.00 34.68 ? 662 HOH A O   1 
HETATM 1366 O  O   . HOH I 6 .   ? 13.323  -9.524  -12.634 1.00 37.29 ? 663 HOH A O   1 
HETATM 1367 O  O   . HOH I 6 .   ? -13.891 1.891   2.526   1.00 33.59 ? 664 HOH A O   1 
HETATM 1368 O  O   . HOH I 6 .   ? -3.792  7.460   4.006   1.00 27.10 ? 665 HOH A O   1 
HETATM 1369 O  O   . HOH I 6 .   ? -13.003 3.852   0.176   1.00 32.10 ? 666 HOH A O   1 
HETATM 1370 O  O   . HOH I 6 .   ? -6.601  -11.064 -0.002  1.00 27.65 ? 667 HOH A O   1 
HETATM 1371 O  O   . HOH I 6 .   ? -10.151 3.549   -15.380 1.00 46.58 ? 668 HOH A O   1 
HETATM 1372 O  O   . HOH I 6 .   ? -13.229 8.369   -5.352  1.00 36.23 ? 669 HOH A O   1 
HETATM 1373 O  O   . HOH I 6 .   ? 8.534   6.971   -13.286 1.00 22.93 ? 670 HOH A O   1 
HETATM 1374 O  O   . HOH I 6 .   ? -11.735 9.031   1.250   1.00 47.39 ? 671 HOH A O   1 
HETATM 1375 O  O   . HOH I 6 .   ? 0.642   -2.913  -15.028 1.00 47.68 ? 672 HOH A O   1 
HETATM 1376 O  O   . HOH I 6 .   ? 10.771  3.793   -14.969 1.00 34.15 ? 673 HOH A O   1 
HETATM 1377 O  O   . HOH I 6 .   ? -10.010 -8.427  -2.067  1.00 36.74 ? 674 HOH A O   1 
HETATM 1378 O  O   . HOH I 6 .   ? 4.724   -7.768  -13.745 1.00 38.11 ? 675 HOH A O   1 
HETATM 1379 O  O   . HOH I 6 .   ? 11.788  -7.497  -13.391 1.00 35.94 ? 676 HOH A O   1 
HETATM 1380 O  O   . HOH I 6 .   ? 12.160  -4.962  -11.981 1.00 33.87 ? 677 HOH A O   1 
HETATM 1381 O  O   . HOH I 6 .   ? 2.360   -0.516  17.099  1.00 38.97 ? 678 HOH A O   1 
HETATM 1382 O  O   . HOH I 6 .   ? -6.250  1.488   -15.548 1.00 37.86 ? 679 HOH A O   1 
HETATM 1383 O  O   . HOH I 6 .   ? -12.966 6.811   -3.130  1.00 32.42 ? 680 HOH A O   1 
HETATM 1384 O  O   . HOH I 6 .   ? -13.908 -1.518  1.089   1.00 28.92 ? 681 HOH A O   1 
HETATM 1385 O  O   . HOH I 6 .   ? 3.927   11.786  17.433  1.00 29.12 ? 682 HOH A O   1 
HETATM 1386 O  O   . HOH I 6 .   ? -13.035 0.479   -0.494  1.00 28.12 ? 683 HOH A O   1 
HETATM 1387 O  O   . HOH I 6 .   ? 4.677   0.946   16.668  1.00 32.10 ? 684 HOH A O   1 
HETATM 1388 O  O   . HOH I 6 .   ? 10.546  -11.142 -0.123  1.00 24.23 ? 685 HOH A O   1 
HETATM 1389 O  O   . HOH I 6 .   ? 8.238   9.614   -12.220 1.00 24.38 ? 686 HOH A O   1 
HETATM 1390 O  O   . HOH I 6 .   ? 12.605  -11.714 3.684   1.00 37.70 ? 687 HOH A O   1 
HETATM 1391 O  O   . HOH I 6 .   ? -4.199  -13.225 3.185   1.00 25.26 ? 688 HOH A O   1 
HETATM 1392 O  O   . HOH I 6 .   ? -9.256  -12.293 8.020   1.00 37.91 ? 689 HOH A O   1 
HETATM 1393 O  O   . HOH I 6 .   ? -3.209  -13.666 -2.174  1.00 33.55 ? 690 HOH A O   1 
HETATM 1394 O  O   . HOH I 6 .   ? -8.552  -11.577 3.468   1.00 24.39 ? 691 HOH A O   1 
HETATM 1395 O  O   . HOH I 6 .   ? -12.257 -9.448  1.695   1.00 30.86 ? 692 HOH A O   1 
HETATM 1396 O  O   . HOH I 6 .   ? 15.225  11.205  -1.153  1.00 53.89 ? 693 HOH A O   1 
HETATM 1397 O  O   . HOH I 6 .   ? -1.445  -5.862  -20.089 1.00 45.26 ? 694 HOH A O   1 
HETATM 1398 O  O   . HOH I 6 .   ? -8.784  -10.315 -0.887  1.00 39.19 ? 695 HOH A O   1 
HETATM 1399 O  O   . HOH I 6 .   ? 17.312  0.054   -6.716  1.00 40.36 ? 696 HOH A O   1 
HETATM 1400 O  O   . HOH I 6 .   ? 14.160  12.341  -3.794  1.00 38.84 ? 697 HOH A O   1 
HETATM 1401 O  O   . HOH I 6 .   ? 6.839   13.534  7.841   1.00 43.96 ? 698 HOH A O   1 
HETATM 1402 O  O   . HOH I 6 .   ? -3.010  7.687   24.648  1.00 43.74 ? 699 HOH A O   1 
HETATM 1403 O  O   . HOH I 6 .   ? 8.626   15.783  5.480   1.00 38.75 ? 700 HOH A O   1 
HETATM 1404 O  O   . HOH I 6 .   ? -0.518  -13.837 1.840   1.00 28.43 ? 701 HOH A O   1 
HETATM 1405 O  O   . HOH I 6 .   ? 0.910   -15.730 2.646   1.00 34.47 ? 702 HOH A O   1 
HETATM 1406 O  O   . HOH I 6 .   ? -5.696  -14.765 9.722   1.00 38.87 ? 703 HOH A O   1 
HETATM 1407 O  O   . HOH I 6 .   ? -10.310 -11.137 1.331   1.00 37.10 ? 704 HOH A O   1 
HETATM 1408 O  O   . HOH I 6 .   ? -3.251  -14.428 0.744   1.00 38.08 ? 705 HOH A O   1 
HETATM 1409 O  O   . HOH I 6 .   ? -7.886  -14.252 4.402   1.00 44.39 ? 706 HOH A O   1 
HETATM 1410 O  O   . HOH I 6 .   ? -5.659  -15.207 4.718   1.00 41.86 ? 707 HOH A O   1 
# 
